data_2JV6
#
_entry.id   2JV6
#
_entity_poly.entity_id   1
_entity_poly.type   'polypeptide(L)'
_entity_poly.pdbx_seq_one_letter_code
;MSALTLKGTSYKMCTDKMSFVKNPTDTGHGTVVMQVKVPKGAPCKIPVIVADDLTAAINKGILVTVNPIASTNDDEVLIE
VNPPFGDSYIIVGTGDSRLTYQWHKEGSSIGK
;
_entity_poly.pdbx_strand_id   A
#
# COMPACT_ATOMS: atom_id res chain seq x y z
N MET A 1 -7.64 6.52 -5.80
CA MET A 1 -8.31 7.79 -6.10
C MET A 1 -8.74 8.48 -4.80
N SER A 2 -8.62 9.81 -4.70
CA SER A 2 -9.00 10.63 -3.52
C SER A 2 -10.51 10.73 -3.25
N ALA A 3 -11.34 10.03 -4.01
CA ALA A 3 -12.76 9.84 -3.73
C ALA A 3 -13.04 9.04 -2.44
N LEU A 4 -12.00 8.40 -1.86
CA LEU A 4 -12.02 7.76 -0.54
C LEU A 4 -10.79 8.20 0.27
N THR A 5 -10.90 8.06 1.60
CA THR A 5 -10.12 8.77 2.62
C THR A 5 -8.61 8.77 2.39
N LEU A 6 -7.97 7.60 2.36
CA LEU A 6 -6.50 7.50 2.32
C LEU A 6 -5.97 7.51 0.88
N LYS A 7 -6.00 8.69 0.26
CA LYS A 7 -5.32 8.92 -1.04
C LYS A 7 -4.98 10.40 -1.26
N GLY A 8 -3.77 10.81 -0.85
CA GLY A 8 -3.23 12.17 -1.03
C GLY A 8 -3.88 13.26 -0.16
N THR A 9 -4.81 12.89 0.73
CA THR A 9 -5.60 13.78 1.59
C THR A 9 -4.76 14.36 2.74
N SER A 10 -4.35 13.53 3.70
CA SER A 10 -3.40 13.86 4.78
C SER A 10 -2.98 12.61 5.56
N TYR A 11 -1.69 12.53 5.91
CA TYR A 11 -1.14 11.54 6.83
C TYR A 11 0.22 11.99 7.39
N LYS A 12 0.52 11.63 8.64
CA LYS A 12 1.86 11.66 9.21
C LYS A 12 2.65 10.48 8.65
N MET A 13 3.54 10.75 7.70
CA MET A 13 4.36 9.80 6.95
C MET A 13 5.28 8.90 7.82
N CYS A 14 5.44 7.64 7.40
CA CYS A 14 6.55 6.79 7.82
C CYS A 14 7.72 6.96 6.83
N THR A 15 8.93 7.16 7.36
CA THR A 15 10.16 7.29 6.56
C THR A 15 11.34 6.44 7.09
N ASP A 16 11.16 5.66 8.16
CA ASP A 16 12.09 4.58 8.52
C ASP A 16 11.75 3.29 7.72
N LYS A 17 12.72 2.39 7.58
CA LYS A 17 12.78 1.31 6.58
C LYS A 17 11.66 0.29 6.77
N MET A 18 10.62 0.37 5.93
CA MET A 18 9.46 -0.53 5.99
C MET A 18 9.72 -1.86 5.25
N SER A 19 8.90 -2.86 5.55
CA SER A 19 8.88 -4.12 4.80
C SER A 19 7.50 -4.75 4.74
N PHE A 20 7.32 -5.70 3.80
CA PHE A 20 6.22 -6.67 3.83
C PHE A 20 6.64 -7.84 4.74
N VAL A 21 5.82 -8.18 5.73
CA VAL A 21 5.91 -9.47 6.44
C VAL A 21 5.21 -10.58 5.62
N LYS A 22 4.26 -10.19 4.75
CA LYS A 22 3.61 -11.02 3.72
C LYS A 22 3.33 -10.13 2.51
N ASN A 23 3.79 -10.54 1.34
CA ASN A 23 3.49 -9.90 0.06
C ASN A 23 1.98 -9.81 -0.21
N PRO A 24 1.50 -8.78 -0.94
CA PRO A 24 0.13 -8.73 -1.41
C PRO A 24 -0.22 -9.96 -2.27
N THR A 25 -1.40 -10.55 -2.05
CA THR A 25 -1.96 -11.63 -2.89
C THR A 25 -3.41 -11.32 -3.25
N ASP A 26 -3.75 -11.36 -4.54
CA ASP A 26 -5.12 -11.22 -5.08
C ASP A 26 -6.04 -12.28 -4.48
N THR A 27 -7.07 -11.83 -3.75
CA THR A 27 -8.07 -12.70 -3.11
C THR A 27 -9.14 -13.21 -4.08
N GLY A 28 -9.23 -12.66 -5.30
CA GLY A 28 -10.38 -12.85 -6.19
C GLY A 28 -11.68 -12.22 -5.68
N HIS A 29 -11.73 -11.71 -4.44
CA HIS A 29 -12.89 -11.02 -3.86
C HIS A 29 -12.92 -9.53 -4.24
N GLY A 30 -11.99 -9.09 -5.10
CA GLY A 30 -11.76 -7.69 -5.48
C GLY A 30 -10.59 -7.03 -4.73
N THR A 31 -9.85 -7.79 -3.91
CA THR A 31 -8.86 -7.27 -2.96
C THR A 31 -7.49 -7.94 -3.12
N VAL A 32 -6.47 -7.33 -2.52
CA VAL A 32 -5.08 -7.82 -2.52
C VAL A 32 -4.56 -7.71 -1.08
N VAL A 33 -4.32 -8.86 -0.42
CA VAL A 33 -4.07 -8.94 1.04
C VAL A 33 -2.59 -9.08 1.39
N MET A 34 -2.08 -8.20 2.27
CA MET A 34 -0.67 -8.15 2.71
C MET A 34 -0.51 -7.99 4.23
N GLN A 35 0.72 -8.18 4.71
CA GLN A 35 1.16 -7.81 6.07
C GLN A 35 2.40 -6.92 5.93
N VAL A 36 2.47 -5.81 6.68
CA VAL A 36 3.60 -4.85 6.62
C VAL A 36 4.15 -4.53 8.01
N LYS A 37 5.40 -4.07 8.09
CA LYS A 37 6.09 -3.67 9.33
C LYS A 37 6.80 -2.32 9.19
N VAL A 38 6.82 -1.56 10.29
CA VAL A 38 7.69 -0.40 10.56
C VAL A 38 8.63 -0.79 11.74
N PRO A 39 9.89 -0.31 11.86
CA PRO A 39 10.83 -0.84 12.86
C PRO A 39 11.17 0.10 14.03
N LYS A 40 11.58 1.36 13.77
CA LYS A 40 11.96 2.32 14.81
C LYS A 40 11.69 3.78 14.39
N GLY A 41 11.78 4.70 15.34
CA GLY A 41 11.75 6.16 15.15
C GLY A 41 10.47 6.78 14.57
N ALA A 42 9.45 5.97 14.28
CA ALA A 42 8.32 6.34 13.42
C ALA A 42 6.97 6.30 14.14
N PRO A 43 6.46 7.44 14.63
CA PRO A 43 5.03 7.69 14.80
C PRO A 43 4.43 8.06 13.44
N CYS A 44 3.53 7.23 12.87
CA CYS A 44 2.98 7.47 11.53
C CYS A 44 1.66 6.75 11.21
N LYS A 45 0.80 7.40 10.41
CA LYS A 45 -0.35 6.81 9.71
C LYS A 45 0.18 6.20 8.42
N ILE A 46 0.30 4.86 8.37
CA ILE A 46 1.28 4.22 7.50
C ILE A 46 0.90 4.41 6.01
N PRO A 47 1.75 5.07 5.19
CA PRO A 47 1.40 5.45 3.82
C PRO A 47 1.35 4.24 2.87
N VAL A 48 0.13 3.85 2.52
CA VAL A 48 -0.20 2.80 1.54
C VAL A 48 -0.71 3.44 0.25
N ILE A 49 0.05 3.23 -0.83
CA ILE A 49 -0.20 3.78 -2.15
C ILE A 49 -0.17 2.67 -3.21
N VAL A 50 -0.76 2.93 -4.38
CA VAL A 50 -0.83 2.01 -5.51
C VAL A 50 -0.69 2.84 -6.77
N ALA A 51 0.23 2.46 -7.65
CA ALA A 51 0.71 3.29 -8.74
C ALA A 51 0.96 2.50 -10.03
N ASP A 52 1.32 3.20 -11.10
CA ASP A 52 1.78 2.60 -12.38
C ASP A 52 3.25 2.96 -12.69
N ASP A 53 3.92 3.63 -11.75
CA ASP A 53 5.12 4.44 -11.94
C ASP A 53 6.24 4.17 -10.91
N LEU A 54 6.07 3.16 -10.05
CA LEU A 54 6.97 2.75 -8.97
C LEU A 54 7.18 3.78 -7.83
N THR A 55 6.66 5.02 -7.93
CA THR A 55 6.92 6.09 -6.94
C THR A 55 5.64 6.72 -6.35
N ALA A 56 4.47 6.37 -6.86
CA ALA A 56 3.15 6.90 -6.50
C ALA A 56 2.91 8.32 -7.02
N ALA A 57 3.41 8.61 -8.23
CA ALA A 57 2.95 9.77 -9.00
C ALA A 57 1.46 9.64 -9.33
N ILE A 58 1.04 8.48 -9.84
CA ILE A 58 -0.35 8.03 -9.85
C ILE A 58 -0.75 7.58 -8.42
N ASN A 59 -2.03 7.68 -8.07
CA ASN A 59 -2.57 7.31 -6.76
C ASN A 59 -3.88 6.51 -6.94
N LYS A 60 -3.69 5.32 -7.51
CA LYS A 60 -4.70 4.48 -8.16
C LYS A 60 -5.68 3.88 -7.14
N GLY A 61 -5.15 3.05 -6.24
CA GLY A 61 -5.90 2.05 -5.48
C GLY A 61 -6.29 2.46 -4.05
N ILE A 62 -7.33 1.78 -3.58
CA ILE A 62 -8.12 2.08 -2.38
C ILE A 62 -7.68 1.14 -1.25
N LEU A 63 -7.75 1.66 -0.01
CA LEU A 63 -7.60 0.89 1.24
C LEU A 63 -8.92 0.15 1.52
N VAL A 64 -8.88 -1.18 1.53
CA VAL A 64 -10.07 -2.03 1.77
C VAL A 64 -10.39 -2.11 3.26
N THR A 65 -9.38 -2.35 4.10
CA THR A 65 -9.48 -2.23 5.56
C THR A 65 -9.00 -0.84 6.02
N VAL A 66 -9.05 -0.60 7.34
CA VAL A 66 -8.58 0.64 7.96
C VAL A 66 -7.11 0.91 7.62
N ASN A 67 -6.75 2.17 7.34
CA ASN A 67 -5.34 2.57 7.25
C ASN A 67 -4.76 2.72 8.68
N PRO A 68 -3.82 1.85 9.10
CA PRO A 68 -3.34 1.80 10.47
C PRO A 68 -2.36 2.93 10.82
N ILE A 69 -1.98 2.96 12.10
CA ILE A 69 -1.11 3.97 12.72
C ILE A 69 -0.08 3.22 13.58
N ALA A 70 1.21 3.42 13.30
CA ALA A 70 2.31 3.01 14.14
C ALA A 70 2.33 3.83 15.43
N SER A 71 1.77 3.27 16.51
CA SER A 71 1.80 3.85 17.86
C SER A 71 2.89 3.23 18.74
N THR A 72 3.43 2.08 18.34
CA THR A 72 4.76 1.58 18.73
C THR A 72 5.59 1.54 17.46
N ASN A 73 6.84 2.04 17.50
CA ASN A 73 7.60 2.23 16.25
C ASN A 73 7.94 0.92 15.52
N ASP A 74 7.85 -0.23 16.21
CA ASP A 74 8.02 -1.57 15.66
C ASP A 74 6.71 -2.19 15.11
N ASP A 75 5.59 -1.45 15.12
CA ASP A 75 4.27 -1.98 14.74
C ASP A 75 4.26 -2.68 13.35
N GLU A 76 3.60 -3.84 13.31
CA GLU A 76 3.34 -4.62 12.10
C GLU A 76 1.87 -5.06 12.04
N VAL A 77 1.31 -5.14 10.83
CA VAL A 77 -0.13 -5.05 10.64
C VAL A 77 -0.61 -5.65 9.30
N LEU A 78 -1.82 -6.25 9.34
CA LEU A 78 -2.62 -6.71 8.21
C LEU A 78 -3.20 -5.50 7.45
N ILE A 79 -3.01 -5.46 6.12
CA ILE A 79 -3.70 -4.49 5.26
C ILE A 79 -4.21 -5.19 3.99
N GLU A 80 -5.39 -4.81 3.52
CA GLU A 80 -5.92 -5.15 2.20
C GLU A 80 -6.06 -3.89 1.34
N VAL A 81 -5.73 -4.01 0.05
CA VAL A 81 -5.87 -2.95 -0.94
C VAL A 81 -6.71 -3.40 -2.14
N ASN A 82 -7.23 -2.43 -2.88
CA ASN A 82 -8.06 -2.60 -4.07
C ASN A 82 -7.54 -1.69 -5.20
N PRO A 83 -6.82 -2.23 -6.21
CA PRO A 83 -6.68 -1.54 -7.49
C PRO A 83 -7.99 -1.65 -8.30
N PRO A 84 -8.16 -0.83 -9.35
CA PRO A 84 -9.12 -1.12 -10.42
C PRO A 84 -8.63 -2.29 -11.28
N PHE A 85 -9.37 -2.63 -12.34
CA PHE A 85 -8.92 -3.56 -13.37
C PHE A 85 -7.60 -3.10 -14.00
N GLY A 86 -6.77 -4.06 -14.45
CA GLY A 86 -5.49 -3.78 -15.07
C GLY A 86 -4.29 -3.67 -14.11
N ASP A 87 -3.22 -3.07 -14.60
CA ASP A 87 -1.87 -3.06 -14.02
C ASP A 87 -1.76 -2.26 -12.71
N SER A 88 -0.74 -2.54 -11.90
CA SER A 88 -0.38 -1.78 -10.70
C SER A 88 0.99 -2.19 -10.13
N TYR A 89 1.54 -1.30 -9.32
CA TYR A 89 2.60 -1.53 -8.35
C TYR A 89 2.09 -1.06 -6.99
N ILE A 90 1.89 -2.00 -6.06
CA ILE A 90 1.51 -1.71 -4.67
C ILE A 90 2.75 -1.11 -4.00
N ILE A 91 2.62 0.04 -3.31
CA ILE A 91 3.74 0.76 -2.69
C ILE A 91 3.46 0.94 -1.20
N VAL A 92 4.45 0.59 -0.39
CA VAL A 92 4.42 0.67 1.08
C VAL A 92 5.55 1.60 1.51
N GLY A 93 5.18 2.83 1.90
CA GLY A 93 6.10 3.77 2.51
C GLY A 93 6.41 5.04 1.72
N THR A 94 7.18 5.91 2.39
CA THR A 94 7.78 7.15 1.87
C THR A 94 9.27 7.22 2.26
N GLY A 95 10.04 8.05 1.55
CA GLY A 95 11.51 8.05 1.62
C GLY A 95 12.13 6.85 0.89
N ASP A 96 13.47 6.76 0.88
CA ASP A 96 14.20 5.58 0.36
C ASP A 96 13.77 4.27 1.05
N SER A 97 13.28 4.41 2.28
CA SER A 97 12.66 3.42 3.16
C SER A 97 11.42 2.69 2.64
N ARG A 98 10.85 3.09 1.50
CA ARG A 98 9.65 2.49 0.93
C ARG A 98 9.96 1.27 0.05
N LEU A 99 9.04 0.30 -0.01
CA LEU A 99 9.11 -0.83 -0.94
C LEU A 99 7.90 -0.85 -1.90
N THR A 100 8.00 -1.67 -2.94
CA THR A 100 6.88 -1.95 -3.85
C THR A 100 6.81 -3.41 -4.28
N TYR A 101 5.60 -3.85 -4.69
CA TYR A 101 5.31 -5.18 -5.20
C TYR A 101 4.36 -5.07 -6.41
N GLN A 102 4.75 -5.66 -7.54
CA GLN A 102 4.04 -5.65 -8.81
C GLN A 102 2.76 -6.51 -8.76
N TRP A 103 1.62 -5.97 -9.22
CA TRP A 103 0.36 -6.71 -9.35
C TRP A 103 -0.43 -6.27 -10.57
N HIS A 104 -0.81 -7.22 -11.42
CA HIS A 104 -1.73 -6.97 -12.54
C HIS A 104 -3.05 -7.65 -12.20
N LYS A 105 -4.15 -6.91 -12.34
CA LYS A 105 -5.51 -7.45 -12.31
C LYS A 105 -5.98 -7.67 -13.75
N GLU A 106 -6.82 -8.67 -13.95
CA GLU A 106 -7.41 -9.07 -15.23
C GLU A 106 -7.93 -7.88 -16.07
N GLY A 107 -7.46 -7.77 -17.33
CA GLY A 107 -8.15 -6.96 -18.35
C GLY A 107 -7.34 -5.89 -19.10
N SER A 108 -6.02 -5.77 -18.88
CA SER A 108 -5.17 -4.82 -19.63
C SER A 108 -4.03 -5.53 -20.37
N SER A 109 -2.92 -5.81 -19.68
CA SER A 109 -1.70 -6.41 -20.20
C SER A 109 -1.67 -7.94 -20.09
N ILE A 110 -2.52 -8.51 -19.22
CA ILE A 110 -2.67 -9.94 -18.98
C ILE A 110 -4.13 -10.26 -18.58
N GLY A 111 -4.53 -11.52 -18.75
CA GLY A 111 -5.89 -11.99 -18.54
C GLY A 111 -6.24 -12.37 -17.09
N LYS A 112 -5.24 -12.45 -16.20
CA LYS A 112 -5.37 -12.72 -14.75
C LYS A 112 -4.11 -12.25 -14.03
N MET A 1 -9.08 1.29 -6.98
CA MET A 1 -9.74 2.60 -7.20
C MET A 1 -9.18 3.61 -6.22
N SER A 2 -9.04 4.90 -6.61
CA SER A 2 -8.37 5.92 -5.78
C SER A 2 -9.26 7.07 -5.29
N ALA A 3 -10.46 7.27 -5.85
CA ALA A 3 -11.34 8.41 -5.58
C ALA A 3 -12.09 8.35 -4.22
N LEU A 4 -11.44 7.89 -3.14
CA LEU A 4 -11.98 7.85 -1.78
C LEU A 4 -10.93 8.27 -0.73
N THR A 5 -11.34 8.30 0.54
CA THR A 5 -10.71 8.94 1.69
C THR A 5 -9.18 8.82 1.77
N LEU A 6 -8.65 7.59 1.91
CA LEU A 6 -7.21 7.38 2.12
C LEU A 6 -6.46 7.35 0.80
N LYS A 7 -6.40 8.51 0.13
CA LYS A 7 -5.58 8.75 -1.05
C LYS A 7 -5.12 10.20 -1.14
N GLY A 8 -3.87 10.47 -0.72
CA GLY A 8 -3.22 11.78 -0.74
C GLY A 8 -3.77 12.84 0.23
N THR A 9 -5.03 12.69 0.68
CA THR A 9 -5.78 13.59 1.58
C THR A 9 -4.97 14.07 2.78
N SER A 10 -4.56 13.17 3.68
CA SER A 10 -3.57 13.43 4.74
C SER A 10 -3.11 12.14 5.44
N TYR A 11 -1.86 12.17 5.94
CA TYR A 11 -1.32 11.26 6.95
C TYR A 11 -0.04 11.85 7.56
N LYS A 12 0.29 11.46 8.80
CA LYS A 12 1.64 11.59 9.36
C LYS A 12 2.48 10.46 8.77
N MET A 13 3.35 10.79 7.81
CA MET A 13 4.15 9.85 7.02
C MET A 13 5.21 9.05 7.82
N CYS A 14 5.51 7.82 7.36
CA CYS A 14 6.68 7.04 7.80
C CYS A 14 7.81 7.15 6.77
N THR A 15 9.07 7.21 7.21
CA THR A 15 10.25 7.14 6.32
C THR A 15 11.39 6.27 6.86
N ASP A 16 11.13 5.33 7.79
CA ASP A 16 12.07 4.27 8.15
C ASP A 16 11.75 2.97 7.36
N LYS A 17 12.70 2.03 7.33
CA LYS A 17 12.83 0.93 6.35
C LYS A 17 11.69 -0.09 6.45
N MET A 18 10.76 -0.04 5.50
CA MET A 18 9.59 -0.92 5.46
C MET A 18 9.95 -2.37 5.11
N SER A 19 9.07 -3.32 5.43
CA SER A 19 9.06 -4.66 4.84
C SER A 19 7.68 -5.32 4.92
N PHE A 20 7.36 -6.18 3.94
CA PHE A 20 6.19 -7.05 4.01
C PHE A 20 6.54 -8.35 4.75
N VAL A 21 5.78 -8.69 5.79
CA VAL A 21 5.77 -10.03 6.39
C VAL A 21 4.93 -10.99 5.52
N LYS A 22 3.95 -10.46 4.78
CA LYS A 22 3.16 -11.12 3.75
C LYS A 22 2.97 -10.14 2.59
N ASN A 23 3.44 -10.53 1.40
CA ASN A 23 3.27 -9.76 0.18
C ASN A 23 1.79 -9.47 -0.13
N PRO A 24 1.45 -8.40 -0.85
CA PRO A 24 0.12 -8.22 -1.41
C PRO A 24 -0.27 -9.40 -2.32
N THR A 25 -1.41 -10.05 -2.06
CA THR A 25 -2.02 -11.05 -2.97
C THR A 25 -3.50 -10.78 -3.23
N ASP A 26 -3.89 -10.76 -4.52
CA ASP A 26 -5.27 -10.64 -5.01
C ASP A 26 -6.18 -11.73 -4.45
N THR A 27 -7.24 -11.32 -3.77
CA THR A 27 -8.27 -12.21 -3.22
C THR A 27 -9.26 -12.73 -4.26
N GLY A 28 -9.26 -12.16 -5.49
CA GLY A 28 -10.31 -12.37 -6.48
C GLY A 28 -11.64 -11.68 -6.14
N HIS A 29 -11.81 -11.18 -4.92
CA HIS A 29 -13.02 -10.51 -4.43
C HIS A 29 -13.01 -9.00 -4.72
N GLY A 30 -11.97 -8.50 -5.41
CA GLY A 30 -11.74 -7.08 -5.69
C GLY A 30 -10.70 -6.42 -4.79
N THR A 31 -9.97 -7.21 -3.99
CA THR A 31 -9.00 -6.74 -3.00
C THR A 31 -7.66 -7.47 -3.11
N VAL A 32 -6.63 -6.94 -2.46
CA VAL A 32 -5.27 -7.47 -2.38
C VAL A 32 -4.80 -7.37 -0.93
N VAL A 33 -4.45 -8.51 -0.30
CA VAL A 33 -4.17 -8.60 1.15
C VAL A 33 -2.67 -8.76 1.44
N MET A 34 -2.17 -8.03 2.46
CA MET A 34 -0.77 -8.01 2.91
C MET A 34 -0.62 -7.89 4.44
N GLN A 35 0.59 -8.18 4.95
CA GLN A 35 1.08 -7.84 6.29
C GLN A 35 2.36 -7.03 6.13
N VAL A 36 2.44 -5.85 6.77
CA VAL A 36 3.60 -4.95 6.67
C VAL A 36 4.16 -4.57 8.04
N LYS A 37 5.47 -4.36 8.13
CA LYS A 37 6.21 -3.95 9.33
C LYS A 37 7.01 -2.68 9.04
N VAL A 38 7.09 -1.82 10.06
CA VAL A 38 8.06 -0.70 10.19
C VAL A 38 8.92 -0.97 11.45
N PRO A 39 10.19 -0.53 11.56
CA PRO A 39 11.10 -1.04 12.59
C PRO A 39 11.49 -0.05 13.72
N LYS A 40 11.93 1.19 13.41
CA LYS A 40 12.34 2.17 14.43
C LYS A 40 12.03 3.62 14.02
N GLY A 41 12.17 4.55 14.99
CA GLY A 41 12.13 6.01 14.86
C GLY A 41 10.83 6.67 14.37
N ALA A 42 9.88 5.93 13.79
CA ALA A 42 8.74 6.46 13.04
C ALA A 42 7.40 6.40 13.83
N PRO A 43 6.85 7.54 14.30
CA PRO A 43 5.43 7.69 14.59
C PRO A 43 4.68 8.07 13.29
N CYS A 44 3.68 7.28 12.86
CA CYS A 44 2.99 7.53 11.59
C CYS A 44 1.64 6.82 11.40
N LYS A 45 0.73 7.45 10.65
CA LYS A 45 -0.44 6.81 10.02
C LYS A 45 0.04 6.19 8.71
N ILE A 46 0.13 4.85 8.66
CA ILE A 46 1.08 4.20 7.75
C ILE A 46 0.66 4.45 6.27
N PRO A 47 1.53 5.09 5.45
CA PRO A 47 1.17 5.52 4.11
C PRO A 47 1.17 4.35 3.12
N VAL A 48 -0.03 4.05 2.61
CA VAL A 48 -0.27 3.03 1.59
C VAL A 48 -0.82 3.70 0.32
N ILE A 49 0.00 3.62 -0.73
CA ILE A 49 -0.21 4.24 -2.03
C ILE A 49 -0.06 3.18 -3.13
N VAL A 50 -0.61 3.42 -4.32
CA VAL A 50 -0.68 2.43 -5.40
C VAL A 50 -0.54 3.17 -6.73
N ALA A 51 0.45 2.82 -7.55
CA ALA A 51 0.83 3.61 -8.72
C ALA A 51 1.55 2.79 -9.80
N ASP A 52 1.72 3.30 -11.02
CA ASP A 52 2.47 2.61 -12.09
C ASP A 52 3.97 2.99 -12.11
N ASP A 53 4.37 3.95 -11.26
CA ASP A 53 5.60 4.73 -11.37
C ASP A 53 6.62 4.48 -10.24
N LEU A 54 6.34 3.52 -9.35
CA LEU A 54 7.14 3.12 -8.19
C LEU A 54 7.27 4.19 -7.08
N THR A 55 6.80 5.44 -7.29
CA THR A 55 7.02 6.56 -6.35
C THR A 55 5.72 7.22 -5.86
N ALA A 56 4.59 6.91 -6.48
CA ALA A 56 3.22 7.38 -6.21
C ALA A 56 2.92 8.75 -6.85
N ALA A 57 3.48 9.00 -8.05
CA ALA A 57 3.11 10.17 -8.86
C ALA A 57 1.66 10.08 -9.37
N ILE A 58 1.26 8.94 -9.93
CA ILE A 58 -0.13 8.54 -10.12
C ILE A 58 -0.63 7.87 -8.82
N ASN A 59 -1.95 7.80 -8.58
CA ASN A 59 -2.56 7.15 -7.41
C ASN A 59 -3.83 6.37 -7.81
N LYS A 60 -3.87 5.06 -7.51
CA LYS A 60 -4.76 4.07 -8.16
C LYS A 60 -5.61 3.20 -7.22
N GLY A 61 -5.26 3.11 -5.93
CA GLY A 61 -5.82 2.09 -5.03
C GLY A 61 -6.02 2.52 -3.57
N ILE A 62 -7.01 1.90 -2.93
CA ILE A 62 -7.62 2.35 -1.66
C ILE A 62 -7.52 1.29 -0.57
N LEU A 63 -7.38 1.74 0.68
CA LEU A 63 -7.44 0.95 1.90
C LEU A 63 -8.86 0.42 2.11
N VAL A 64 -9.05 -0.90 2.00
CA VAL A 64 -10.36 -1.53 2.17
C VAL A 64 -10.67 -1.78 3.65
N THR A 65 -9.65 -2.06 4.44
CA THR A 65 -9.71 -2.06 5.91
C THR A 65 -9.20 -0.73 6.49
N VAL A 66 -9.23 -0.61 7.82
CA VAL A 66 -8.81 0.60 8.56
C VAL A 66 -7.33 0.90 8.30
N ASN A 67 -7.00 2.12 7.85
CA ASN A 67 -5.61 2.58 7.74
C ASN A 67 -4.96 2.70 9.14
N PRO A 68 -3.95 1.88 9.48
CA PRO A 68 -3.40 1.82 10.83
C PRO A 68 -2.40 2.94 11.15
N ILE A 69 -1.88 2.91 12.37
CA ILE A 69 -0.94 3.87 12.96
C ILE A 69 0.17 3.08 13.66
N ALA A 70 1.44 3.41 13.38
CA ALA A 70 2.60 3.00 14.14
C ALA A 70 2.71 3.84 15.41
N SER A 71 2.21 3.32 16.53
CA SER A 71 2.34 3.93 17.86
C SER A 71 3.49 3.33 18.67
N THR A 72 3.97 2.14 18.30
CA THR A 72 5.31 1.64 18.58
C THR A 72 6.06 1.58 17.25
N ASN A 73 7.31 2.04 17.20
CA ASN A 73 8.01 2.17 15.93
C ASN A 73 8.29 0.83 15.23
N ASP A 74 8.17 -0.29 15.95
CA ASP A 74 8.28 -1.66 15.46
C ASP A 74 6.93 -2.25 14.96
N ASP A 75 5.82 -1.49 14.99
CA ASP A 75 4.49 -2.02 14.70
C ASP A 75 4.40 -2.73 13.33
N GLU A 76 3.69 -3.86 13.33
CA GLU A 76 3.39 -4.66 12.13
C GLU A 76 1.90 -5.03 12.06
N VAL A 77 1.34 -5.02 10.86
CA VAL A 77 -0.11 -4.88 10.69
C VAL A 77 -0.64 -5.48 9.37
N LEU A 78 -1.86 -6.04 9.47
CA LEU A 78 -2.72 -6.57 8.41
C LEU A 78 -3.37 -5.43 7.62
N ILE A 79 -3.24 -5.41 6.29
CA ILE A 79 -3.93 -4.45 5.42
C ILE A 79 -4.47 -5.14 4.16
N GLU A 80 -5.71 -4.79 3.77
CA GLU A 80 -6.26 -5.02 2.43
C GLU A 80 -6.37 -3.71 1.64
N VAL A 81 -6.04 -3.77 0.34
CA VAL A 81 -6.24 -2.66 -0.60
C VAL A 81 -7.05 -3.09 -1.83
N ASN A 82 -7.66 -2.11 -2.52
CA ASN A 82 -8.45 -2.27 -3.74
C ASN A 82 -7.70 -1.63 -4.94
N PRO A 83 -7.27 -2.42 -5.94
CA PRO A 83 -6.67 -1.91 -7.18
C PRO A 83 -7.76 -1.37 -8.14
N PRO A 84 -7.39 -0.77 -9.27
CA PRO A 84 -8.30 -0.62 -10.42
C PRO A 84 -8.37 -1.95 -11.20
N PHE A 85 -9.07 -1.93 -12.35
CA PHE A 85 -8.79 -2.87 -13.43
C PHE A 85 -7.41 -2.54 -14.03
N GLY A 86 -6.67 -3.55 -14.48
CA GLY A 86 -5.34 -3.38 -15.06
C GLY A 86 -4.19 -3.30 -14.06
N ASP A 87 -3.07 -2.73 -14.51
CA ASP A 87 -1.75 -2.78 -13.88
C ASP A 87 -1.59 -1.81 -12.69
N SER A 88 -0.63 -2.09 -11.78
CA SER A 88 -0.18 -1.22 -10.70
C SER A 88 1.09 -1.76 -10.00
N TYR A 89 1.67 -0.95 -9.11
CA TYR A 89 2.57 -1.36 -8.03
C TYR A 89 1.96 -0.87 -6.71
N ILE A 90 1.79 -1.78 -5.74
CA ILE A 90 1.37 -1.47 -4.37
C ILE A 90 2.59 -0.92 -3.63
N ILE A 91 2.55 0.31 -3.11
CA ILE A 91 3.68 0.99 -2.46
C ILE A 91 3.40 1.15 -0.96
N VAL A 92 4.37 0.71 -0.15
CA VAL A 92 4.34 0.72 1.32
C VAL A 92 5.46 1.65 1.80
N GLY A 93 5.09 2.82 2.32
CA GLY A 93 6.04 3.79 2.90
C GLY A 93 6.33 5.01 2.03
N THR A 94 7.16 5.91 2.58
CA THR A 94 7.68 7.12 1.94
C THR A 94 9.19 7.28 2.19
N GLY A 95 9.84 8.22 1.49
CA GLY A 95 11.31 8.38 1.50
C GLY A 95 12.01 7.44 0.51
N ASP A 96 13.29 7.15 0.73
CA ASP A 96 13.98 6.00 0.09
C ASP A 96 13.51 4.67 0.71
N SER A 97 13.19 4.68 2.00
CA SER A 97 12.84 3.58 2.90
C SER A 97 11.61 2.73 2.54
N ARG A 98 10.84 3.13 1.52
CA ARG A 98 9.62 2.46 1.09
C ARG A 98 9.92 1.23 0.23
N LEU A 99 9.00 0.26 0.21
CA LEU A 99 9.05 -0.88 -0.71
C LEU A 99 7.78 -0.94 -1.55
N THR A 100 7.82 -1.74 -2.63
CA THR A 100 6.66 -1.91 -3.50
C THR A 100 6.62 -3.28 -4.18
N TYR A 101 5.43 -3.68 -4.65
CA TYR A 101 5.13 -4.98 -5.25
C TYR A 101 4.19 -4.80 -6.44
N GLN A 102 4.58 -5.31 -7.62
CA GLN A 102 3.81 -5.24 -8.86
C GLN A 102 2.52 -6.08 -8.80
N TRP A 103 1.38 -5.52 -9.22
CA TRP A 103 0.13 -6.26 -9.40
C TRP A 103 -0.52 -5.92 -10.75
N HIS A 104 -1.29 -6.88 -11.26
CA HIS A 104 -2.10 -6.73 -12.46
C HIS A 104 -3.48 -7.31 -12.17
N LYS A 105 -4.55 -6.61 -12.59
CA LYS A 105 -5.92 -7.05 -12.44
C LYS A 105 -6.55 -7.23 -13.83
N GLU A 106 -7.19 -8.38 -14.03
CA GLU A 106 -7.86 -8.88 -15.23
C GLU A 106 -8.31 -7.80 -16.23
N GLY A 107 -7.58 -7.67 -17.36
CA GLY A 107 -8.05 -6.89 -18.52
C GLY A 107 -7.07 -5.90 -19.16
N SER A 108 -5.75 -6.00 -18.95
CA SER A 108 -4.77 -5.14 -19.63
C SER A 108 -3.58 -5.92 -20.21
N SER A 109 -2.42 -5.90 -19.54
CA SER A 109 -1.20 -6.62 -19.89
C SER A 109 -1.32 -8.13 -19.68
N ILE A 110 -2.29 -8.56 -18.88
CA ILE A 110 -2.65 -9.95 -18.61
C ILE A 110 -4.16 -10.08 -18.36
N GLY A 111 -4.69 -11.30 -18.51
CA GLY A 111 -6.11 -11.61 -18.38
C GLY A 111 -6.57 -11.96 -16.96
N LYS A 112 -5.65 -12.18 -16.01
CA LYS A 112 -5.89 -12.45 -14.59
C LYS A 112 -4.60 -12.20 -13.80
N MET A 1 -7.97 6.53 -6.73
CA MET A 1 -8.25 7.96 -6.52
C MET A 1 -7.29 8.55 -5.49
N SER A 2 -6.95 9.83 -5.60
CA SER A 2 -6.08 10.57 -4.66
C SER A 2 -6.84 11.47 -3.66
N ALA A 3 -8.14 11.71 -3.89
CA ALA A 3 -8.99 12.61 -3.10
C ALA A 3 -9.28 12.12 -1.65
N LEU A 4 -8.86 10.90 -1.30
CA LEU A 4 -8.90 10.37 0.05
C LEU A 4 -7.55 10.64 0.75
N THR A 5 -7.59 11.21 1.96
CA THR A 5 -6.42 11.64 2.75
C THR A 5 -5.29 10.61 2.74
N LEU A 6 -5.56 9.37 3.15
CA LEU A 6 -4.58 8.28 3.21
C LEU A 6 -3.85 7.98 1.87
N LYS A 7 -4.38 8.47 0.73
CA LYS A 7 -3.92 8.14 -0.62
C LYS A 7 -3.10 9.29 -1.23
N GLY A 8 -1.90 9.48 -0.68
CA GLY A 8 -0.94 10.53 -1.05
C GLY A 8 -1.24 11.91 -0.47
N THR A 9 -2.52 12.21 -0.17
CA THR A 9 -3.02 13.55 0.16
C THR A 9 -2.67 14.03 1.57
N SER A 10 -2.76 13.19 2.62
CA SER A 10 -2.50 13.56 4.02
C SER A 10 -2.49 12.35 4.97
N TYR A 11 -1.35 12.14 5.65
CA TYR A 11 -1.17 11.23 6.78
C TYR A 11 -0.01 11.73 7.64
N LYS A 12 0.02 11.38 8.93
CA LYS A 12 1.25 11.43 9.74
C LYS A 12 2.18 10.34 9.20
N MET A 13 3.15 10.75 8.38
CA MET A 13 4.09 9.90 7.66
C MET A 13 4.91 8.97 8.57
N CYS A 14 5.06 7.71 8.15
CA CYS A 14 6.20 6.88 8.53
C CYS A 14 7.33 7.13 7.52
N THR A 15 8.57 7.30 8.02
CA THR A 15 9.77 7.43 7.17
C THR A 15 10.98 6.65 7.69
N ASP A 16 10.91 5.95 8.83
CA ASP A 16 11.90 4.93 9.20
C ASP A 16 11.77 3.68 8.28
N LYS A 17 12.74 2.77 8.29
CA LYS A 17 12.92 1.70 7.28
C LYS A 17 11.80 0.66 7.34
N MET A 18 10.84 0.75 6.41
CA MET A 18 9.66 -0.13 6.33
C MET A 18 9.94 -1.35 5.45
N SER A 19 9.07 -2.38 5.54
CA SER A 19 9.04 -3.50 4.57
C SER A 19 7.72 -4.26 4.61
N PHE A 20 7.44 -5.01 3.53
CA PHE A 20 6.46 -6.09 3.55
C PHE A 20 7.05 -7.34 4.22
N VAL A 21 6.37 -7.86 5.24
CA VAL A 21 6.58 -9.19 5.83
C VAL A 21 5.97 -10.29 4.93
N LYS A 22 4.96 -9.93 4.12
CA LYS A 22 4.44 -10.70 2.99
C LYS A 22 4.18 -9.73 1.84
N ASN A 23 4.66 -10.05 0.64
CA ASN A 23 4.37 -9.29 -0.57
C ASN A 23 2.85 -9.26 -0.87
N PRO A 24 2.35 -8.20 -1.53
CA PRO A 24 1.02 -8.20 -2.12
C PRO A 24 0.83 -9.37 -3.09
N THR A 25 -0.27 -10.12 -2.92
CA THR A 25 -0.78 -11.10 -3.87
C THR A 25 -2.20 -10.75 -4.32
N ASP A 26 -2.41 -10.63 -5.64
CA ASP A 26 -3.73 -10.51 -6.25
C ASP A 26 -4.63 -11.68 -5.83
N THR A 27 -5.73 -11.37 -5.14
CA THR A 27 -6.67 -12.38 -4.65
C THR A 27 -7.62 -12.90 -5.74
N GLY A 28 -7.77 -12.20 -6.88
CA GLY A 28 -8.91 -12.37 -7.79
C GLY A 28 -10.28 -12.07 -7.17
N HIS A 29 -10.36 -11.70 -5.89
CA HIS A 29 -11.59 -11.27 -5.20
C HIS A 29 -11.83 -9.76 -5.41
N GLY A 30 -11.19 -9.14 -6.42
CA GLY A 30 -11.11 -7.69 -6.60
C GLY A 30 -9.98 -7.01 -5.81
N THR A 31 -9.21 -7.76 -5.01
CA THR A 31 -8.24 -7.20 -4.05
C THR A 31 -6.81 -7.70 -4.28
N VAL A 32 -5.87 -7.15 -3.50
CA VAL A 32 -4.45 -7.56 -3.40
C VAL A 32 -4.07 -7.55 -1.91
N VAL A 33 -3.55 -8.68 -1.38
CA VAL A 33 -3.34 -8.91 0.07
C VAL A 33 -1.86 -9.05 0.47
N MET A 34 -1.44 -8.32 1.51
CA MET A 34 -0.05 -8.21 2.01
C MET A 34 0.06 -8.20 3.55
N GLN A 35 1.29 -8.32 4.08
CA GLN A 35 1.61 -8.01 5.49
C GLN A 35 2.77 -7.00 5.51
N VAL A 36 2.70 -5.96 6.34
CA VAL A 36 3.71 -4.88 6.41
C VAL A 36 4.11 -4.55 7.85
N LYS A 37 5.35 -4.05 8.05
CA LYS A 37 5.88 -3.64 9.36
C LYS A 37 6.67 -2.32 9.31
N VAL A 38 6.65 -1.60 10.43
CA VAL A 38 7.46 -0.42 10.77
C VAL A 38 8.30 -0.76 12.03
N PRO A 39 9.58 -0.33 12.15
CA PRO A 39 10.45 -0.72 13.27
C PRO A 39 10.53 0.29 14.43
N LYS A 40 11.13 1.48 14.22
CA LYS A 40 11.41 2.49 15.27
C LYS A 40 11.11 3.92 14.81
N GLY A 41 11.24 4.87 15.75
CA GLY A 41 11.20 6.32 15.52
C GLY A 41 9.87 6.95 15.08
N ALA A 42 8.88 6.17 14.67
CA ALA A 42 7.75 6.63 13.86
C ALA A 42 6.38 6.37 14.50
N PRO A 43 5.78 7.36 15.20
CA PRO A 43 4.33 7.42 15.38
C PRO A 43 3.68 7.84 14.05
N CYS A 44 2.80 7.01 13.48
CA CYS A 44 2.26 7.26 12.13
C CYS A 44 0.98 6.49 11.76
N LYS A 45 0.16 7.11 10.88
CA LYS A 45 -0.90 6.45 10.11
C LYS A 45 -0.26 5.83 8.88
N ILE A 46 0.03 4.53 8.94
CA ILE A 46 1.02 3.87 8.07
C ILE A 46 0.65 4.04 6.57
N PRO A 47 1.43 4.79 5.77
CA PRO A 47 1.05 5.15 4.40
C PRO A 47 1.15 3.98 3.41
N VAL A 48 -0.01 3.59 2.86
CA VAL A 48 -0.17 2.59 1.81
C VAL A 48 -0.82 3.24 0.60
N ILE A 49 -0.13 3.20 -0.54
CA ILE A 49 -0.50 3.85 -1.80
C ILE A 49 -0.42 2.82 -2.94
N VAL A 50 -1.09 3.08 -4.07
CA VAL A 50 -1.07 2.20 -5.24
C VAL A 50 -0.98 3.08 -6.48
N ALA A 51 0.14 3.01 -7.21
CA ALA A 51 0.47 3.96 -8.27
C ALA A 51 0.87 3.26 -9.58
N ASP A 52 1.26 4.03 -10.60
CA ASP A 52 1.84 3.51 -11.85
C ASP A 52 3.30 3.97 -12.05
N ASP A 53 3.88 4.62 -11.05
CA ASP A 53 4.96 5.61 -11.20
C ASP A 53 6.16 5.41 -10.25
N LEU A 54 6.14 4.36 -9.41
CA LEU A 54 7.12 4.03 -8.36
C LEU A 54 7.21 5.06 -7.21
N THR A 55 6.43 6.16 -7.22
CA THR A 55 6.58 7.28 -6.28
C THR A 55 5.27 7.83 -5.68
N ALA A 56 4.10 7.36 -6.12
CA ALA A 56 2.77 7.84 -5.76
C ALA A 56 2.55 9.33 -6.06
N ALA A 57 2.90 9.76 -7.28
CA ALA A 57 2.38 10.99 -7.88
C ALA A 57 0.92 10.78 -8.31
N ILE A 58 0.60 9.59 -8.82
CA ILE A 58 -0.75 9.10 -9.09
C ILE A 58 -1.16 8.13 -7.96
N ASN A 59 -2.45 8.06 -7.59
CA ASN A 59 -2.98 6.95 -6.79
C ASN A 59 -4.21 6.31 -7.47
N LYS A 60 -3.99 5.09 -7.97
CA LYS A 60 -4.96 4.15 -8.54
C LYS A 60 -5.92 3.63 -7.46
N GLY A 61 -5.43 2.82 -6.53
CA GLY A 61 -6.25 1.93 -5.71
C GLY A 61 -6.55 2.40 -4.28
N ILE A 62 -7.47 1.70 -3.62
CA ILE A 62 -8.12 2.02 -2.35
C ILE A 62 -7.75 0.98 -1.28
N LEU A 63 -7.80 1.34 0.01
CA LEU A 63 -7.70 0.40 1.14
C LEU A 63 -9.01 -0.37 1.30
N VAL A 64 -8.93 -1.70 1.49
CA VAL A 64 -10.11 -2.56 1.65
C VAL A 64 -10.32 -2.96 3.11
N THR A 65 -9.25 -3.39 3.80
CA THR A 65 -9.28 -3.56 5.26
C THR A 65 -8.78 -2.29 5.98
N VAL A 66 -8.92 -2.29 7.31
CA VAL A 66 -8.55 -1.17 8.19
C VAL A 66 -7.03 -0.91 8.22
N ASN A 67 -6.64 0.34 7.95
CA ASN A 67 -5.27 0.85 8.09
C ASN A 67 -5.03 1.32 9.54
N PRO A 68 -3.98 0.85 10.23
CA PRO A 68 -3.73 1.12 11.65
C PRO A 68 -3.07 2.49 11.89
N ILE A 69 -2.69 2.74 13.14
CA ILE A 69 -1.88 3.89 13.61
C ILE A 69 -0.85 3.34 14.60
N ALA A 70 0.43 3.52 14.28
CA ALA A 70 1.55 3.23 15.17
C ALA A 70 1.54 4.17 16.39
N SER A 71 0.86 3.77 17.46
CA SER A 71 1.12 4.32 18.81
C SER A 71 2.43 3.78 19.36
N THR A 72 2.71 2.50 19.10
CA THR A 72 4.00 1.83 19.27
C THR A 72 4.68 1.69 17.90
N ASN A 73 5.89 2.21 17.77
CA ASN A 73 6.68 2.27 16.53
C ASN A 73 6.92 0.93 15.80
N ASP A 74 6.79 -0.22 16.48
CA ASP A 74 6.97 -1.57 15.93
C ASP A 74 5.75 -2.06 15.09
N ASP A 75 4.75 -1.19 14.86
CA ASP A 75 3.47 -1.50 14.22
C ASP A 75 3.57 -2.39 12.96
N GLU A 76 2.70 -3.39 12.91
CA GLU A 76 2.75 -4.51 11.96
C GLU A 76 1.34 -5.02 11.68
N VAL A 77 0.98 -5.17 10.40
CA VAL A 77 -0.42 -5.37 10.00
C VAL A 77 -0.59 -6.12 8.68
N LEU A 78 -1.68 -6.91 8.62
CA LEU A 78 -2.29 -7.53 7.44
C LEU A 78 -3.14 -6.48 6.70
N ILE A 79 -2.86 -6.25 5.41
CA ILE A 79 -3.59 -5.25 4.61
C ILE A 79 -4.10 -5.84 3.28
N GLU A 80 -5.28 -5.40 2.86
CA GLU A 80 -5.82 -5.57 1.52
C GLU A 80 -6.07 -4.21 0.86
N VAL A 81 -5.75 -4.14 -0.45
CA VAL A 81 -6.03 -2.99 -1.33
C VAL A 81 -6.81 -3.42 -2.57
N ASN A 82 -7.46 -2.45 -3.22
CA ASN A 82 -8.28 -2.60 -4.43
C ASN A 82 -7.87 -1.54 -5.47
N PRO A 83 -7.04 -1.89 -6.47
CA PRO A 83 -6.88 -1.12 -7.69
C PRO A 83 -7.99 -1.44 -8.71
N PRO A 84 -8.15 -0.62 -9.78
CA PRO A 84 -8.93 -1.00 -10.96
C PRO A 84 -8.21 -2.11 -11.75
N PHE A 85 -8.85 -2.63 -12.81
CA PHE A 85 -8.23 -3.60 -13.72
C PHE A 85 -7.02 -2.96 -14.44
N GLY A 86 -6.06 -3.79 -14.87
CA GLY A 86 -4.82 -3.32 -15.51
C GLY A 86 -3.69 -3.10 -14.51
N ASP A 87 -2.66 -2.35 -14.94
CA ASP A 87 -1.38 -2.22 -14.23
C ASP A 87 -1.47 -1.50 -12.88
N SER A 88 -0.50 -1.74 -12.00
CA SER A 88 -0.25 -1.00 -10.75
C SER A 88 1.12 -1.36 -10.13
N TYR A 89 1.56 -0.52 -9.19
CA TYR A 89 2.66 -0.70 -8.26
C TYR A 89 2.12 -0.39 -6.86
N ILE A 90 2.01 -1.41 -6.00
CA ILE A 90 1.60 -1.21 -4.59
C ILE A 90 2.80 -0.60 -3.87
N ILE A 91 2.66 0.55 -3.22
CA ILE A 91 3.73 1.25 -2.51
C ILE A 91 3.42 1.24 -1.00
N VAL A 92 4.43 0.83 -0.21
CA VAL A 92 4.40 0.82 1.25
C VAL A 92 5.43 1.84 1.74
N GLY A 93 4.93 2.95 2.30
CA GLY A 93 5.76 3.92 2.99
C GLY A 93 5.99 5.24 2.25
N THR A 94 6.71 6.12 2.95
CA THR A 94 7.23 7.42 2.50
C THR A 94 8.71 7.58 2.89
N GLY A 95 9.39 8.55 2.26
CA GLY A 95 10.85 8.65 2.30
C GLY A 95 11.53 7.56 1.45
N ASP A 96 12.86 7.57 1.41
CA ASP A 96 13.68 6.51 0.78
C ASP A 96 13.38 5.11 1.33
N SER A 97 12.94 5.06 2.59
CA SER A 97 12.48 3.91 3.38
C SER A 97 11.30 3.12 2.82
N ARG A 98 10.65 3.60 1.74
CA ARG A 98 9.47 2.96 1.13
C ARG A 98 9.85 1.81 0.20
N LEU A 99 8.99 0.79 0.09
CA LEU A 99 9.13 -0.31 -0.89
C LEU A 99 7.94 -0.35 -1.85
N THR A 100 8.08 -1.09 -2.97
CA THR A 100 6.97 -1.34 -3.90
C THR A 100 7.03 -2.69 -4.62
N TYR A 101 5.89 -3.12 -5.18
CA TYR A 101 5.68 -4.38 -5.88
C TYR A 101 4.68 -4.17 -7.06
N GLN A 102 5.06 -4.58 -8.27
CA GLN A 102 4.26 -4.49 -9.51
C GLN A 102 3.14 -5.54 -9.56
N TRP A 103 1.93 -5.14 -9.96
CA TRP A 103 0.81 -6.04 -10.27
C TRP A 103 0.12 -5.65 -11.59
N HIS A 104 -0.56 -6.63 -12.20
CA HIS A 104 -1.41 -6.47 -13.37
C HIS A 104 -2.75 -7.15 -13.04
N LYS A 105 -3.80 -6.34 -12.82
CA LYS A 105 -5.03 -6.73 -12.12
C LYS A 105 -6.12 -7.22 -13.06
N GLU A 106 -6.63 -8.43 -12.77
CA GLU A 106 -7.64 -9.21 -13.50
C GLU A 106 -7.37 -9.39 -15.01
N GLY A 107 -6.89 -10.57 -15.40
CA GLY A 107 -6.53 -11.01 -16.75
C GLY A 107 -7.68 -11.04 -17.76
N SER A 108 -8.14 -9.84 -18.15
CA SER A 108 -9.20 -9.50 -19.12
C SER A 108 -9.06 -10.08 -20.54
N SER A 109 -8.10 -11.00 -20.78
CA SER A 109 -7.91 -11.74 -22.03
C SER A 109 -7.79 -13.26 -21.83
N ILE A 110 -7.91 -13.77 -20.60
CA ILE A 110 -7.90 -15.22 -20.31
C ILE A 110 -8.82 -15.65 -19.15
N GLY A 111 -9.27 -14.72 -18.28
CA GLY A 111 -10.37 -14.94 -17.34
C GLY A 111 -10.18 -14.24 -15.99
N LYS A 112 -8.99 -14.41 -15.40
CA LYS A 112 -8.54 -13.80 -14.14
C LYS A 112 -7.03 -13.55 -14.22
N MET A 1 -8.25 6.06 -6.54
CA MET A 1 -8.36 7.53 -6.74
C MET A 1 -7.34 8.25 -5.87
N SER A 2 -6.91 9.44 -6.29
CA SER A 2 -6.00 10.33 -5.53
C SER A 2 -6.75 11.37 -4.66
N ALA A 3 -8.08 11.23 -4.53
CA ALA A 3 -8.99 12.24 -3.99
C ALA A 3 -9.46 11.98 -2.54
N LEU A 4 -8.91 10.97 -1.86
CA LEU A 4 -9.27 10.63 -0.47
C LEU A 4 -8.02 10.69 0.44
N THR A 5 -8.25 10.84 1.75
CA THR A 5 -7.27 11.15 2.81
C THR A 5 -5.96 10.38 2.67
N LEU A 6 -6.00 9.08 2.98
CA LEU A 6 -4.92 8.10 2.94
C LEU A 6 -4.39 7.80 1.51
N LYS A 7 -4.90 8.50 0.49
CA LYS A 7 -4.64 8.24 -0.92
C LYS A 7 -4.13 9.52 -1.61
N GLY A 8 -2.89 9.91 -1.31
CA GLY A 8 -2.22 11.11 -1.81
C GLY A 8 -2.70 12.44 -1.19
N THR A 9 -3.92 12.52 -0.65
CA THR A 9 -4.51 13.77 -0.16
C THR A 9 -3.78 14.32 1.08
N SER A 10 -3.76 13.59 2.21
CA SER A 10 -2.99 13.96 3.41
C SER A 10 -3.04 12.88 4.51
N TYR A 11 -1.88 12.58 5.08
CA TYR A 11 -1.69 11.76 6.29
C TYR A 11 -0.29 12.02 6.86
N LYS A 12 -0.13 11.82 8.18
CA LYS A 12 1.20 11.71 8.79
C LYS A 12 1.81 10.35 8.41
N MET A 13 2.72 10.36 7.44
CA MET A 13 3.39 9.19 6.89
C MET A 13 4.59 8.71 7.73
N CYS A 14 5.04 7.48 7.44
CA CYS A 14 6.32 6.92 7.91
C CYS A 14 7.37 6.99 6.77
N THR A 15 8.66 7.07 7.12
CA THR A 15 9.77 7.03 6.16
C THR A 15 11.02 6.27 6.64
N ASP A 16 10.99 5.59 7.81
CA ASP A 16 12.02 4.61 8.16
C ASP A 16 11.89 3.33 7.31
N LYS A 17 12.94 2.51 7.22
CA LYS A 17 13.05 1.35 6.32
C LYS A 17 11.96 0.29 6.60
N MET A 18 10.87 0.35 5.82
CA MET A 18 9.71 -0.53 5.97
C MET A 18 9.90 -1.85 5.23
N SER A 19 9.00 -2.81 5.47
CA SER A 19 8.94 -4.06 4.67
C SER A 19 7.58 -4.75 4.79
N PHE A 20 7.28 -5.60 3.80
CA PHE A 20 6.24 -6.62 3.91
C PHE A 20 6.79 -7.86 4.64
N VAL A 21 6.14 -8.26 5.73
CA VAL A 21 6.31 -9.56 6.39
C VAL A 21 5.67 -10.68 5.54
N LYS A 22 4.68 -10.34 4.70
CA LYS A 22 4.05 -11.18 3.70
C LYS A 22 3.73 -10.34 2.45
N ASN A 23 4.00 -10.91 1.27
CA ASN A 23 3.65 -10.35 -0.02
C ASN A 23 2.13 -10.20 -0.23
N PRO A 24 1.66 -9.13 -0.91
CA PRO A 24 0.27 -8.98 -1.34
C PRO A 24 -0.22 -10.18 -2.17
N THR A 25 -1.32 -10.83 -1.77
CA THR A 25 -2.03 -11.88 -2.53
C THR A 25 -3.49 -11.51 -2.74
N ASP A 26 -3.98 -11.60 -3.99
CA ASP A 26 -5.40 -11.47 -4.33
C ASP A 26 -6.24 -12.52 -3.57
N THR A 27 -7.24 -12.04 -2.81
CA THR A 27 -8.13 -12.88 -2.00
C THR A 27 -9.27 -13.50 -2.83
N GLY A 28 -9.48 -13.07 -4.07
CA GLY A 28 -10.64 -13.41 -4.89
C GLY A 28 -11.88 -12.54 -4.65
N HIS A 29 -11.90 -11.72 -3.58
CA HIS A 29 -13.03 -10.85 -3.20
C HIS A 29 -12.91 -9.44 -3.81
N GLY A 30 -11.96 -9.22 -4.73
CA GLY A 30 -11.60 -7.90 -5.23
C GLY A 30 -10.55 -7.19 -4.35
N THR A 31 -9.92 -7.91 -3.43
CA THR A 31 -8.93 -7.38 -2.48
C THR A 31 -7.61 -8.14 -2.58
N VAL A 32 -6.50 -7.49 -2.22
CA VAL A 32 -5.14 -8.04 -2.26
C VAL A 32 -4.50 -7.80 -0.89
N VAL A 33 -4.14 -8.89 -0.19
CA VAL A 33 -3.83 -8.91 1.26
C VAL A 33 -2.36 -9.18 1.56
N MET A 34 -1.77 -8.39 2.47
CA MET A 34 -0.35 -8.38 2.86
C MET A 34 -0.17 -8.25 4.38
N GLN A 35 1.03 -8.53 4.89
CA GLN A 35 1.48 -8.13 6.24
C GLN A 35 2.64 -7.15 6.08
N VAL A 36 2.65 -6.03 6.81
CA VAL A 36 3.67 -4.96 6.68
C VAL A 36 4.14 -4.45 8.04
N LYS A 37 5.41 -4.01 8.13
CA LYS A 37 6.08 -3.54 9.36
C LYS A 37 6.83 -2.22 9.15
N VAL A 38 6.91 -1.41 10.23
CA VAL A 38 7.73 -0.20 10.40
C VAL A 38 8.71 -0.43 11.58
N PRO A 39 9.92 0.20 11.65
CA PRO A 39 10.89 -0.04 12.72
C PRO A 39 10.97 1.07 13.80
N LYS A 40 11.60 2.24 13.56
CA LYS A 40 11.74 3.30 14.59
C LYS A 40 11.52 4.73 14.06
N GLY A 41 11.33 5.69 14.97
CA GLY A 41 11.26 7.13 14.66
C GLY A 41 9.99 7.57 13.91
N ALA A 42 8.96 6.73 13.90
CA ALA A 42 7.81 6.82 13.00
C ALA A 42 6.47 6.80 13.75
N PRO A 43 5.96 7.97 14.21
CA PRO A 43 4.55 8.15 14.53
C PRO A 43 3.76 8.38 13.23
N CYS A 44 2.86 7.47 12.82
CA CYS A 44 2.23 7.58 11.49
C CYS A 44 0.94 6.76 11.29
N LYS A 45 0.10 7.21 10.35
CA LYS A 45 -0.86 6.36 9.61
C LYS A 45 -0.06 5.65 8.53
N ILE A 46 0.14 4.33 8.67
CA ILE A 46 1.19 3.65 7.92
C ILE A 46 0.91 3.69 6.39
N PRO A 47 1.82 4.22 5.56
CA PRO A 47 1.55 4.63 4.18
C PRO A 47 1.40 3.46 3.21
N VAL A 48 0.14 3.20 2.81
CA VAL A 48 -0.28 2.16 1.85
C VAL A 48 -0.89 2.82 0.62
N ILE A 49 -0.27 2.60 -0.54
CA ILE A 49 -0.67 3.17 -1.82
C ILE A 49 -0.66 2.09 -2.93
N VAL A 50 -1.40 2.35 -4.01
CA VAL A 50 -1.53 1.44 -5.17
C VAL A 50 -1.40 2.30 -6.41
N ALA A 51 -0.46 2.00 -7.32
CA ALA A 51 -0.16 2.89 -8.44
C ALA A 51 0.10 2.15 -9.77
N ASP A 52 0.18 2.91 -10.87
CA ASP A 52 0.65 2.43 -12.18
C ASP A 52 2.07 2.92 -12.51
N ASP A 53 2.72 3.61 -11.56
CA ASP A 53 3.88 4.49 -11.78
C ASP A 53 5.08 4.22 -10.83
N LEU A 54 5.06 3.11 -10.07
CA LEU A 54 6.03 2.71 -9.04
C LEU A 54 6.15 3.64 -7.82
N THR A 55 5.58 4.85 -7.81
CA THR A 55 5.82 5.85 -6.75
C THR A 55 4.53 6.42 -6.10
N ALA A 56 3.36 6.08 -6.64
CA ALA A 56 2.06 6.67 -6.32
C ALA A 56 1.97 8.16 -6.67
N ALA A 57 2.50 8.52 -7.84
CA ALA A 57 2.13 9.78 -8.50
C ALA A 57 0.63 9.80 -8.85
N ILE A 58 0.06 8.61 -9.11
CA ILE A 58 -1.36 8.30 -9.22
C ILE A 58 -1.68 7.27 -8.12
N ASN A 59 -2.71 7.49 -7.29
CA ASN A 59 -3.25 6.42 -6.45
C ASN A 59 -4.46 5.77 -7.14
N LYS A 60 -4.28 4.54 -7.63
CA LYS A 60 -5.28 3.68 -8.25
C LYS A 60 -6.37 3.25 -7.25
N GLY A 61 -5.98 2.60 -6.14
CA GLY A 61 -6.85 1.75 -5.32
C GLY A 61 -7.19 2.25 -3.91
N ILE A 62 -7.93 1.43 -3.15
CA ILE A 62 -8.52 1.78 -1.84
C ILE A 62 -8.05 0.81 -0.74
N LEU A 63 -8.00 1.26 0.52
CA LEU A 63 -7.79 0.42 1.70
C LEU A 63 -9.11 -0.28 2.08
N VAL A 64 -9.08 -1.60 2.28
CA VAL A 64 -10.30 -2.37 2.58
C VAL A 64 -10.31 -2.81 4.05
N THR A 65 -9.23 -3.48 4.49
CA THR A 65 -8.97 -3.77 5.90
C THR A 65 -8.29 -2.56 6.58
N VAL A 66 -8.48 -2.44 7.91
CA VAL A 66 -8.07 -1.32 8.76
C VAL A 66 -6.57 -0.95 8.67
N ASN A 67 -6.28 0.28 8.23
CA ASN A 67 -4.96 0.91 8.29
C ASN A 67 -4.74 1.54 9.69
N PRO A 68 -3.73 1.11 10.47
CA PRO A 68 -3.53 1.50 11.88
C PRO A 68 -2.87 2.89 12.03
N ILE A 69 -2.62 3.29 13.28
CA ILE A 69 -1.78 4.44 13.64
C ILE A 69 -0.66 3.91 14.55
N ALA A 70 0.58 3.96 14.04
CA ALA A 70 1.79 3.54 14.73
C ALA A 70 2.11 4.51 15.88
N SER A 71 1.51 4.28 17.05
CA SER A 71 1.92 4.92 18.31
C SER A 71 3.33 4.45 18.71
N THR A 72 3.49 3.13 18.88
CA THR A 72 4.78 2.44 18.93
C THR A 72 5.31 2.24 17.51
N ASN A 73 6.51 2.73 17.22
CA ASN A 73 7.09 2.75 15.87
C ASN A 73 7.32 1.37 15.24
N ASP A 74 7.42 0.31 16.05
CA ASP A 74 7.63 -1.08 15.60
C ASP A 74 6.36 -1.71 14.96
N ASP A 75 5.28 -0.93 14.81
CA ASP A 75 3.96 -1.35 14.30
C ASP A 75 4.04 -2.29 13.09
N GLU A 76 3.33 -3.41 13.18
CA GLU A 76 3.27 -4.46 12.17
C GLU A 76 1.86 -5.02 12.06
N VAL A 77 1.32 -5.06 10.84
CA VAL A 77 -0.13 -5.16 10.61
C VAL A 77 -0.47 -5.91 9.32
N LEU A 78 -1.64 -6.56 9.33
CA LEU A 78 -2.32 -7.22 8.23
C LEU A 78 -3.22 -6.21 7.51
N ILE A 79 -3.02 -5.99 6.20
CA ILE A 79 -3.80 -5.01 5.41
C ILE A 79 -4.24 -5.59 4.06
N GLU A 80 -5.41 -5.17 3.60
CA GLU A 80 -5.92 -5.37 2.24
C GLU A 80 -6.01 -4.06 1.47
N VAL A 81 -5.72 -4.12 0.17
CA VAL A 81 -6.06 -3.07 -0.79
C VAL A 81 -6.95 -3.60 -1.91
N ASN A 82 -7.81 -2.74 -2.44
CA ASN A 82 -8.62 -2.98 -3.64
C ASN A 82 -7.93 -2.35 -4.86
N PRO A 83 -7.38 -3.15 -5.80
CA PRO A 83 -7.01 -2.66 -7.13
C PRO A 83 -8.26 -2.57 -8.03
N PRO A 84 -8.54 -1.41 -8.66
CA PRO A 84 -9.33 -1.34 -9.88
C PRO A 84 -8.72 -2.22 -10.99
N PHE A 85 -9.49 -2.46 -12.06
CA PHE A 85 -9.04 -3.30 -13.18
C PHE A 85 -7.77 -2.75 -13.86
N GLY A 86 -7.02 -3.63 -14.51
CA GLY A 86 -5.73 -3.33 -15.10
C GLY A 86 -4.54 -3.51 -14.13
N ASP A 87 -3.37 -3.03 -14.56
CA ASP A 87 -2.08 -3.18 -13.89
C ASP A 87 -2.03 -2.49 -12.51
N SER A 88 -1.04 -2.84 -11.68
CA SER A 88 -0.77 -2.19 -10.39
C SER A 88 0.61 -2.52 -9.82
N TYR A 89 1.15 -1.54 -9.10
CA TYR A 89 2.24 -1.66 -8.15
C TYR A 89 1.65 -1.37 -6.77
N ILE A 90 1.57 -2.39 -5.90
CA ILE A 90 1.21 -2.23 -4.50
C ILE A 90 2.44 -1.62 -3.81
N ILE A 91 2.32 -0.44 -3.21
CA ILE A 91 3.45 0.32 -2.67
C ILE A 91 3.28 0.48 -1.15
N VAL A 92 4.33 0.08 -0.42
CA VAL A 92 4.43 0.00 1.02
C VAL A 92 5.53 0.95 1.47
N GLY A 93 5.15 2.15 1.92
CA GLY A 93 6.10 3.15 2.40
C GLY A 93 6.11 4.48 1.64
N THR A 94 6.84 5.42 2.22
CA THR A 94 7.29 6.69 1.65
C THR A 94 8.77 6.92 1.97
N GLY A 95 9.42 7.86 1.29
CA GLY A 95 10.87 8.02 1.32
C GLY A 95 11.59 6.98 0.44
N ASP A 96 12.91 6.92 0.50
CA ASP A 96 13.70 5.85 -0.13
C ASP A 96 13.34 4.46 0.44
N SER A 97 12.97 4.44 1.72
CA SER A 97 12.55 3.32 2.57
C SER A 97 11.35 2.49 2.10
N ARG A 98 10.70 2.86 1.00
CA ARG A 98 9.47 2.21 0.53
C ARG A 98 9.77 1.00 -0.35
N LEU A 99 8.94 -0.05 -0.23
CA LEU A 99 8.98 -1.22 -1.11
C LEU A 99 7.75 -1.24 -2.02
N THR A 100 7.78 -2.08 -3.05
CA THR A 100 6.60 -2.37 -3.86
C THR A 100 6.60 -3.80 -4.39
N TYR A 101 5.41 -4.30 -4.73
CA TYR A 101 5.14 -5.62 -5.28
C TYR A 101 4.08 -5.48 -6.39
N GLN A 102 4.35 -6.10 -7.55
CA GLN A 102 3.55 -5.96 -8.77
C GLN A 102 2.32 -6.87 -8.77
N TRP A 103 1.19 -6.38 -9.28
CA TRP A 103 -0.02 -7.16 -9.56
C TRP A 103 -0.63 -6.69 -10.88
N HIS A 104 -1.25 -7.61 -11.61
CA HIS A 104 -1.97 -7.32 -12.85
C HIS A 104 -3.40 -7.80 -12.70
N LYS A 105 -4.36 -6.88 -12.52
CA LYS A 105 -5.78 -7.21 -12.41
C LYS A 105 -6.41 -7.21 -13.80
N GLU A 106 -7.31 -8.15 -14.02
CA GLU A 106 -7.98 -8.50 -15.28
C GLU A 106 -8.38 -7.27 -16.12
N GLY A 107 -7.91 -7.23 -17.37
CA GLY A 107 -7.86 -6.03 -18.21
C GLY A 107 -6.47 -5.37 -18.29
N SER A 108 -5.40 -6.10 -17.96
CA SER A 108 -4.04 -5.54 -17.81
C SER A 108 -3.20 -5.48 -19.10
N SER A 109 -2.13 -4.67 -19.05
CA SER A 109 -1.14 -4.43 -20.12
C SER A 109 -0.56 -5.70 -20.74
N ILE A 110 -0.32 -6.75 -19.92
CA ILE A 110 0.20 -8.05 -20.33
C ILE A 110 -0.86 -8.94 -21.01
N GLY A 111 -2.11 -8.47 -21.17
CA GLY A 111 -3.20 -9.21 -21.81
C GLY A 111 -3.99 -10.11 -20.86
N LYS A 112 -3.80 -9.96 -19.54
CA LYS A 112 -4.53 -10.69 -18.49
C LYS A 112 -5.32 -9.69 -17.65
N MET A 1 -7.60 6.68 -7.01
CA MET A 1 -8.09 8.04 -6.75
C MET A 1 -7.50 8.57 -5.44
N SER A 2 -7.64 9.87 -5.15
CA SER A 2 -7.18 10.54 -3.92
C SER A 2 -8.29 10.82 -2.89
N ALA A 3 -9.56 10.60 -3.24
CA ALA A 3 -10.73 10.99 -2.44
C ALA A 3 -10.86 10.27 -1.09
N LEU A 4 -10.29 9.05 -0.96
CA LEU A 4 -10.22 8.32 0.31
C LEU A 4 -9.02 8.82 1.14
N THR A 5 -9.22 8.96 2.46
CA THR A 5 -8.29 9.50 3.46
C THR A 5 -6.81 9.23 3.18
N LEU A 6 -6.39 7.97 3.27
CA LEU A 6 -4.99 7.53 3.14
C LEU A 6 -4.36 7.78 1.75
N LYS A 7 -5.14 8.23 0.75
CA LYS A 7 -4.68 8.37 -0.62
C LYS A 7 -4.18 9.79 -0.89
N GLY A 8 -3.05 10.13 -0.26
CA GLY A 8 -2.46 11.47 -0.29
C GLY A 8 -3.16 12.44 0.68
N THR A 9 -4.48 12.53 0.56
CA THR A 9 -5.39 13.48 1.22
C THR A 9 -5.20 13.63 2.73
N SER A 10 -4.90 12.56 3.49
CA SER A 10 -4.62 12.64 4.93
C SER A 10 -3.88 11.41 5.46
N TYR A 11 -2.57 11.56 5.71
CA TYR A 11 -1.78 10.64 6.54
C TYR A 11 -0.58 11.38 7.19
N LYS A 12 -0.12 10.88 8.33
CA LYS A 12 1.15 11.22 8.98
C LYS A 12 2.17 10.18 8.53
N MET A 13 3.16 10.60 7.73
CA MET A 13 4.17 9.75 7.09
C MET A 13 5.07 8.95 8.05
N CYS A 14 5.41 7.72 7.67
CA CYS A 14 6.60 7.01 8.17
C CYS A 14 7.75 7.22 7.18
N THR A 15 9.00 7.24 7.67
CA THR A 15 10.20 7.30 6.83
C THR A 15 11.34 6.36 7.27
N ASP A 16 11.16 5.58 8.34
CA ASP A 16 12.09 4.48 8.67
C ASP A 16 11.84 3.25 7.76
N LYS A 17 12.80 2.32 7.70
CA LYS A 17 12.92 1.27 6.69
C LYS A 17 11.77 0.24 6.79
N MET A 18 10.76 0.40 5.94
CA MET A 18 9.57 -0.44 5.89
C MET A 18 9.78 -1.71 5.05
N SER A 19 8.87 -2.68 5.17
CA SER A 19 8.81 -3.85 4.26
C SER A 19 7.45 -4.56 4.33
N PHE A 20 7.15 -5.38 3.32
CA PHE A 20 6.08 -6.38 3.35
C PHE A 20 6.58 -7.68 3.99
N VAL A 21 5.97 -8.05 5.13
CA VAL A 21 6.09 -9.36 5.79
C VAL A 21 5.41 -10.45 4.94
N LYS A 22 4.37 -10.09 4.18
CA LYS A 22 3.70 -10.90 3.16
C LYS A 22 3.45 -10.01 1.96
N ASN A 23 4.06 -10.36 0.82
CA ASN A 23 3.84 -9.71 -0.47
C ASN A 23 2.33 -9.63 -0.81
N PRO A 24 1.85 -8.56 -1.46
CA PRO A 24 0.46 -8.51 -1.91
C PRO A 24 0.13 -9.66 -2.87
N THR A 25 -0.97 -10.35 -2.61
CA THR A 25 -1.55 -11.40 -3.48
C THR A 25 -3.04 -11.17 -3.70
N ASP A 26 -3.47 -11.22 -4.97
CA ASP A 26 -4.84 -10.92 -5.40
C ASP A 26 -5.86 -11.95 -4.87
N THR A 27 -7.03 -11.48 -4.46
CA THR A 27 -8.09 -12.28 -3.83
C THR A 27 -9.17 -12.77 -4.80
N GLY A 28 -9.19 -12.28 -6.05
CA GLY A 28 -10.30 -12.46 -6.99
C GLY A 28 -11.61 -11.73 -6.62
N HIS A 29 -11.65 -11.05 -5.47
CA HIS A 29 -12.82 -10.27 -5.01
C HIS A 29 -12.68 -8.78 -5.36
N GLY A 30 -11.80 -8.44 -6.32
CA GLY A 30 -11.40 -7.08 -6.66
C GLY A 30 -10.26 -6.53 -5.80
N THR A 31 -9.74 -7.32 -4.84
CA THR A 31 -8.79 -6.88 -3.83
C THR A 31 -7.47 -7.67 -3.87
N VAL A 32 -6.48 -7.18 -3.12
CA VAL A 32 -5.13 -7.74 -3.02
C VAL A 32 -4.68 -7.64 -1.56
N VAL A 33 -4.27 -8.77 -0.95
CA VAL A 33 -4.00 -8.89 0.49
C VAL A 33 -2.50 -9.04 0.79
N MET A 34 -2.00 -8.29 1.78
CA MET A 34 -0.60 -8.24 2.22
C MET A 34 -0.46 -8.09 3.75
N GLN A 35 0.77 -8.27 4.25
CA GLN A 35 1.20 -7.88 5.60
C GLN A 35 2.39 -6.93 5.46
N VAL A 36 2.38 -5.79 6.16
CA VAL A 36 3.46 -4.78 6.11
C VAL A 36 3.92 -4.39 7.52
N LYS A 37 5.19 -3.95 7.66
CA LYS A 37 5.83 -3.58 8.93
C LYS A 37 6.66 -2.29 8.82
N VAL A 38 6.66 -1.53 9.92
CA VAL A 38 7.58 -0.43 10.26
C VAL A 38 8.43 -0.88 11.48
N PRO A 39 9.69 -0.44 11.70
CA PRO A 39 10.51 -0.93 12.83
C PRO A 39 10.72 0.08 13.97
N LYS A 40 11.28 1.27 13.72
CA LYS A 40 11.59 2.27 14.76
C LYS A 40 11.35 3.71 14.29
N GLY A 41 11.41 4.68 15.23
CA GLY A 41 11.45 6.13 14.97
C GLY A 41 10.18 6.80 14.43
N ALA A 42 9.12 6.03 14.13
CA ALA A 42 8.00 6.47 13.30
C ALA A 42 6.63 6.36 14.01
N PRO A 43 6.08 7.47 14.55
CA PRO A 43 4.65 7.62 14.80
C PRO A 43 3.94 8.03 13.50
N CYS A 44 3.10 7.15 12.93
CA CYS A 44 2.54 7.35 11.59
C CYS A 44 1.23 6.60 11.29
N LYS A 45 0.46 7.15 10.33
CA LYS A 45 -0.62 6.49 9.59
C LYS A 45 0.03 5.81 8.38
N ILE A 46 0.37 4.53 8.53
CA ILE A 46 1.42 3.87 7.74
C ILE A 46 1.14 3.96 6.21
N PRO A 47 1.94 4.71 5.41
CA PRO A 47 1.60 5.04 4.02
C PRO A 47 1.48 3.83 3.09
N VAL A 48 0.27 3.59 2.57
CA VAL A 48 -0.03 2.58 1.56
C VAL A 48 -0.68 3.25 0.35
N ILE A 49 0.09 3.30 -0.75
CA ILE A 49 -0.28 3.92 -2.02
C ILE A 49 -0.19 2.88 -3.14
N VAL A 50 -0.81 3.15 -4.29
CA VAL A 50 -0.78 2.27 -5.46
C VAL A 50 -0.61 3.14 -6.69
N ALA A 51 0.38 2.85 -7.54
CA ALA A 51 0.65 3.68 -8.71
C ALA A 51 1.02 2.85 -9.94
N ASP A 52 1.07 3.50 -11.11
CA ASP A 52 1.63 2.92 -12.34
C ASP A 52 3.04 3.47 -12.63
N ASP A 53 3.52 4.40 -11.80
CA ASP A 53 4.71 5.24 -12.01
C ASP A 53 5.93 4.84 -11.16
N LEU A 54 5.81 3.79 -10.32
CA LEU A 54 6.82 3.26 -9.39
C LEU A 54 7.30 4.24 -8.29
N THR A 55 6.79 5.47 -8.21
CA THR A 55 7.20 6.48 -7.21
C THR A 55 6.03 7.11 -6.42
N ALA A 56 4.79 6.74 -6.74
CA ALA A 56 3.54 7.30 -6.24
C ALA A 56 3.34 8.78 -6.62
N ALA A 57 3.62 9.11 -7.89
CA ALA A 57 3.18 10.39 -8.46
C ALA A 57 1.65 10.44 -8.58
N ILE A 58 0.99 9.30 -8.86
CA ILE A 58 -0.46 9.17 -9.03
C ILE A 58 -0.99 7.98 -8.19
N ASN A 59 -1.88 8.22 -7.21
CA ASN A 59 -2.55 7.12 -6.51
C ASN A 59 -3.74 6.55 -7.30
N LYS A 60 -3.53 5.38 -7.90
CA LYS A 60 -4.50 4.54 -8.60
C LYS A 60 -5.57 3.95 -7.66
N GLY A 61 -5.17 3.24 -6.60
CA GLY A 61 -6.02 2.29 -5.86
C GLY A 61 -6.33 2.62 -4.40
N ILE A 62 -7.27 1.86 -3.82
CA ILE A 62 -7.96 2.12 -2.54
C ILE A 62 -7.46 1.19 -1.41
N LEU A 63 -7.61 1.63 -0.16
CA LEU A 63 -7.46 0.81 1.06
C LEU A 63 -8.81 0.14 1.37
N VAL A 64 -8.86 -1.18 1.47
CA VAL A 64 -10.10 -1.93 1.71
C VAL A 64 -10.36 -2.12 3.20
N THR A 65 -9.30 -2.28 4.01
CA THR A 65 -9.38 -2.39 5.47
C THR A 65 -8.74 -1.20 6.18
N VAL A 66 -8.86 -1.18 7.51
CA VAL A 66 -8.36 -0.12 8.40
C VAL A 66 -6.82 -0.03 8.40
N ASN A 67 -6.29 0.95 7.68
CA ASN A 67 -4.90 1.37 7.81
C ASN A 67 -4.65 1.93 9.23
N PRO A 68 -3.67 1.42 10.01
CA PRO A 68 -3.49 1.70 11.44
C PRO A 68 -2.76 3.03 11.73
N ILE A 69 -2.53 3.31 13.02
CA ILE A 69 -1.71 4.39 13.56
C ILE A 69 -0.66 3.77 14.49
N ALA A 70 0.61 3.88 14.11
CA ALA A 70 1.76 3.33 14.81
C ALA A 70 2.01 4.00 16.18
N SER A 71 1.19 3.67 17.19
CA SER A 71 1.42 4.05 18.59
C SER A 71 2.65 3.36 19.22
N THR A 72 3.22 2.37 18.53
CA THR A 72 4.53 1.76 18.75
C THR A 72 5.18 1.63 17.37
N ASN A 73 6.41 2.14 17.21
CA ASN A 73 7.06 2.27 15.91
C ASN A 73 7.30 0.94 15.17
N ASP A 74 7.22 -0.20 15.88
CA ASP A 74 7.33 -1.56 15.35
C ASP A 74 6.04 -2.06 14.65
N ASP A 75 5.03 -1.19 14.49
CA ASP A 75 3.72 -1.45 13.86
C ASP A 75 3.80 -2.36 12.63
N GLU A 76 3.13 -3.51 12.70
CA GLU A 76 2.90 -4.40 11.56
C GLU A 76 1.44 -4.85 11.46
N VAL A 77 0.96 -4.99 10.23
CA VAL A 77 -0.49 -5.03 9.97
C VAL A 77 -0.85 -5.79 8.69
N LEU A 78 -1.97 -6.51 8.76
CA LEU A 78 -2.73 -7.11 7.66
C LEU A 78 -3.48 -6.01 6.90
N ILE A 79 -3.21 -5.84 5.61
CA ILE A 79 -3.92 -4.87 4.76
C ILE A 79 -4.39 -5.51 3.46
N GLU A 80 -5.66 -5.29 3.12
CA GLU A 80 -6.19 -5.41 1.76
C GLU A 80 -6.23 -4.05 1.06
N VAL A 81 -5.86 -4.05 -0.23
CA VAL A 81 -5.99 -2.91 -1.15
C VAL A 81 -6.82 -3.30 -2.37
N ASN A 82 -7.35 -2.30 -3.07
CA ASN A 82 -8.16 -2.42 -4.28
C ASN A 82 -7.53 -1.57 -5.40
N PRO A 83 -6.67 -2.16 -6.25
CA PRO A 83 -6.36 -1.61 -7.56
C PRO A 83 -7.50 -1.90 -8.55
N PRO A 84 -7.87 -0.96 -9.44
CA PRO A 84 -8.75 -1.23 -10.57
C PRO A 84 -8.08 -2.12 -11.63
N PHE A 85 -8.81 -2.42 -12.71
CA PHE A 85 -8.34 -3.25 -13.82
C PHE A 85 -7.09 -2.66 -14.53
N GLY A 86 -6.37 -3.51 -15.26
CA GLY A 86 -5.06 -3.16 -15.83
C GLY A 86 -3.91 -3.43 -14.84
N ASP A 87 -2.88 -2.58 -14.88
CA ASP A 87 -1.64 -2.77 -14.10
C ASP A 87 -1.64 -2.04 -12.75
N SER A 88 -0.66 -2.33 -11.89
CA SER A 88 -0.36 -1.56 -10.67
C SER A 88 1.02 -1.90 -10.10
N TYR A 89 1.52 -0.99 -9.27
CA TYR A 89 2.63 -1.18 -8.34
C TYR A 89 2.15 -0.70 -6.98
N ILE A 90 1.94 -1.64 -6.05
CA ILE A 90 1.60 -1.32 -4.66
C ILE A 90 2.85 -0.71 -4.03
N ILE A 91 2.76 0.46 -3.39
CA ILE A 91 3.89 1.18 -2.78
C ILE A 91 3.63 1.33 -1.29
N VAL A 92 4.61 0.88 -0.49
CA VAL A 92 4.58 0.84 0.97
C VAL A 92 5.64 1.79 1.49
N GLY A 93 5.21 2.95 1.97
CA GLY A 93 6.04 3.92 2.68
C GLY A 93 6.37 5.21 1.93
N THR A 94 7.14 6.05 2.62
CA THR A 94 7.68 7.35 2.21
C THR A 94 9.15 7.48 2.66
N GLY A 95 9.86 8.52 2.19
CA GLY A 95 11.32 8.62 2.32
C GLY A 95 12.05 7.84 1.22
N ASP A 96 13.32 7.48 1.45
CA ASP A 96 14.01 6.44 0.67
C ASP A 96 13.49 5.03 1.03
N SER A 97 13.16 4.84 2.31
CA SER A 97 12.71 3.64 3.04
C SER A 97 11.51 2.84 2.51
N ARG A 98 10.99 3.18 1.32
CA ARG A 98 9.73 2.67 0.79
C ARG A 98 9.96 1.55 -0.22
N LEU A 99 9.13 0.50 -0.13
CA LEU A 99 9.20 -0.64 -1.06
C LEU A 99 8.01 -0.62 -2.03
N THR A 100 8.08 -1.44 -3.09
CA THR A 100 6.96 -1.65 -3.99
C THR A 100 6.86 -3.10 -4.49
N TYR A 101 5.66 -3.50 -4.93
CA TYR A 101 5.38 -4.81 -5.48
C TYR A 101 4.41 -4.71 -6.67
N GLN A 102 4.77 -5.36 -7.78
CA GLN A 102 4.05 -5.44 -9.04
C GLN A 102 2.71 -6.18 -8.91
N TRP A 103 1.66 -5.64 -9.54
CA TRP A 103 0.41 -6.36 -9.82
C TRP A 103 -0.15 -6.08 -11.22
N HIS A 104 -0.90 -7.05 -11.71
CA HIS A 104 -1.60 -7.04 -12.99
C HIS A 104 -2.97 -7.67 -12.73
N LYS A 105 -4.07 -6.94 -12.99
CA LYS A 105 -5.42 -7.39 -12.67
C LYS A 105 -5.95 -8.40 -13.70
N GLU A 106 -6.93 -9.18 -13.26
CA GLU A 106 -7.63 -10.20 -14.04
C GLU A 106 -8.32 -9.64 -15.30
N GLY A 107 -8.53 -10.51 -16.29
CA GLY A 107 -9.18 -10.25 -17.57
C GLY A 107 -8.72 -9.01 -18.35
N SER A 108 -7.58 -8.40 -17.98
CA SER A 108 -7.24 -7.02 -18.37
C SER A 108 -5.74 -6.77 -18.53
N SER A 109 -4.90 -7.24 -17.58
CA SER A 109 -3.44 -7.28 -17.77
C SER A 109 -2.84 -8.68 -17.54
N ILE A 110 -3.49 -9.52 -16.72
CA ILE A 110 -3.25 -10.97 -16.67
C ILE A 110 -4.59 -11.73 -16.72
N GLY A 111 -4.54 -13.06 -16.84
CA GLY A 111 -5.73 -13.91 -16.88
C GLY A 111 -6.59 -13.76 -15.62
N LYS A 112 -6.05 -14.16 -14.47
CA LYS A 112 -6.60 -13.93 -13.14
C LYS A 112 -5.48 -13.52 -12.18
N MET A 1 -9.12 0.90 -7.04
CA MET A 1 -9.65 2.24 -7.37
C MET A 1 -9.12 3.26 -6.37
N SER A 2 -9.14 4.56 -6.67
CA SER A 2 -8.48 5.59 -5.86
C SER A 2 -9.36 6.72 -5.32
N ALA A 3 -10.64 6.80 -5.71
CA ALA A 3 -11.56 7.92 -5.44
C ALA A 3 -12.04 8.10 -3.97
N LEU A 4 -11.32 7.59 -2.97
CA LEU A 4 -11.71 7.63 -1.55
C LEU A 4 -10.64 8.32 -0.66
N THR A 5 -10.96 8.49 0.63
CA THR A 5 -10.25 9.32 1.62
C THR A 5 -8.74 9.14 1.66
N LEU A 6 -8.25 7.93 2.00
CA LEU A 6 -6.83 7.65 2.16
C LEU A 6 -6.13 7.48 0.80
N LYS A 7 -5.98 8.60 0.07
CA LYS A 7 -5.30 8.64 -1.21
C LYS A 7 -4.61 9.98 -1.46
N GLY A 8 -3.35 10.10 -1.05
CA GLY A 8 -2.52 11.32 -1.17
C GLY A 8 -2.95 12.52 -0.30
N THR A 9 -4.17 12.50 0.24
CA THR A 9 -4.83 13.56 1.02
C THR A 9 -4.04 14.02 2.25
N SER A 10 -3.89 13.17 3.27
CA SER A 10 -3.13 13.49 4.49
C SER A 10 -2.87 12.26 5.36
N TYR A 11 -1.65 12.17 5.90
CA TYR A 11 -1.22 11.24 6.94
C TYR A 11 0.12 11.70 7.54
N LYS A 12 0.34 11.46 8.83
CA LYS A 12 1.68 11.48 9.44
C LYS A 12 2.48 10.33 8.85
N MET A 13 3.34 10.62 7.86
CA MET A 13 4.07 9.63 7.07
C MET A 13 5.12 8.83 7.86
N CYS A 14 5.49 7.66 7.33
CA CYS A 14 6.65 6.87 7.78
C CYS A 14 7.78 7.00 6.75
N THR A 15 9.02 7.17 7.21
CA THR A 15 10.21 7.19 6.34
C THR A 15 11.37 6.31 6.83
N ASP A 16 11.17 5.49 7.87
CA ASP A 16 12.09 4.40 8.20
C ASP A 16 11.80 3.16 7.33
N LYS A 17 12.77 2.22 7.27
CA LYS A 17 12.86 1.12 6.29
C LYS A 17 11.66 0.17 6.40
N MET A 18 10.78 0.21 5.40
CA MET A 18 9.58 -0.63 5.35
C MET A 18 9.89 -2.10 5.05
N SER A 19 8.94 -2.96 5.42
CA SER A 19 8.93 -4.37 5.05
C SER A 19 7.50 -4.92 4.95
N PHE A 20 7.29 -5.92 4.10
CA PHE A 20 6.10 -6.77 4.11
C PHE A 20 6.42 -8.06 4.88
N VAL A 21 5.70 -8.32 5.97
CA VAL A 21 5.65 -9.63 6.63
C VAL A 21 4.92 -10.66 5.76
N LYS A 22 4.02 -10.17 4.88
CA LYS A 22 3.38 -10.91 3.78
C LYS A 22 3.26 -9.97 2.58
N ASN A 23 3.73 -10.42 1.42
CA ASN A 23 3.53 -9.76 0.13
C ASN A 23 2.03 -9.64 -0.22
N PRO A 24 1.59 -8.55 -0.87
CA PRO A 24 0.21 -8.43 -1.36
C PRO A 24 -0.16 -9.61 -2.26
N THR A 25 -1.37 -10.18 -2.09
CA THR A 25 -1.94 -11.19 -2.99
C THR A 25 -3.41 -10.88 -3.29
N ASP A 26 -3.74 -10.82 -4.59
CA ASP A 26 -5.11 -10.70 -5.10
C ASP A 26 -6.00 -11.83 -4.57
N THR A 27 -7.06 -11.47 -3.83
CA THR A 27 -8.02 -12.41 -3.27
C THR A 27 -9.07 -12.87 -4.29
N GLY A 28 -9.18 -12.21 -5.45
CA GLY A 28 -10.32 -12.34 -6.36
C GLY A 28 -11.65 -11.80 -5.81
N HIS A 29 -11.71 -11.40 -4.53
CA HIS A 29 -12.90 -10.83 -3.89
C HIS A 29 -13.04 -9.32 -4.19
N GLY A 30 -12.15 -8.75 -5.02
CA GLY A 30 -12.00 -7.32 -5.26
C GLY A 30 -10.88 -6.67 -4.42
N THR A 31 -10.05 -7.47 -3.74
CA THR A 31 -9.04 -7.01 -2.78
C THR A 31 -7.66 -7.64 -3.01
N VAL A 32 -6.64 -7.06 -2.38
CA VAL A 32 -5.26 -7.53 -2.30
C VAL A 32 -4.83 -7.46 -0.83
N VAL A 33 -4.50 -8.59 -0.20
CA VAL A 33 -4.19 -8.67 1.24
C VAL A 33 -2.68 -8.76 1.51
N MET A 34 -2.18 -7.94 2.45
CA MET A 34 -0.79 -7.88 2.89
C MET A 34 -0.65 -7.74 4.42
N GLN A 35 0.57 -8.01 4.91
CA GLN A 35 1.01 -7.70 6.28
C GLN A 35 2.27 -6.85 6.17
N VAL A 36 2.34 -5.69 6.84
CA VAL A 36 3.47 -4.75 6.73
C VAL A 36 4.01 -4.33 8.10
N LYS A 37 5.31 -4.05 8.19
CA LYS A 37 6.04 -3.74 9.43
C LYS A 37 7.02 -2.58 9.26
N VAL A 38 6.99 -1.66 10.25
CA VAL A 38 8.01 -0.63 10.49
C VAL A 38 8.97 -1.07 11.62
N PRO A 39 10.20 -0.51 11.74
CA PRO A 39 11.19 -0.95 12.75
C PRO A 39 11.52 0.05 13.86
N LYS A 40 11.94 1.29 13.55
CA LYS A 40 12.33 2.31 14.55
C LYS A 40 11.97 3.74 14.12
N GLY A 41 12.15 4.69 15.05
CA GLY A 41 12.12 6.15 14.85
C GLY A 41 10.78 6.81 14.45
N ALA A 42 9.83 6.06 13.89
CA ALA A 42 8.66 6.60 13.20
C ALA A 42 7.34 6.33 13.95
N PRO A 43 6.71 7.35 14.57
CA PRO A 43 5.27 7.37 14.79
C PRO A 43 4.55 7.82 13.49
N CYS A 44 3.59 7.03 12.99
CA CYS A 44 2.96 7.33 11.70
C CYS A 44 1.61 6.63 11.43
N LYS A 45 0.72 7.30 10.68
CA LYS A 45 -0.47 6.73 10.02
C LYS A 45 0.01 6.14 8.70
N ILE A 46 0.07 4.80 8.60
CA ILE A 46 1.02 4.19 7.68
C ILE A 46 0.63 4.46 6.21
N PRO A 47 1.55 4.97 5.36
CA PRO A 47 1.27 5.41 4.00
C PRO A 47 1.08 4.23 3.03
N VAL A 48 -0.17 4.03 2.59
CA VAL A 48 -0.59 3.01 1.63
C VAL A 48 -1.02 3.66 0.31
N ILE A 49 -0.19 3.47 -0.71
CA ILE A 49 -0.35 4.03 -2.05
C ILE A 49 -0.21 2.92 -3.10
N VAL A 50 -0.76 3.13 -4.29
CA VAL A 50 -0.73 2.19 -5.41
C VAL A 50 -0.61 3.01 -6.68
N ALA A 51 0.38 2.74 -7.52
CA ALA A 51 0.72 3.60 -8.66
C ALA A 51 1.32 2.80 -9.83
N ASP A 52 1.48 3.43 -11.00
CA ASP A 52 2.15 2.86 -12.17
C ASP A 52 3.67 3.13 -12.20
N ASP A 53 4.19 3.87 -11.21
CA ASP A 53 5.39 4.70 -11.33
C ASP A 53 6.47 4.43 -10.25
N LEU A 54 6.23 3.46 -9.34
CA LEU A 54 7.04 3.13 -8.16
C LEU A 54 7.20 4.26 -7.11
N THR A 55 6.62 5.46 -7.34
CA THR A 55 6.84 6.67 -6.52
C THR A 55 5.57 7.38 -6.04
N ALA A 56 4.39 6.99 -6.52
CA ALA A 56 3.09 7.58 -6.23
C ALA A 56 2.95 9.05 -6.69
N ALA A 57 3.32 9.33 -7.95
CA ALA A 57 2.84 10.51 -8.67
C ALA A 57 1.40 10.27 -9.19
N ILE A 58 1.11 9.05 -9.65
CA ILE A 58 -0.22 8.52 -10.00
C ILE A 58 -0.76 7.73 -8.80
N ASN A 59 -2.08 7.61 -8.63
CA ASN A 59 -2.71 6.89 -7.51
C ASN A 59 -3.96 6.08 -7.94
N LYS A 60 -3.96 4.78 -7.62
CA LYS A 60 -4.80 3.75 -8.28
C LYS A 60 -5.60 2.83 -7.34
N GLY A 61 -5.27 2.75 -6.04
CA GLY A 61 -5.77 1.74 -5.11
C GLY A 61 -6.06 2.24 -3.69
N ILE A 62 -7.06 1.64 -3.03
CA ILE A 62 -7.67 2.16 -1.79
C ILE A 62 -7.77 1.12 -0.69
N LEU A 63 -7.68 1.60 0.55
CA LEU A 63 -7.78 0.88 1.81
C LEU A 63 -9.17 0.22 1.95
N VAL A 64 -9.21 -1.11 1.99
CA VAL A 64 -10.44 -1.90 2.25
C VAL A 64 -10.73 -1.97 3.75
N THR A 65 -9.67 -2.11 4.57
CA THR A 65 -9.74 -1.95 6.03
C THR A 65 -9.43 -0.51 6.45
N VAL A 66 -9.55 -0.20 7.75
CA VAL A 66 -9.18 1.09 8.34
C VAL A 66 -7.66 1.31 8.27
N ASN A 67 -7.21 2.51 7.88
CA ASN A 67 -5.78 2.85 7.77
C ASN A 67 -5.10 2.87 9.16
N PRO A 68 -4.16 1.95 9.44
CA PRO A 68 -3.56 1.79 10.77
C PRO A 68 -2.49 2.84 11.09
N ILE A 69 -1.98 2.78 12.33
CA ILE A 69 -1.04 3.72 12.93
C ILE A 69 0.03 2.94 13.71
N ALA A 70 1.29 3.29 13.48
CA ALA A 70 2.43 2.90 14.30
C ALA A 70 2.48 3.76 15.57
N SER A 71 1.96 3.23 16.68
CA SER A 71 2.09 3.83 18.03
C SER A 71 3.30 3.29 18.80
N THR A 72 3.86 2.17 18.36
CA THR A 72 5.18 1.65 18.72
C THR A 72 5.98 1.50 17.42
N ASN A 73 7.25 1.93 17.39
CA ASN A 73 7.95 2.05 16.11
C ASN A 73 8.24 0.71 15.41
N ASP A 74 8.11 -0.42 16.12
CA ASP A 74 8.21 -1.78 15.59
C ASP A 74 6.85 -2.33 15.08
N ASP A 75 5.75 -1.55 15.15
CA ASP A 75 4.39 -2.05 14.84
C ASP A 75 4.30 -2.73 13.46
N GLU A 76 3.57 -3.85 13.42
CA GLU A 76 3.26 -4.61 12.22
C GLU A 76 1.77 -4.94 12.14
N VAL A 77 1.21 -4.91 10.92
CA VAL A 77 -0.24 -4.82 10.75
C VAL A 77 -0.75 -5.42 9.44
N LEU A 78 -1.94 -6.03 9.52
CA LEU A 78 -2.81 -6.51 8.44
C LEU A 78 -3.39 -5.31 7.65
N ILE A 79 -3.24 -5.30 6.32
CA ILE A 79 -3.97 -4.36 5.46
C ILE A 79 -4.49 -5.07 4.20
N GLU A 80 -5.72 -4.76 3.81
CA GLU A 80 -6.26 -5.05 2.49
C GLU A 80 -6.45 -3.77 1.67
N VAL A 81 -6.20 -3.86 0.36
CA VAL A 81 -6.46 -2.78 -0.61
C VAL A 81 -7.27 -3.26 -1.81
N ASN A 82 -8.04 -2.35 -2.41
CA ASN A 82 -8.79 -2.54 -3.65
C ASN A 82 -7.94 -2.03 -4.83
N PRO A 83 -7.53 -2.91 -5.77
CA PRO A 83 -6.78 -2.51 -6.96
C PRO A 83 -7.68 -1.81 -7.99
N PRO A 84 -7.12 -1.19 -9.03
CA PRO A 84 -7.86 -0.80 -10.23
C PRO A 84 -8.13 -2.05 -11.11
N PHE A 85 -8.76 -1.87 -12.27
CA PHE A 85 -8.48 -2.77 -13.40
C PHE A 85 -7.10 -2.43 -14.01
N GLY A 86 -6.44 -3.41 -14.61
CA GLY A 86 -5.16 -3.18 -15.30
C GLY A 86 -3.93 -3.00 -14.39
N ASP A 87 -2.93 -2.31 -14.95
CA ASP A 87 -1.54 -2.19 -14.47
C ASP A 87 -1.43 -1.45 -13.12
N SER A 88 -0.46 -1.84 -12.26
CA SER A 88 -0.15 -1.18 -10.97
C SER A 88 1.01 -1.83 -10.20
N TYR A 89 1.57 -1.05 -9.28
CA TYR A 89 2.54 -1.39 -8.25
C TYR A 89 2.00 -0.91 -6.89
N ILE A 90 1.79 -1.85 -5.94
CA ILE A 90 1.37 -1.55 -4.57
C ILE A 90 2.58 -1.00 -3.82
N ILE A 91 2.55 0.22 -3.28
CA ILE A 91 3.69 0.90 -2.64
C ILE A 91 3.43 1.05 -1.13
N VAL A 92 4.44 0.67 -0.34
CA VAL A 92 4.44 0.70 1.13
C VAL A 92 5.60 1.59 1.58
N GLY A 93 5.27 2.79 2.07
CA GLY A 93 6.25 3.73 2.64
C GLY A 93 6.44 5.03 1.86
N THR A 94 7.28 5.90 2.44
CA THR A 94 7.81 7.14 1.86
C THR A 94 9.31 7.26 2.17
N GLY A 95 10.00 8.19 1.48
CA GLY A 95 11.47 8.21 1.45
C GLY A 95 12.06 7.08 0.59
N ASP A 96 13.39 6.96 0.57
CA ASP A 96 14.11 5.84 -0.05
C ASP A 96 13.71 4.48 0.56
N SER A 97 13.32 4.53 1.85
CA SER A 97 12.86 3.46 2.71
C SER A 97 11.64 2.65 2.25
N ARG A 98 10.94 3.10 1.20
CA ARG A 98 9.69 2.49 0.72
C ARG A 98 9.95 1.24 -0.12
N LEU A 99 9.04 0.27 -0.05
CA LEU A 99 9.04 -0.93 -0.90
C LEU A 99 7.79 -0.95 -1.79
N THR A 100 7.80 -1.81 -2.82
CA THR A 100 6.63 -2.03 -3.66
C THR A 100 6.59 -3.44 -4.29
N TYR A 101 5.41 -3.85 -4.75
CA TYR A 101 5.16 -5.12 -5.43
C TYR A 101 4.19 -4.92 -6.60
N GLN A 102 4.52 -5.46 -7.78
CA GLN A 102 3.73 -5.37 -9.00
C GLN A 102 2.44 -6.20 -8.88
N TRP A 103 1.29 -5.56 -9.11
CA TRP A 103 -0.02 -6.22 -9.21
C TRP A 103 -0.82 -5.66 -10.38
N HIS A 104 -0.64 -6.30 -11.53
CA HIS A 104 -1.42 -6.05 -12.73
C HIS A 104 -2.68 -6.91 -12.64
N LYS A 105 -3.84 -6.27 -12.79
CA LYS A 105 -5.17 -6.86 -12.65
C LYS A 105 -5.80 -7.06 -14.04
N GLU A 106 -6.77 -7.97 -14.13
CA GLU A 106 -7.58 -8.24 -15.31
C GLU A 106 -8.02 -6.95 -16.04
N GLY A 107 -7.73 -6.85 -17.34
CA GLY A 107 -8.29 -5.84 -18.24
C GLY A 107 -7.31 -4.95 -19.01
N SER A 108 -5.99 -5.12 -18.87
CA SER A 108 -5.00 -4.46 -19.75
C SER A 108 -3.89 -5.41 -20.20
N SER A 109 -2.88 -5.65 -19.35
CA SER A 109 -1.64 -6.37 -19.66
C SER A 109 -1.60 -7.78 -19.09
N ILE A 110 -2.66 -8.23 -18.41
CA ILE A 110 -2.89 -9.63 -18.03
C ILE A 110 -4.39 -9.97 -18.12
N GLY A 111 -4.70 -11.26 -18.28
CA GLY A 111 -6.08 -11.77 -18.35
C GLY A 111 -6.70 -11.99 -16.97
N LYS A 112 -5.91 -12.46 -16.00
CA LYS A 112 -6.21 -12.65 -14.58
C LYS A 112 -4.88 -12.72 -13.81
N MET A 1 -9.61 1.17 -6.78
CA MET A 1 -9.81 2.56 -7.26
C MET A 1 -9.44 3.55 -6.15
N SER A 2 -8.91 4.74 -6.50
CA SER A 2 -8.34 5.71 -5.55
C SER A 2 -9.28 6.84 -5.08
N ALA A 3 -10.47 6.96 -5.66
CA ALA A 3 -11.37 8.12 -5.56
C ALA A 3 -11.99 8.41 -4.16
N LEU A 4 -11.39 7.94 -3.06
CA LEU A 4 -11.95 8.06 -1.71
C LEU A 4 -10.86 8.20 -0.63
N THR A 5 -11.19 8.93 0.45
CA THR A 5 -10.44 9.21 1.70
C THR A 5 -8.91 9.09 1.63
N LEU A 6 -8.34 7.92 1.95
CA LEU A 6 -6.92 7.73 2.18
C LEU A 6 -6.15 7.49 0.88
N LYS A 7 -5.94 8.59 0.13
CA LYS A 7 -5.09 8.62 -1.05
C LYS A 7 -4.44 10.00 -1.24
N GLY A 8 -3.24 10.18 -0.70
CA GLY A 8 -2.45 11.43 -0.79
C GLY A 8 -3.04 12.65 -0.05
N THR A 9 -4.21 12.50 0.56
CA THR A 9 -5.01 13.54 1.19
C THR A 9 -4.32 14.18 2.39
N SER A 10 -3.96 13.39 3.42
CA SER A 10 -3.13 13.83 4.55
C SER A 10 -2.67 12.67 5.43
N TYR A 11 -1.39 12.65 5.83
CA TYR A 11 -0.84 11.77 6.87
C TYR A 11 0.52 12.26 7.37
N LYS A 12 0.77 12.10 8.68
CA LYS A 12 2.12 12.02 9.26
C LYS A 12 2.76 10.73 8.74
N MET A 13 3.54 10.86 7.68
CA MET A 13 4.14 9.78 6.90
C MET A 13 5.20 8.97 7.67
N CYS A 14 5.53 7.77 7.17
CA CYS A 14 6.66 6.96 7.63
C CYS A 14 7.83 7.05 6.64
N THR A 15 9.07 7.15 7.16
CA THR A 15 10.31 7.25 6.35
C THR A 15 11.48 6.42 6.88
N ASP A 16 11.30 5.58 7.90
CA ASP A 16 12.26 4.52 8.24
C ASP A 16 12.02 3.26 7.36
N LYS A 17 12.98 2.33 7.33
CA LYS A 17 13.05 1.17 6.42
C LYS A 17 11.91 0.17 6.69
N MET A 18 10.82 0.31 5.94
CA MET A 18 9.63 -0.54 6.04
C MET A 18 9.82 -1.91 5.38
N SER A 19 8.87 -2.83 5.59
CA SER A 19 8.78 -4.07 4.81
C SER A 19 7.37 -4.67 4.80
N PHE A 20 7.09 -5.51 3.80
CA PHE A 20 5.97 -6.44 3.81
C PHE A 20 6.38 -7.74 4.51
N VAL A 21 5.76 -8.03 5.66
CA VAL A 21 5.83 -9.33 6.35
C VAL A 21 5.17 -10.43 5.50
N LYS A 22 4.17 -10.05 4.69
CA LYS A 22 3.58 -10.82 3.60
C LYS A 22 3.28 -9.88 2.44
N ASN A 23 3.68 -10.27 1.23
CA ASN A 23 3.38 -9.60 -0.02
C ASN A 23 1.86 -9.53 -0.32
N PRO A 24 1.38 -8.46 -1.00
CA PRO A 24 0.00 -8.39 -1.48
C PRO A 24 -0.33 -9.57 -2.41
N THR A 25 -1.45 -10.24 -2.17
CA THR A 25 -2.00 -11.30 -3.03
C THR A 25 -3.45 -11.03 -3.39
N ASP A 26 -3.76 -11.02 -4.69
CA ASP A 26 -5.12 -10.89 -5.24
C ASP A 26 -6.03 -12.02 -4.78
N THR A 27 -7.18 -11.65 -4.21
CA THR A 27 -8.26 -12.55 -3.81
C THR A 27 -9.13 -13.02 -4.98
N GLY A 28 -9.06 -12.35 -6.15
CA GLY A 28 -10.05 -12.50 -7.21
C GLY A 28 -11.44 -11.91 -6.88
N HIS A 29 -11.67 -11.42 -5.65
CA HIS A 29 -12.92 -10.81 -5.20
C HIS A 29 -12.94 -9.28 -5.44
N GLY A 30 -11.84 -8.73 -5.97
CA GLY A 30 -11.64 -7.28 -6.15
C GLY A 30 -10.71 -6.65 -5.11
N THR A 31 -10.22 -7.42 -4.14
CA THR A 31 -9.28 -6.97 -3.09
C THR A 31 -7.97 -7.78 -3.13
N VAL A 32 -6.92 -7.20 -2.54
CA VAL A 32 -5.54 -7.72 -2.54
C VAL A 32 -4.99 -7.60 -1.11
N VAL A 33 -4.53 -8.71 -0.52
CA VAL A 33 -4.26 -8.83 0.93
C VAL A 33 -2.76 -8.97 1.26
N MET A 34 -2.24 -8.14 2.18
CA MET A 34 -0.83 -8.06 2.61
C MET A 34 -0.67 -7.95 4.14
N GLN A 35 0.57 -8.12 4.62
CA GLN A 35 0.98 -7.78 6.00
C GLN A 35 2.20 -6.84 5.90
N VAL A 36 2.19 -5.69 6.58
CA VAL A 36 3.26 -4.68 6.49
C VAL A 36 3.75 -4.21 7.87
N LYS A 37 5.02 -3.75 7.95
CA LYS A 37 5.74 -3.43 9.20
C LYS A 37 6.63 -2.19 9.09
N VAL A 38 6.74 -1.44 10.20
CA VAL A 38 7.80 -0.46 10.50
C VAL A 38 8.70 -1.01 11.64
N PRO A 39 9.99 -0.60 11.80
CA PRO A 39 10.88 -1.19 12.82
C PRO A 39 11.24 -0.27 14.01
N LYS A 40 11.68 0.97 13.79
CA LYS A 40 11.97 1.93 14.87
C LYS A 40 11.77 3.39 14.44
N GLY A 41 11.87 4.33 15.40
CA GLY A 41 11.93 5.78 15.19
C GLY A 41 10.66 6.48 14.65
N ALA A 42 9.57 5.74 14.41
CA ALA A 42 8.47 6.16 13.54
C ALA A 42 7.12 6.25 14.27
N PRO A 43 6.69 7.46 14.70
CA PRO A 43 5.28 7.81 14.87
C PRO A 43 4.69 8.23 13.50
N CYS A 44 3.77 7.41 12.96
CA CYS A 44 3.16 7.70 11.66
C CYS A 44 1.82 6.98 11.40
N LYS A 45 0.98 7.59 10.54
CA LYS A 45 -0.12 6.93 9.82
C LYS A 45 0.51 6.24 8.61
N ILE A 46 0.53 4.91 8.63
CA ILE A 46 1.40 4.13 7.74
C ILE A 46 1.00 4.29 6.25
N PRO A 47 1.82 4.93 5.40
CA PRO A 47 1.38 5.39 4.08
C PRO A 47 1.29 4.24 3.06
N VAL A 48 0.05 3.95 2.62
CA VAL A 48 -0.30 2.92 1.63
C VAL A 48 -0.82 3.58 0.35
N ILE A 49 0.01 3.50 -0.69
CA ILE A 49 -0.22 4.10 -2.00
C ILE A 49 -0.06 3.04 -3.10
N VAL A 50 -0.65 3.29 -4.28
CA VAL A 50 -0.76 2.29 -5.36
C VAL A 50 -0.67 3.00 -6.71
N ALA A 51 0.38 2.71 -7.51
CA ALA A 51 0.76 3.52 -8.66
C ALA A 51 0.98 2.70 -9.94
N ASP A 52 1.36 3.34 -11.05
CA ASP A 52 1.94 2.67 -12.23
C ASP A 52 3.43 3.01 -12.43
N ASP A 53 3.99 3.83 -11.54
CA ASP A 53 5.22 4.61 -11.75
C ASP A 53 6.31 4.35 -10.71
N LEU A 54 6.11 3.36 -9.82
CA LEU A 54 6.99 2.97 -8.70
C LEU A 54 7.15 4.03 -7.58
N THR A 55 6.62 5.25 -7.72
CA THR A 55 6.84 6.37 -6.79
C THR A 55 5.56 7.05 -6.28
N ALA A 56 4.38 6.66 -6.75
CA ALA A 56 3.07 7.21 -6.42
C ALA A 56 2.85 8.63 -6.95
N ALA A 57 3.38 8.91 -8.15
CA ALA A 57 3.00 10.10 -8.92
C ALA A 57 1.53 10.00 -9.35
N ILE A 58 1.14 8.87 -9.92
CA ILE A 58 -0.24 8.42 -10.13
C ILE A 58 -0.67 7.63 -8.87
N ASN A 59 -1.96 7.64 -8.53
CA ASN A 59 -2.47 6.90 -7.37
C ASN A 59 -3.84 6.27 -7.64
N LYS A 60 -3.99 4.96 -7.35
CA LYS A 60 -5.06 4.10 -7.91
C LYS A 60 -5.81 3.20 -6.92
N GLY A 61 -5.38 3.07 -5.66
CA GLY A 61 -5.83 1.98 -4.77
C GLY A 61 -6.37 2.41 -3.40
N ILE A 62 -7.56 1.90 -3.03
CA ILE A 62 -8.23 2.15 -1.74
C ILE A 62 -7.80 1.14 -0.67
N LEU A 63 -7.96 1.52 0.60
CA LEU A 63 -7.79 0.70 1.80
C LEU A 63 -9.14 0.06 2.18
N VAL A 64 -9.22 -1.27 2.21
CA VAL A 64 -10.46 -2.01 2.52
C VAL A 64 -10.63 -2.24 4.04
N THR A 65 -9.52 -2.25 4.81
CA THR A 65 -9.51 -2.36 6.27
C THR A 65 -8.70 -1.22 6.91
N VAL A 66 -8.69 -1.15 8.24
CA VAL A 66 -8.06 -0.09 9.05
C VAL A 66 -6.57 0.06 8.80
N ASN A 67 -6.20 1.16 8.12
CA ASN A 67 -4.84 1.71 8.09
C ASN A 67 -4.49 2.33 9.46
N PRO A 68 -3.53 1.80 10.23
CA PRO A 68 -3.28 2.20 11.62
C PRO A 68 -2.40 3.45 11.77
N ILE A 69 -2.17 3.84 13.02
CA ILE A 69 -1.14 4.77 13.50
C ILE A 69 -0.13 3.90 14.27
N ALA A 70 1.12 3.89 13.82
CA ALA A 70 2.24 3.27 14.51
C ALA A 70 2.53 3.98 15.84
N SER A 71 1.81 3.60 16.90
CA SER A 71 2.06 4.08 18.27
C SER A 71 3.19 3.31 18.98
N THR A 72 3.66 2.22 18.38
CA THR A 72 4.85 1.46 18.74
C THR A 72 5.70 1.36 17.48
N ASN A 73 6.95 1.82 17.51
CA ASN A 73 7.69 2.01 16.26
C ASN A 73 8.04 0.71 15.50
N ASP A 74 7.83 -0.46 16.13
CA ASP A 74 7.89 -1.80 15.52
C ASP A 74 6.53 -2.28 14.96
N ASP A 75 5.47 -1.45 14.97
CA ASP A 75 4.10 -1.81 14.55
C ASP A 75 4.04 -2.55 13.19
N GLU A 76 3.24 -3.62 13.16
CA GLU A 76 2.92 -4.37 11.96
C GLU A 76 1.42 -4.70 11.88
N VAL A 77 0.90 -4.84 10.66
CA VAL A 77 -0.55 -4.87 10.41
C VAL A 77 -0.92 -5.65 9.15
N LEU A 78 -2.07 -6.34 9.22
CA LEU A 78 -2.81 -6.96 8.11
C LEU A 78 -3.62 -5.89 7.36
N ILE A 79 -3.40 -5.71 6.05
CA ILE A 79 -4.17 -4.77 5.23
C ILE A 79 -4.65 -5.44 3.93
N GLU A 80 -5.91 -5.18 3.57
CA GLU A 80 -6.46 -5.37 2.24
C GLU A 80 -6.56 -4.03 1.50
N VAL A 81 -6.26 -4.05 0.19
CA VAL A 81 -6.45 -2.90 -0.71
C VAL A 81 -7.29 -3.29 -1.93
N ASN A 82 -7.87 -2.26 -2.59
CA ASN A 82 -8.62 -2.37 -3.83
C ASN A 82 -7.91 -1.57 -4.95
N PRO A 83 -7.17 -2.21 -5.87
CA PRO A 83 -6.64 -1.59 -7.09
C PRO A 83 -7.78 -1.29 -8.09
N PRO A 84 -7.50 -0.70 -9.27
CA PRO A 84 -8.42 -0.75 -10.40
C PRO A 84 -8.34 -2.11 -11.11
N PHE A 85 -9.14 -2.28 -12.17
CA PHE A 85 -8.81 -3.21 -13.25
C PHE A 85 -7.49 -2.80 -13.90
N GLY A 86 -6.72 -3.78 -14.39
CA GLY A 86 -5.39 -3.55 -14.98
C GLY A 86 -4.23 -3.44 -13.98
N ASP A 87 -3.11 -2.90 -14.47
CA ASP A 87 -1.79 -2.85 -13.82
C ASP A 87 -1.76 -2.05 -12.50
N SER A 88 -0.77 -2.33 -11.64
CA SER A 88 -0.40 -1.50 -10.49
C SER A 88 0.97 -1.87 -9.89
N TYR A 89 1.46 -1.02 -9.00
CA TYR A 89 2.54 -1.23 -8.05
C TYR A 89 2.04 -0.80 -6.67
N ILE A 90 1.84 -1.74 -5.76
CA ILE A 90 1.56 -1.44 -4.35
C ILE A 90 2.84 -0.85 -3.75
N ILE A 91 2.75 0.30 -3.09
CA ILE A 91 3.90 1.01 -2.50
C ILE A 91 3.67 1.17 -1.00
N VAL A 92 4.64 0.66 -0.23
CA VAL A 92 4.70 0.70 1.24
C VAL A 92 5.80 1.67 1.64
N GLY A 93 5.41 2.90 2.00
CA GLY A 93 6.33 3.89 2.57
C GLY A 93 6.57 5.14 1.73
N THR A 94 7.40 6.01 2.31
CA THR A 94 7.95 7.24 1.74
C THR A 94 9.44 7.38 2.10
N GLY A 95 10.13 8.32 1.44
CA GLY A 95 11.59 8.40 1.45
C GLY A 95 12.25 7.29 0.62
N ASP A 96 13.58 7.21 0.66
CA ASP A 96 14.35 6.11 0.05
C ASP A 96 13.95 4.76 0.66
N SER A 97 13.54 4.78 1.93
CA SER A 97 13.10 3.69 2.80
C SER A 97 11.88 2.88 2.35
N ARG A 98 11.19 3.29 1.28
CA ARG A 98 9.94 2.67 0.82
C ARG A 98 10.20 1.38 0.02
N LEU A 99 9.27 0.43 0.10
CA LEU A 99 9.27 -0.76 -0.77
C LEU A 99 8.07 -0.72 -1.72
N THR A 100 8.10 -1.56 -2.76
CA THR A 100 6.96 -1.76 -3.65
C THR A 100 6.88 -3.20 -4.17
N TYR A 101 5.68 -3.60 -4.60
CA TYR A 101 5.35 -4.91 -5.14
C TYR A 101 4.38 -4.75 -6.33
N GLN A 102 4.80 -5.26 -7.49
CA GLN A 102 4.04 -5.20 -8.75
C GLN A 102 2.77 -6.07 -8.68
N TRP A 103 1.67 -5.56 -9.26
CA TRP A 103 0.46 -6.33 -9.52
C TRP A 103 -0.09 -6.04 -10.92
N HIS A 104 -0.86 -7.00 -11.44
CA HIS A 104 -1.66 -6.87 -12.63
C HIS A 104 -3.03 -7.45 -12.29
N LYS A 105 -4.05 -6.59 -12.15
CA LYS A 105 -5.44 -7.02 -12.08
C LYS A 105 -5.92 -7.25 -13.52
N GLU A 106 -6.91 -8.12 -13.69
CA GLU A 106 -7.61 -8.40 -14.94
C GLU A 106 -7.92 -7.12 -15.73
N GLY A 107 -7.63 -7.11 -17.04
CA GLY A 107 -8.20 -6.15 -17.99
C GLY A 107 -7.24 -5.14 -18.64
N SER A 108 -5.92 -5.31 -18.56
CA SER A 108 -4.95 -4.52 -19.35
C SER A 108 -3.85 -5.40 -19.95
N SER A 109 -2.85 -5.78 -19.14
CA SER A 109 -1.66 -6.56 -19.49
C SER A 109 -1.79 -8.04 -19.13
N ILE A 110 -2.82 -8.39 -18.34
CA ILE A 110 -3.14 -9.75 -17.90
C ILE A 110 -4.64 -10.02 -18.13
N GLY A 111 -4.96 -11.28 -18.43
CA GLY A 111 -6.34 -11.76 -18.52
C GLY A 111 -6.98 -11.88 -17.14
N LYS A 112 -6.33 -12.64 -16.25
CA LYS A 112 -6.62 -12.79 -14.82
C LYS A 112 -5.32 -13.16 -14.10
N MET A 1 -7.35 7.03 -7.62
CA MET A 1 -8.12 7.93 -6.73
C MET A 1 -7.24 8.55 -5.66
N SER A 2 -7.31 9.88 -5.51
CA SER A 2 -6.63 10.67 -4.46
C SER A 2 -7.57 11.47 -3.56
N ALA A 3 -8.88 11.48 -3.86
CA ALA A 3 -9.91 12.31 -3.24
C ALA A 3 -10.26 11.98 -1.76
N LEU A 4 -9.47 11.13 -1.10
CA LEU A 4 -9.67 10.70 0.29
C LEU A 4 -8.38 10.89 1.10
N THR A 5 -8.52 11.11 2.41
CA THR A 5 -7.48 11.48 3.39
C THR A 5 -6.17 10.71 3.19
N LEU A 6 -6.19 9.40 3.47
CA LEU A 6 -5.07 8.48 3.37
C LEU A 6 -4.50 8.32 1.95
N LYS A 7 -5.18 8.81 0.91
CA LYS A 7 -4.77 8.67 -0.50
C LYS A 7 -4.15 9.97 -1.03
N GLY A 8 -3.02 10.34 -0.44
CA GLY A 8 -2.24 11.52 -0.84
C GLY A 8 -2.76 12.86 -0.28
N THR A 9 -4.02 12.94 0.15
CA THR A 9 -4.63 14.19 0.61
C THR A 9 -4.08 14.66 1.97
N SER A 10 -4.05 13.82 3.01
CA SER A 10 -3.46 14.13 4.33
C SER A 10 -3.38 12.91 5.27
N TYR A 11 -2.19 12.61 5.77
CA TYR A 11 -1.92 11.67 6.87
C TYR A 11 -0.54 11.97 7.51
N LYS A 12 -0.35 11.58 8.79
CA LYS A 12 0.96 11.62 9.47
C LYS A 12 1.80 10.43 8.98
N MET A 13 2.77 10.72 8.11
CA MET A 13 3.67 9.76 7.46
C MET A 13 4.67 9.02 8.38
N CYS A 14 4.99 7.77 8.03
CA CYS A 14 6.19 7.05 8.49
C CYS A 14 7.28 7.17 7.42
N THR A 15 8.56 7.28 7.82
CA THR A 15 9.69 7.31 6.87
C THR A 15 10.93 6.52 7.29
N ASP A 16 10.92 5.80 8.42
CA ASP A 16 11.94 4.78 8.71
C ASP A 16 11.78 3.56 7.76
N LYS A 17 12.84 2.74 7.63
CA LYS A 17 12.96 1.64 6.67
C LYS A 17 11.91 0.55 6.88
N MET A 18 10.81 0.65 6.13
CA MET A 18 9.69 -0.30 6.15
C MET A 18 9.98 -1.54 5.30
N SER A 19 9.17 -2.59 5.47
CA SER A 19 9.15 -3.75 4.57
C SER A 19 7.85 -4.54 4.67
N PHE A 20 7.59 -5.37 3.66
CA PHE A 20 6.57 -6.42 3.72
C PHE A 20 7.06 -7.57 4.59
N VAL A 21 6.19 -8.08 5.49
CA VAL A 21 6.36 -9.41 6.11
C VAL A 21 5.69 -10.50 5.26
N LYS A 22 4.79 -10.10 4.35
CA LYS A 22 4.11 -10.93 3.33
C LYS A 22 3.85 -10.05 2.11
N ASN A 23 4.36 -10.49 0.95
CA ASN A 23 4.08 -9.85 -0.34
C ASN A 23 2.57 -9.84 -0.68
N PRO A 24 2.08 -8.80 -1.37
CA PRO A 24 0.70 -8.72 -1.86
C PRO A 24 0.31 -9.95 -2.70
N THR A 25 -0.84 -10.56 -2.37
CA THR A 25 -1.49 -11.59 -3.20
C THR A 25 -2.96 -11.24 -3.44
N ASP A 26 -3.44 -11.36 -4.68
CA ASP A 26 -4.85 -11.23 -5.01
C ASP A 26 -5.67 -12.29 -4.27
N THR A 27 -6.64 -11.85 -3.47
CA THR A 27 -7.57 -12.72 -2.73
C THR A 27 -8.60 -13.38 -3.65
N GLY A 28 -8.77 -12.91 -4.89
CA GLY A 28 -9.90 -13.23 -5.75
C GLY A 28 -11.21 -12.56 -5.31
N HIS A 29 -11.23 -11.85 -4.16
CA HIS A 29 -12.40 -11.18 -3.61
C HIS A 29 -12.52 -9.73 -4.12
N GLY A 30 -11.59 -9.26 -4.97
CA GLY A 30 -11.46 -7.87 -5.40
C GLY A 30 -10.38 -7.09 -4.63
N THR A 31 -9.52 -7.80 -3.88
CA THR A 31 -8.50 -7.20 -2.99
C THR A 31 -7.14 -7.88 -3.18
N VAL A 32 -6.06 -7.15 -2.88
CA VAL A 32 -4.68 -7.68 -2.83
C VAL A 32 -4.15 -7.49 -1.41
N VAL A 33 -3.76 -8.59 -0.75
CA VAL A 33 -3.53 -8.65 0.70
C VAL A 33 -2.06 -8.85 1.08
N MET A 34 -1.56 -8.08 2.05
CA MET A 34 -0.15 -8.06 2.50
C MET A 34 -0.02 -7.88 4.03
N GLN A 35 1.14 -8.27 4.56
CA GLN A 35 1.60 -7.92 5.91
C GLN A 35 2.74 -6.89 5.75
N VAL A 36 2.70 -5.78 6.50
CA VAL A 36 3.70 -4.70 6.40
C VAL A 36 4.16 -4.23 7.78
N LYS A 37 5.45 -3.86 7.93
CA LYS A 37 6.09 -3.49 9.19
C LYS A 37 6.88 -2.17 9.10
N VAL A 38 6.84 -1.40 10.19
CA VAL A 38 7.68 -0.22 10.50
C VAL A 38 8.63 -0.57 11.67
N PRO A 39 9.83 0.07 11.83
CA PRO A 39 10.77 -0.27 12.91
C PRO A 39 10.92 0.78 14.04
N LYS A 40 11.54 1.97 13.82
CA LYS A 40 11.78 2.96 14.88
C LYS A 40 11.43 4.42 14.48
N GLY A 41 11.33 5.31 15.47
CA GLY A 41 11.23 6.77 15.32
C GLY A 41 9.92 7.32 14.76
N ALA A 42 8.94 6.47 14.45
CA ALA A 42 7.76 6.81 13.65
C ALA A 42 6.44 6.70 14.43
N PRO A 43 5.84 7.82 14.88
CA PRO A 43 4.39 7.95 15.09
C PRO A 43 3.70 8.28 13.76
N CYS A 44 2.78 7.43 13.29
CA CYS A 44 2.17 7.61 11.96
C CYS A 44 0.86 6.84 11.73
N LYS A 45 0.04 7.32 10.77
CA LYS A 45 -0.99 6.54 10.05
C LYS A 45 -0.30 5.93 8.84
N ILE A 46 -0.11 4.61 8.84
CA ILE A 46 0.94 3.99 8.00
C ILE A 46 0.62 4.16 6.49
N PRO A 47 1.51 4.78 5.68
CA PRO A 47 1.26 5.07 4.26
C PRO A 47 1.04 3.80 3.42
N VAL A 48 -0.16 3.66 2.83
CA VAL A 48 -0.54 2.59 1.88
C VAL A 48 -1.05 3.18 0.57
N ILE A 49 -0.27 2.99 -0.50
CA ILE A 49 -0.49 3.58 -1.82
C ILE A 49 -0.37 2.49 -2.90
N VAL A 50 -0.98 2.72 -4.07
CA VAL A 50 -0.94 1.81 -5.21
C VAL A 50 -0.79 2.66 -6.46
N ALA A 51 0.29 2.50 -7.24
CA ALA A 51 0.65 3.48 -8.27
C ALA A 51 0.99 2.88 -9.64
N ASP A 52 1.15 3.74 -10.63
CA ASP A 52 1.73 3.50 -11.96
C ASP A 52 3.25 3.75 -12.00
N ASP A 53 3.80 4.41 -10.97
CA ASP A 53 5.04 5.19 -11.04
C ASP A 53 6.19 4.62 -10.19
N LEU A 54 5.97 3.51 -9.49
CA LEU A 54 6.83 2.85 -8.49
C LEU A 54 7.16 3.71 -7.24
N THR A 55 7.13 5.04 -7.35
CA THR A 55 7.55 6.02 -6.34
C THR A 55 6.40 6.64 -5.54
N ALA A 56 5.14 6.32 -5.87
CA ALA A 56 3.87 6.88 -5.42
C ALA A 56 3.82 8.41 -5.30
N ALA A 57 3.67 9.04 -6.47
CA ALA A 57 3.06 10.36 -6.64
C ALA A 57 1.60 10.23 -7.10
N ILE A 58 1.29 9.28 -7.99
CA ILE A 58 -0.07 8.98 -8.46
C ILE A 58 -0.62 7.77 -7.70
N ASN A 59 -1.82 7.87 -7.12
CA ASN A 59 -2.50 6.73 -6.50
C ASN A 59 -3.72 6.27 -7.32
N LYS A 60 -3.72 4.98 -7.66
CA LYS A 60 -4.81 4.17 -8.19
C LYS A 60 -5.82 3.81 -7.08
N GLY A 61 -5.43 2.89 -6.18
CA GLY A 61 -6.34 2.06 -5.39
C GLY A 61 -6.61 2.54 -3.96
N ILE A 62 -7.63 1.95 -3.35
CA ILE A 62 -8.17 2.32 -2.04
C ILE A 62 -8.06 1.14 -1.05
N LEU A 63 -7.96 1.47 0.24
CA LEU A 63 -7.89 0.56 1.37
C LEU A 63 -9.21 -0.19 1.53
N VAL A 64 -9.15 -1.49 1.77
CA VAL A 64 -10.34 -2.35 1.92
C VAL A 64 -10.44 -2.90 3.34
N THR A 65 -9.34 -3.48 3.83
CA THR A 65 -9.09 -3.71 5.26
C THR A 65 -8.56 -2.41 5.89
N VAL A 66 -8.73 -2.26 7.22
CA VAL A 66 -8.34 -1.07 8.00
C VAL A 66 -6.84 -0.74 7.93
N ASN A 67 -6.49 0.51 8.28
CA ASN A 67 -5.15 1.07 8.26
C ASN A 67 -4.81 1.63 9.67
N PRO A 68 -3.76 1.16 10.36
CA PRO A 68 -3.51 1.41 11.79
C PRO A 68 -2.85 2.76 12.06
N ILE A 69 -2.51 2.99 13.34
CA ILE A 69 -1.67 4.09 13.82
C ILE A 69 -0.54 3.49 14.66
N ALA A 70 0.72 3.77 14.28
CA ALA A 70 1.91 3.34 14.99
C ALA A 70 2.09 4.09 16.31
N SER A 71 1.44 3.64 17.39
CA SER A 71 1.72 4.11 18.75
C SER A 71 2.98 3.47 19.38
N THR A 72 3.50 2.41 18.75
CA THR A 72 4.80 1.79 18.98
C THR A 72 5.43 1.62 17.61
N ASN A 73 6.62 2.20 17.41
CA ASN A 73 7.22 2.34 16.08
C ASN A 73 7.46 1.01 15.34
N ASP A 74 7.51 -0.10 16.08
CA ASP A 74 7.64 -1.47 15.57
C ASP A 74 6.35 -2.00 14.89
N ASP A 75 5.28 -1.19 14.82
CA ASP A 75 3.97 -1.48 14.22
C ASP A 75 4.06 -2.34 12.95
N GLU A 76 3.39 -3.50 12.99
CA GLU A 76 3.20 -4.38 11.84
C GLU A 76 1.75 -4.86 11.74
N VAL A 77 1.25 -4.98 10.51
CA VAL A 77 -0.20 -5.08 10.27
C VAL A 77 -0.53 -5.81 8.96
N LEU A 78 -1.71 -6.46 8.95
CA LEU A 78 -2.41 -7.04 7.81
C LEU A 78 -3.21 -5.95 7.09
N ILE A 79 -2.97 -5.69 5.80
CA ILE A 79 -3.77 -4.74 5.02
C ILE A 79 -4.13 -5.32 3.63
N GLU A 80 -5.29 -4.87 3.12
CA GLU A 80 -5.76 -5.09 1.76
C GLU A 80 -5.95 -3.76 1.02
N VAL A 81 -5.63 -3.78 -0.28
CA VAL A 81 -5.95 -2.71 -1.23
C VAL A 81 -6.75 -3.26 -2.41
N ASN A 82 -7.67 -2.45 -2.92
CA ASN A 82 -8.42 -2.73 -4.14
C ASN A 82 -7.58 -2.32 -5.37
N PRO A 83 -7.24 -3.26 -6.28
CA PRO A 83 -6.56 -2.95 -7.53
C PRO A 83 -7.57 -2.50 -8.61
N PRO A 84 -7.18 -1.65 -9.57
CA PRO A 84 -7.87 -1.52 -10.85
C PRO A 84 -7.59 -2.75 -11.73
N PHE A 85 -8.18 -2.79 -12.93
CA PHE A 85 -7.75 -3.68 -14.00
C PHE A 85 -6.36 -3.26 -14.52
N GLY A 86 -5.57 -4.21 -15.05
CA GLY A 86 -4.25 -3.93 -15.60
C GLY A 86 -3.17 -3.73 -14.54
N ASP A 87 -2.15 -2.92 -14.87
CA ASP A 87 -0.96 -2.71 -14.05
C ASP A 87 -1.23 -2.01 -12.70
N SER A 88 -0.50 -2.42 -11.67
CA SER A 88 -0.41 -1.73 -10.38
C SER A 88 0.86 -2.08 -9.62
N TYR A 89 1.39 -1.08 -8.90
CA TYR A 89 2.58 -1.22 -8.08
C TYR A 89 2.22 -0.83 -6.63
N ILE A 90 2.11 -1.84 -5.77
CA ILE A 90 1.63 -1.78 -4.39
C ILE A 90 2.74 -1.21 -3.49
N ILE A 91 2.54 -0.02 -2.92
CA ILE A 91 3.60 0.76 -2.26
C ILE A 91 3.32 0.94 -0.77
N VAL A 92 4.38 0.71 0.01
CA VAL A 92 4.41 0.73 1.47
C VAL A 92 5.34 1.84 1.91
N GLY A 93 4.80 2.87 2.57
CA GLY A 93 5.61 3.90 3.22
C GLY A 93 5.83 5.18 2.41
N THR A 94 6.69 6.03 2.96
CA THR A 94 7.11 7.35 2.42
C THR A 94 8.60 7.56 2.67
N GLY A 95 9.19 8.53 1.97
CA GLY A 95 10.65 8.69 1.91
C GLY A 95 11.32 7.60 1.05
N ASP A 96 12.66 7.58 1.04
CA ASP A 96 13.46 6.56 0.36
C ASP A 96 13.18 5.14 0.91
N SER A 97 12.74 5.06 2.17
CA SER A 97 12.25 3.89 2.88
C SER A 97 11.03 3.20 2.27
N ARG A 98 10.35 3.81 1.28
CA ARG A 98 9.14 3.24 0.70
C ARG A 98 9.45 2.10 -0.28
N LEU A 99 8.85 0.92 -0.05
CA LEU A 99 8.99 -0.24 -0.94
C LEU A 99 7.80 -0.36 -1.90
N THR A 100 7.98 -1.11 -2.99
CA THR A 100 6.94 -1.42 -3.99
C THR A 100 6.90 -2.91 -4.34
N TYR A 101 5.76 -3.40 -4.84
CA TYR A 101 5.58 -4.75 -5.36
C TYR A 101 4.61 -4.75 -6.56
N GLN A 102 4.95 -5.50 -7.62
CA GLN A 102 4.22 -5.58 -8.88
C GLN A 102 2.97 -6.47 -8.80
N TRP A 103 1.86 -6.00 -9.39
CA TRP A 103 0.72 -6.82 -9.83
C TRP A 103 0.20 -6.37 -11.20
N HIS A 104 -0.30 -7.34 -11.98
CA HIS A 104 -1.04 -7.13 -13.22
C HIS A 104 -2.40 -7.84 -13.07
N LYS A 105 -3.49 -7.07 -13.00
CA LYS A 105 -4.81 -7.56 -12.60
C LYS A 105 -5.72 -7.85 -13.81
N GLU A 106 -6.10 -9.13 -13.91
CA GLU A 106 -6.92 -9.77 -14.96
C GLU A 106 -6.19 -9.92 -16.30
N GLY A 107 -6.42 -11.06 -16.97
CA GLY A 107 -5.87 -11.51 -18.24
C GLY A 107 -6.34 -10.64 -19.42
N SER A 108 -5.87 -9.39 -19.40
CA SER A 108 -6.33 -8.26 -20.21
C SER A 108 -5.99 -8.41 -21.71
N SER A 109 -5.26 -9.47 -22.09
CA SER A 109 -4.98 -9.89 -23.47
C SER A 109 -5.80 -11.12 -23.93
N ILE A 110 -6.73 -11.63 -23.10
CA ILE A 110 -7.71 -12.66 -23.49
C ILE A 110 -9.15 -12.35 -23.02
N GLY A 111 -9.30 -11.67 -21.87
CA GLY A 111 -10.57 -11.09 -21.41
C GLY A 111 -10.79 -11.15 -19.89
N LYS A 112 -10.14 -12.08 -19.18
CA LYS A 112 -10.19 -12.27 -17.73
C LYS A 112 -8.92 -12.97 -17.26
N MET A 1 -7.88 6.29 -6.46
CA MET A 1 -8.16 7.74 -6.38
C MET A 1 -8.51 8.14 -4.95
N SER A 2 -8.58 9.45 -4.66
CA SER A 2 -8.70 10.07 -3.33
C SER A 2 -10.01 9.83 -2.55
N ALA A 3 -10.89 8.92 -3.01
CA ALA A 3 -12.24 8.71 -2.45
C ALA A 3 -12.31 8.14 -1.03
N LEU A 4 -11.17 7.82 -0.40
CA LEU A 4 -11.06 7.44 1.01
C LEU A 4 -9.81 8.11 1.63
N THR A 5 -9.89 8.49 2.91
CA THR A 5 -8.99 9.40 3.62
C THR A 5 -7.51 9.11 3.38
N LEU A 6 -7.06 7.85 3.53
CA LEU A 6 -5.68 7.40 3.33
C LEU A 6 -5.28 7.38 1.83
N LYS A 7 -5.54 8.48 1.11
CA LYS A 7 -5.13 8.70 -0.28
C LYS A 7 -5.12 10.20 -0.60
N GLY A 8 -3.97 10.83 -0.37
CA GLY A 8 -3.69 12.23 -0.72
C GLY A 8 -4.30 13.31 0.18
N THR A 9 -5.38 13.03 0.93
CA THR A 9 -6.14 14.02 1.71
C THR A 9 -5.27 14.81 2.71
N SER A 10 -4.78 14.15 3.77
CA SER A 10 -3.83 14.64 4.78
C SER A 10 -3.49 13.52 5.76
N TYR A 11 -2.20 13.14 5.88
CA TYR A 11 -1.75 12.18 6.89
C TYR A 11 -0.26 12.34 7.23
N LYS A 12 0.13 11.88 8.43
CA LYS A 12 1.50 11.79 8.92
C LYS A 12 2.14 10.51 8.38
N MET A 13 3.05 10.65 7.40
CA MET A 13 3.73 9.55 6.69
C MET A 13 4.93 8.96 7.46
N CYS A 14 5.37 7.75 7.09
CA CYS A 14 6.59 7.11 7.59
C CYS A 14 7.74 7.25 6.59
N THR A 15 8.98 7.34 7.09
CA THR A 15 10.21 7.27 6.27
C THR A 15 11.34 6.43 6.90
N ASP A 16 11.09 5.67 7.97
CA ASP A 16 12.00 4.60 8.41
C ASP A 16 11.72 3.31 7.59
N LYS A 17 12.68 2.37 7.55
CA LYS A 17 12.77 1.26 6.59
C LYS A 17 11.60 0.28 6.75
N MET A 18 10.59 0.41 5.90
CA MET A 18 9.41 -0.45 5.90
C MET A 18 9.66 -1.76 5.12
N SER A 19 8.79 -2.75 5.33
CA SER A 19 8.74 -3.95 4.46
C SER A 19 7.39 -4.66 4.59
N PHE A 20 7.09 -5.51 3.59
CA PHE A 20 6.00 -6.48 3.64
C PHE A 20 6.48 -7.79 4.27
N VAL A 21 5.92 -8.14 5.45
CA VAL A 21 6.05 -9.45 6.09
C VAL A 21 5.34 -10.54 5.25
N LYS A 22 4.33 -10.14 4.46
CA LYS A 22 3.69 -10.92 3.40
C LYS A 22 3.33 -10.00 2.24
N ASN A 23 3.70 -10.40 1.02
CA ASN A 23 3.36 -9.76 -0.24
C ASN A 23 1.83 -9.71 -0.52
N PRO A 24 1.34 -8.69 -1.24
CA PRO A 24 -0.05 -8.62 -1.67
C PRO A 24 -0.47 -9.84 -2.50
N THR A 25 -1.60 -10.46 -2.15
CA THR A 25 -2.25 -11.53 -2.93
C THR A 25 -3.72 -11.23 -3.19
N ASP A 26 -4.14 -11.29 -4.46
CA ASP A 26 -5.51 -11.07 -4.92
C ASP A 26 -6.50 -12.09 -4.31
N THR A 27 -7.54 -11.60 -3.64
CA THR A 27 -8.63 -12.39 -3.05
C THR A 27 -9.67 -12.82 -4.08
N GLY A 28 -9.66 -12.27 -5.31
CA GLY A 28 -10.75 -12.41 -6.29
C GLY A 28 -12.04 -11.68 -5.91
N HIS A 29 -12.16 -11.18 -4.66
CA HIS A 29 -13.29 -10.39 -4.17
C HIS A 29 -13.16 -8.90 -4.54
N GLY A 30 -12.11 -8.55 -5.30
CA GLY A 30 -11.73 -7.19 -5.68
C GLY A 30 -10.55 -6.63 -4.86
N THR A 31 -10.02 -7.39 -3.89
CA THR A 31 -9.00 -6.92 -2.95
C THR A 31 -7.69 -7.70 -3.07
N VAL A 32 -6.60 -7.11 -2.59
CA VAL A 32 -5.23 -7.65 -2.67
C VAL A 32 -4.59 -7.50 -1.29
N VAL A 33 -4.35 -8.62 -0.59
CA VAL A 33 -4.09 -8.65 0.87
C VAL A 33 -2.62 -8.95 1.23
N MET A 34 -2.07 -8.15 2.16
CA MET A 34 -0.65 -8.12 2.55
C MET A 34 -0.48 -7.95 4.07
N GLN A 35 0.72 -8.29 4.58
CA GLN A 35 1.19 -7.92 5.93
C GLN A 35 2.36 -6.95 5.77
N VAL A 36 2.34 -5.81 6.47
CA VAL A 36 3.39 -4.77 6.39
C VAL A 36 3.87 -4.33 7.77
N LYS A 37 5.14 -3.90 7.89
CA LYS A 37 5.81 -3.53 9.14
C LYS A 37 6.63 -2.23 9.03
N VAL A 38 6.71 -1.51 10.14
CA VAL A 38 7.63 -0.39 10.44
C VAL A 38 8.56 -0.83 11.61
N PRO A 39 9.81 -0.33 11.79
CA PRO A 39 10.70 -0.79 12.86
C PRO A 39 10.93 0.19 14.02
N LYS A 40 11.38 1.43 13.75
CA LYS A 40 11.70 2.44 14.78
C LYS A 40 11.42 3.87 14.30
N GLY A 41 11.51 4.84 15.23
CA GLY A 41 11.57 6.29 14.99
C GLY A 41 10.34 6.97 14.38
N ALA A 42 9.30 6.22 14.00
CA ALA A 42 8.26 6.68 13.08
C ALA A 42 6.84 6.61 13.69
N PRO A 43 6.32 7.72 14.25
CA PRO A 43 4.88 7.93 14.43
C PRO A 43 4.25 8.29 13.08
N CYS A 44 3.33 7.46 12.59
CA CYS A 44 2.71 7.65 11.27
C CYS A 44 1.45 6.80 11.03
N LYS A 45 0.55 7.33 10.19
CA LYS A 45 -0.48 6.59 9.45
C LYS A 45 0.22 5.91 8.28
N ILE A 46 0.51 4.61 8.40
CA ILE A 46 1.56 3.96 7.61
C ILE A 46 1.27 4.05 6.09
N PRO A 47 2.14 4.66 5.26
CA PRO A 47 1.86 4.95 3.84
C PRO A 47 1.61 3.69 3.01
N VAL A 48 0.38 3.56 2.50
CA VAL A 48 -0.03 2.54 1.52
C VAL A 48 -0.52 3.24 0.27
N ILE A 49 0.14 2.97 -0.86
CA ILE A 49 -0.13 3.57 -2.16
C ILE A 49 -0.14 2.50 -3.26
N VAL A 50 -0.70 2.86 -4.42
CA VAL A 50 -0.84 1.98 -5.59
C VAL A 50 -0.61 2.85 -6.83
N ALA A 51 0.42 2.55 -7.62
CA ALA A 51 0.80 3.39 -8.75
C ALA A 51 1.60 2.64 -9.82
N ASP A 52 1.68 3.23 -11.02
CA ASP A 52 2.33 2.61 -12.18
C ASP A 52 3.73 3.20 -12.45
N ASP A 53 4.20 4.06 -11.55
CA ASP A 53 5.33 4.98 -11.69
C ASP A 53 6.52 4.66 -10.75
N LEU A 54 6.40 3.58 -9.96
CA LEU A 54 7.33 3.14 -8.90
C LEU A 54 7.52 4.14 -7.74
N THR A 55 6.74 5.22 -7.65
CA THR A 55 6.91 6.29 -6.64
C THR A 55 5.61 6.91 -6.07
N ALA A 56 4.46 6.56 -6.63
CA ALA A 56 3.13 7.07 -6.28
C ALA A 56 2.99 8.59 -6.36
N ALA A 57 3.40 9.17 -7.49
CA ALA A 57 2.84 10.42 -7.99
C ALA A 57 1.39 10.18 -8.47
N ILE A 58 1.17 9.06 -9.18
CA ILE A 58 -0.17 8.50 -9.40
C ILE A 58 -0.69 7.90 -8.08
N ASN A 59 -2.01 7.92 -7.83
CA ASN A 59 -2.64 7.36 -6.63
C ASN A 59 -3.89 6.55 -7.04
N LYS A 60 -3.62 5.37 -7.61
CA LYS A 60 -4.53 4.59 -8.45
C LYS A 60 -5.63 3.88 -7.64
N GLY A 61 -5.24 3.00 -6.72
CA GLY A 61 -6.14 2.14 -5.94
C GLY A 61 -6.55 2.68 -4.56
N ILE A 62 -7.43 1.95 -3.88
CA ILE A 62 -8.11 2.28 -2.60
C ILE A 62 -7.64 1.32 -1.49
N LEU A 63 -7.63 1.78 -0.23
CA LEU A 63 -7.51 0.95 0.99
C LEU A 63 -8.88 0.32 1.32
N VAL A 64 -8.93 -0.98 1.66
CA VAL A 64 -10.21 -1.66 1.92
C VAL A 64 -10.31 -2.10 3.39
N THR A 65 -9.44 -3.03 3.82
CA THR A 65 -9.17 -3.27 5.24
C THR A 65 -8.41 -2.06 5.82
N VAL A 66 -8.49 -1.89 7.15
CA VAL A 66 -7.98 -0.73 7.90
C VAL A 66 -6.49 -0.43 7.70
N ASN A 67 -6.11 0.80 8.05
CA ASN A 67 -4.73 1.30 8.10
C ASN A 67 -4.48 1.87 9.51
N PRO A 68 -3.45 1.43 10.26
CA PRO A 68 -3.21 1.83 11.64
C PRO A 68 -2.53 3.19 11.76
N ILE A 69 -2.18 3.58 13.00
CA ILE A 69 -1.23 4.63 13.34
C ILE A 69 -0.16 3.99 14.23
N ALA A 70 1.10 4.03 13.79
CA ALA A 70 2.27 3.46 14.44
C ALA A 70 2.61 4.10 15.81
N SER A 71 1.72 3.89 16.79
CA SER A 71 1.99 4.24 18.20
C SER A 71 3.01 3.32 18.85
N THR A 72 3.23 2.12 18.28
CA THR A 72 4.47 1.35 18.40
C THR A 72 5.24 1.60 17.12
N ASN A 73 6.48 2.09 17.19
CA ASN A 73 7.25 2.26 15.95
C ASN A 73 7.59 0.92 15.27
N ASP A 74 7.46 -0.21 15.99
CA ASP A 74 7.54 -1.58 15.49
C ASP A 74 6.23 -2.08 14.83
N ASP A 75 5.18 -1.24 14.73
CA ASP A 75 3.85 -1.60 14.21
C ASP A 75 3.91 -2.47 12.94
N GLU A 76 3.23 -3.63 12.98
CA GLU A 76 2.94 -4.45 11.82
C GLU A 76 1.47 -4.87 11.75
N VAL A 77 0.94 -5.04 10.54
CA VAL A 77 -0.50 -5.08 10.31
C VAL A 77 -0.88 -5.79 9.00
N LEU A 78 -2.07 -6.39 8.99
CA LEU A 78 -2.81 -6.95 7.84
C LEU A 78 -3.55 -5.83 7.11
N ILE A 79 -3.30 -5.63 5.81
CA ILE A 79 -4.01 -4.61 4.99
C ILE A 79 -4.45 -5.22 3.65
N GLU A 80 -5.56 -4.71 3.11
CA GLU A 80 -6.03 -4.92 1.74
C GLU A 80 -6.05 -3.62 0.95
N VAL A 81 -5.70 -3.71 -0.33
CA VAL A 81 -5.96 -2.67 -1.32
C VAL A 81 -6.85 -3.17 -2.46
N ASN A 82 -7.53 -2.24 -3.13
CA ASN A 82 -8.33 -2.43 -4.33
C ASN A 82 -7.77 -1.55 -5.46
N PRO A 83 -7.02 -2.12 -6.41
CA PRO A 83 -6.70 -1.42 -7.66
C PRO A 83 -7.90 -1.43 -8.62
N PRO A 84 -7.90 -0.58 -9.68
CA PRO A 84 -8.68 -0.82 -10.88
C PRO A 84 -8.29 -2.15 -11.56
N PHE A 85 -8.99 -2.49 -12.65
CA PHE A 85 -8.54 -3.53 -13.58
C PHE A 85 -7.16 -3.17 -14.16
N GLY A 86 -6.31 -4.19 -14.34
CA GLY A 86 -5.03 -4.08 -15.03
C GLY A 86 -3.80 -4.01 -14.12
N ASP A 87 -2.75 -3.40 -14.65
CA ASP A 87 -1.37 -3.34 -14.14
C ASP A 87 -1.22 -2.29 -13.02
N SER A 88 -0.43 -2.58 -11.96
CA SER A 88 0.15 -1.54 -11.08
C SER A 88 1.24 -2.09 -10.14
N TYR A 89 1.90 -1.19 -9.40
CA TYR A 89 2.82 -1.49 -8.32
C TYR A 89 2.20 -1.06 -6.99
N ILE A 90 2.00 -2.01 -6.07
CA ILE A 90 1.54 -1.74 -4.71
C ILE A 90 2.74 -1.22 -3.91
N ILE A 91 2.70 -0.01 -3.36
CA ILE A 91 3.84 0.66 -2.72
C ILE A 91 3.57 0.80 -1.21
N VAL A 92 4.59 0.48 -0.42
CA VAL A 92 4.62 0.59 1.04
C VAL A 92 5.69 1.62 1.41
N GLY A 93 5.26 2.79 1.87
CA GLY A 93 6.14 3.80 2.45
C GLY A 93 6.47 5.02 1.59
N THR A 94 7.29 5.89 2.18
CA THR A 94 7.88 7.12 1.62
C THR A 94 9.36 7.22 2.03
N GLY A 95 10.12 8.14 1.40
CA GLY A 95 11.57 8.21 1.52
C GLY A 95 12.29 7.14 0.67
N ASP A 96 13.59 6.96 0.85
CA ASP A 96 14.32 5.81 0.29
C ASP A 96 13.80 4.48 0.86
N SER A 97 13.37 4.52 2.13
CA SER A 97 12.80 3.49 3.00
C SER A 97 11.55 2.73 2.52
N ARG A 98 11.13 2.90 1.26
CA ARG A 98 9.88 2.37 0.72
C ARG A 98 10.13 1.14 -0.17
N LEU A 99 9.20 0.18 -0.17
CA LEU A 99 9.23 -0.99 -1.04
C LEU A 99 7.97 -1.06 -1.92
N THR A 100 7.99 -1.95 -2.92
CA THR A 100 6.83 -2.23 -3.75
C THR A 100 6.74 -3.69 -4.19
N TYR A 101 5.53 -4.13 -4.56
CA TYR A 101 5.25 -5.41 -5.19
C TYR A 101 4.34 -5.21 -6.41
N GLN A 102 4.74 -5.81 -7.53
CA GLN A 102 4.10 -5.71 -8.84
C GLN A 102 2.83 -6.59 -8.91
N TRP A 103 1.72 -6.04 -9.41
CA TRP A 103 0.50 -6.79 -9.71
C TRP A 103 -0.05 -6.44 -11.10
N HIS A 104 -0.73 -7.41 -11.69
CA HIS A 104 -1.52 -7.27 -12.92
C HIS A 104 -2.80 -8.05 -12.69
N LYS A 105 -3.97 -7.42 -12.82
CA LYS A 105 -5.26 -7.96 -12.39
C LYS A 105 -6.29 -7.93 -13.51
N GLU A 106 -6.66 -9.10 -14.02
CA GLU A 106 -7.75 -9.40 -14.97
C GLU A 106 -8.11 -8.30 -16.01
N GLY A 107 -7.42 -8.27 -17.16
CA GLY A 107 -7.96 -7.61 -18.36
C GLY A 107 -7.14 -6.46 -18.96
N SER A 108 -5.80 -6.46 -18.82
CA SER A 108 -4.92 -5.56 -19.59
C SER A 108 -3.78 -6.35 -20.26
N SER A 109 -2.68 -6.58 -19.56
CA SER A 109 -1.51 -7.36 -19.95
C SER A 109 -1.62 -8.84 -19.55
N ILE A 110 -2.59 -9.18 -18.70
CA ILE A 110 -2.87 -10.54 -18.21
C ILE A 110 -4.39 -10.79 -18.17
N GLY A 111 -4.77 -12.07 -18.28
CA GLY A 111 -6.17 -12.51 -18.24
C GLY A 111 -6.75 -12.70 -16.83
N LYS A 112 -5.88 -12.81 -15.81
CA LYS A 112 -6.21 -12.92 -14.39
C LYS A 112 -5.18 -12.14 -13.58
N MET A 1 -7.74 6.22 -6.25
CA MET A 1 -8.68 7.34 -6.45
C MET A 1 -8.87 8.04 -5.12
N SER A 2 -9.11 9.35 -5.12
CA SER A 2 -9.33 10.19 -3.93
C SER A 2 -10.67 9.97 -3.21
N ALA A 3 -11.56 9.14 -3.76
CA ALA A 3 -12.89 8.84 -3.23
C ALA A 3 -12.92 8.18 -1.83
N LEU A 4 -11.76 7.71 -1.34
CA LEU A 4 -11.51 7.37 0.05
C LEU A 4 -10.26 8.15 0.50
N THR A 5 -10.40 8.92 1.59
CA THR A 5 -9.51 10.03 1.97
C THR A 5 -8.02 9.65 2.10
N LEU A 6 -7.71 8.37 2.38
CA LEU A 6 -6.36 7.81 2.35
C LEU A 6 -5.83 7.67 0.91
N LYS A 7 -5.59 8.82 0.26
CA LYS A 7 -4.90 8.94 -1.02
C LYS A 7 -4.25 10.34 -1.16
N GLY A 8 -3.07 10.53 -0.58
CA GLY A 8 -2.25 11.74 -0.70
C GLY A 8 -2.77 13.00 0.02
N THR A 9 -4.01 12.99 0.55
CA THR A 9 -4.70 14.13 1.16
C THR A 9 -3.90 14.78 2.30
N SER A 10 -3.65 14.05 3.39
CA SER A 10 -2.80 14.42 4.53
C SER A 10 -2.64 13.25 5.49
N TYR A 11 -1.41 12.90 5.85
CA TYR A 11 -1.11 11.98 6.94
C TYR A 11 0.33 12.17 7.49
N LYS A 12 0.50 11.93 8.80
CA LYS A 12 1.79 11.76 9.47
C LYS A 12 2.46 10.49 8.94
N MET A 13 3.34 10.67 7.95
CA MET A 13 4.03 9.66 7.15
C MET A 13 5.06 8.81 7.91
N CYS A 14 5.36 7.62 7.39
CA CYS A 14 6.50 6.79 7.78
C CYS A 14 7.64 6.93 6.76
N THR A 15 8.90 7.03 7.22
CA THR A 15 10.08 7.12 6.35
C THR A 15 11.28 6.29 6.81
N ASP A 16 11.17 5.50 7.89
CA ASP A 16 12.17 4.47 8.22
C ASP A 16 11.96 3.20 7.37
N LYS A 17 12.94 2.29 7.33
CA LYS A 17 13.08 1.17 6.38
C LYS A 17 11.97 0.13 6.59
N MET A 18 10.89 0.27 5.80
CA MET A 18 9.71 -0.58 5.86
C MET A 18 9.91 -1.93 5.15
N SER A 19 9.04 -2.89 5.43
CA SER A 19 9.08 -4.25 4.88
C SER A 19 7.69 -4.88 4.77
N PHE A 20 7.57 -5.93 3.95
CA PHE A 20 6.42 -6.84 3.95
C PHE A 20 6.75 -8.04 4.85
N VAL A 21 5.88 -8.33 5.83
CA VAL A 21 5.88 -9.65 6.52
C VAL A 21 5.17 -10.69 5.63
N LYS A 22 4.25 -10.26 4.76
CA LYS A 22 3.59 -11.04 3.72
C LYS A 22 3.37 -10.17 2.49
N ASN A 23 3.80 -10.64 1.32
CA ASN A 23 3.53 -10.00 0.03
C ASN A 23 2.02 -9.87 -0.24
N PRO A 24 1.55 -8.78 -0.88
CA PRO A 24 0.15 -8.65 -1.28
C PRO A 24 -0.29 -9.82 -2.16
N THR A 25 -1.50 -10.35 -1.94
CA THR A 25 -2.11 -11.41 -2.77
C THR A 25 -3.55 -11.09 -3.14
N ASP A 26 -3.84 -11.09 -4.46
CA ASP A 26 -5.19 -10.97 -5.03
C ASP A 26 -6.15 -12.01 -4.46
N THR A 27 -7.25 -11.55 -3.86
CA THR A 27 -8.31 -12.40 -3.30
C THR A 27 -9.33 -12.85 -4.35
N GLY A 28 -9.34 -12.26 -5.56
CA GLY A 28 -10.42 -12.42 -6.54
C GLY A 28 -11.75 -11.78 -6.13
N HIS A 29 -11.91 -11.33 -4.87
CA HIS A 29 -13.11 -10.65 -4.35
C HIS A 29 -13.13 -9.15 -4.68
N GLY A 30 -12.17 -8.67 -5.49
CA GLY A 30 -11.90 -7.27 -5.77
C GLY A 30 -10.79 -6.67 -4.91
N THR A 31 -10.10 -7.48 -4.09
CA THR A 31 -9.12 -7.01 -3.10
C THR A 31 -7.76 -7.71 -3.22
N VAL A 32 -6.76 -7.17 -2.54
CA VAL A 32 -5.39 -7.69 -2.43
C VAL A 32 -4.95 -7.54 -0.97
N VAL A 33 -4.54 -8.65 -0.33
CA VAL A 33 -4.26 -8.73 1.13
C VAL A 33 -2.77 -8.90 1.45
N MET A 34 -2.23 -8.09 2.38
CA MET A 34 -0.81 -8.05 2.77
C MET A 34 -0.59 -7.93 4.29
N GLN A 35 0.66 -8.15 4.73
CA GLN A 35 1.15 -7.82 6.08
C GLN A 35 2.43 -6.98 5.93
N VAL A 36 2.51 -5.82 6.60
CA VAL A 36 3.65 -4.89 6.52
C VAL A 36 4.20 -4.55 7.91
N LYS A 37 5.49 -4.18 7.99
CA LYS A 37 6.21 -3.79 9.22
C LYS A 37 7.13 -2.60 8.99
N VAL A 38 7.22 -1.74 10.02
CA VAL A 38 8.21 -0.65 10.18
C VAL A 38 9.03 -0.91 11.48
N PRO A 39 10.28 -0.43 11.65
CA PRO A 39 11.16 -0.93 12.73
C PRO A 39 11.51 0.08 13.85
N LYS A 40 11.90 1.32 13.52
CA LYS A 40 12.28 2.35 14.51
C LYS A 40 11.93 3.77 14.04
N GLY A 41 11.94 4.73 14.97
CA GLY A 41 11.85 6.18 14.73
C GLY A 41 10.54 6.71 14.15
N ALA A 42 9.50 5.87 14.00
CA ALA A 42 8.33 6.15 13.18
C ALA A 42 7.00 6.07 13.98
N PRO A 43 6.47 7.21 14.47
CA PRO A 43 5.05 7.39 14.76
C PRO A 43 4.33 7.84 13.47
N CYS A 44 3.42 7.03 12.91
CA CYS A 44 2.82 7.33 11.60
C CYS A 44 1.52 6.58 11.26
N LYS A 45 0.60 7.26 10.55
CA LYS A 45 -0.52 6.65 9.80
C LYS A 45 0.07 6.07 8.52
N ILE A 46 0.17 4.74 8.43
CA ILE A 46 1.14 4.12 7.52
C ILE A 46 0.75 4.35 6.04
N PRO A 47 1.62 4.97 5.20
CA PRO A 47 1.29 5.28 3.80
C PRO A 47 1.07 4.02 2.95
N VAL A 48 -0.16 3.85 2.45
CA VAL A 48 -0.58 2.78 1.52
C VAL A 48 -1.14 3.38 0.23
N ILE A 49 -0.36 3.24 -0.84
CA ILE A 49 -0.58 3.89 -2.13
C ILE A 49 -0.37 2.87 -3.26
N VAL A 50 -0.95 3.11 -4.45
CA VAL A 50 -0.99 2.10 -5.53
C VAL A 50 -0.82 2.79 -6.87
N ALA A 51 0.19 2.41 -7.65
CA ALA A 51 0.70 3.25 -8.74
C ALA A 51 1.06 2.49 -10.02
N ASP A 52 1.40 3.22 -11.07
CA ASP A 52 1.99 2.71 -12.33
C ASP A 52 3.47 3.14 -12.50
N ASP A 53 3.99 3.92 -11.54
CA ASP A 53 5.17 4.77 -11.69
C ASP A 53 6.25 4.54 -10.62
N LEU A 54 6.05 3.54 -9.74
CA LEU A 54 6.93 3.14 -8.62
C LEU A 54 7.12 4.21 -7.52
N THR A 55 6.60 5.44 -7.67
CA THR A 55 6.80 6.56 -6.72
C THR A 55 5.48 7.18 -6.21
N ALA A 56 4.33 6.66 -6.66
CA ALA A 56 2.97 6.99 -6.22
C ALA A 56 2.44 8.30 -6.83
N ALA A 57 3.02 8.74 -7.95
CA ALA A 57 2.59 9.92 -8.70
C ALA A 57 1.15 9.77 -9.20
N ILE A 58 0.82 8.62 -9.79
CA ILE A 58 -0.55 8.18 -10.07
C ILE A 58 -1.00 7.29 -8.90
N ASN A 59 -2.22 7.49 -8.39
CA ASN A 59 -2.65 6.90 -7.13
C ASN A 59 -4.04 6.23 -7.20
N LYS A 60 -4.00 4.96 -7.62
CA LYS A 60 -5.09 4.19 -8.21
C LYS A 60 -6.03 3.58 -7.17
N GLY A 61 -5.49 2.92 -6.15
CA GLY A 61 -6.21 1.95 -5.32
C GLY A 61 -6.63 2.42 -3.91
N ILE A 62 -7.69 1.79 -3.42
CA ILE A 62 -8.45 2.17 -2.21
C ILE A 62 -8.07 1.22 -1.05
N LEU A 63 -8.11 1.71 0.19
CA LEU A 63 -7.98 0.92 1.42
C LEU A 63 -9.32 0.24 1.74
N VAL A 64 -9.34 -1.09 1.80
CA VAL A 64 -10.57 -1.87 2.06
C VAL A 64 -10.78 -2.07 3.56
N THR A 65 -9.70 -2.31 4.31
CA THR A 65 -9.71 -2.23 5.78
C THR A 65 -9.18 -0.87 6.26
N VAL A 66 -9.22 -0.65 7.58
CA VAL A 66 -8.79 0.59 8.24
C VAL A 66 -7.29 0.83 8.00
N ASN A 67 -6.91 2.02 7.53
CA ASN A 67 -5.51 2.44 7.48
C ASN A 67 -4.94 2.61 8.91
N PRO A 68 -3.96 1.79 9.33
CA PRO A 68 -3.47 1.74 10.70
C PRO A 68 -2.46 2.86 11.02
N ILE A 69 -2.08 2.93 12.30
CA ILE A 69 -1.15 3.89 12.89
C ILE A 69 -0.10 3.11 13.69
N ALA A 70 1.18 3.27 13.33
CA ALA A 70 2.32 2.84 14.11
C ALA A 70 2.38 3.64 15.41
N SER A 71 1.90 3.03 16.51
CA SER A 71 1.94 3.57 17.87
C SER A 71 3.04 2.94 18.72
N THR A 72 3.67 1.85 18.26
CA THR A 72 5.07 1.53 18.55
C THR A 72 5.83 1.58 17.23
N ASN A 73 7.13 1.89 17.27
CA ASN A 73 7.90 2.02 16.04
C ASN A 73 8.19 0.68 15.34
N ASP A 74 7.95 -0.45 16.01
CA ASP A 74 8.12 -1.81 15.49
C ASP A 74 6.81 -2.40 14.92
N ASP A 75 5.70 -1.64 14.93
CA ASP A 75 4.36 -2.14 14.60
C ASP A 75 4.30 -2.84 13.23
N GLU A 76 3.66 -4.01 13.21
CA GLU A 76 3.40 -4.82 12.03
C GLU A 76 1.92 -5.16 11.92
N VAL A 77 1.37 -5.14 10.70
CA VAL A 77 -0.07 -4.99 10.51
C VAL A 77 -0.61 -5.57 9.19
N LEU A 78 -1.80 -6.16 9.30
CA LEU A 78 -2.70 -6.65 8.23
C LEU A 78 -3.34 -5.48 7.48
N ILE A 79 -3.25 -5.45 6.14
CA ILE A 79 -4.01 -4.50 5.31
C ILE A 79 -4.57 -5.21 4.05
N GLU A 80 -5.76 -4.79 3.63
CA GLU A 80 -6.35 -5.07 2.31
C GLU A 80 -6.54 -3.80 1.50
N VAL A 81 -6.23 -3.88 0.19
CA VAL A 81 -6.44 -2.81 -0.78
C VAL A 81 -7.27 -3.28 -1.98
N ASN A 82 -7.89 -2.33 -2.68
CA ASN A 82 -8.69 -2.52 -3.89
C ASN A 82 -8.02 -1.75 -5.04
N PRO A 83 -7.36 -2.44 -5.99
CA PRO A 83 -6.83 -1.83 -7.21
C PRO A 83 -7.93 -1.66 -8.27
N PRO A 84 -7.66 -0.93 -9.37
CA PRO A 84 -8.47 -1.00 -10.58
C PRO A 84 -8.25 -2.34 -11.31
N PHE A 85 -8.99 -2.57 -12.39
CA PHE A 85 -8.63 -3.56 -13.41
C PHE A 85 -7.34 -3.13 -14.11
N GLY A 86 -6.52 -4.10 -14.55
CA GLY A 86 -5.23 -3.85 -15.18
C GLY A 86 -4.05 -3.72 -14.20
N ASP A 87 -2.96 -3.13 -14.69
CA ASP A 87 -1.64 -3.05 -14.04
C ASP A 87 -1.63 -2.23 -12.75
N SER A 88 -0.66 -2.50 -11.87
CA SER A 88 -0.37 -1.77 -10.62
C SER A 88 0.96 -2.20 -10.00
N TYR A 89 1.51 -1.33 -9.14
CA TYR A 89 2.47 -1.66 -8.10
C TYR A 89 1.89 -1.16 -6.76
N ILE A 90 1.76 -2.06 -5.77
CA ILE A 90 1.33 -1.74 -4.41
C ILE A 90 2.52 -1.10 -3.69
N ILE A 91 2.48 0.19 -3.37
CA ILE A 91 3.58 0.92 -2.72
C ILE A 91 3.28 1.07 -1.22
N VAL A 92 4.28 0.73 -0.40
CA VAL A 92 4.25 0.80 1.06
C VAL A 92 5.33 1.78 1.49
N GLY A 93 4.90 2.94 1.99
CA GLY A 93 5.80 3.91 2.62
C GLY A 93 6.15 5.15 1.80
N THR A 94 7.03 5.96 2.39
CA THR A 94 7.58 7.23 1.92
C THR A 94 9.07 7.34 2.25
N GLY A 95 9.75 8.36 1.73
CA GLY A 95 11.21 8.46 1.75
C GLY A 95 11.86 7.45 0.79
N ASP A 96 13.19 7.34 0.85
CA ASP A 96 13.94 6.28 0.15
C ASP A 96 13.52 4.87 0.64
N SER A 97 13.13 4.77 1.91
CA SER A 97 12.71 3.60 2.66
C SER A 97 11.46 2.86 2.17
N ARG A 98 10.74 3.39 1.19
CA ARG A 98 9.49 2.79 0.69
C ARG A 98 9.78 1.56 -0.17
N LEU A 99 8.90 0.56 -0.10
CA LEU A 99 8.98 -0.63 -0.96
C LEU A 99 7.73 -0.73 -1.86
N THR A 100 7.79 -1.61 -2.86
CA THR A 100 6.62 -1.96 -3.64
C THR A 100 6.61 -3.41 -4.11
N TYR A 101 5.42 -3.93 -4.44
CA TYR A 101 5.20 -5.25 -5.02
C TYR A 101 4.22 -5.14 -6.19
N GLN A 102 4.60 -5.75 -7.31
CA GLN A 102 3.93 -5.72 -8.61
C GLN A 102 2.64 -6.56 -8.63
N TRP A 103 1.53 -5.99 -9.14
CA TRP A 103 0.26 -6.68 -9.30
C TRP A 103 -0.46 -6.26 -10.58
N HIS A 104 -0.68 -7.21 -11.49
CA HIS A 104 -1.45 -6.99 -12.71
C HIS A 104 -2.81 -7.67 -12.55
N LYS A 105 -3.87 -6.89 -12.31
CA LYS A 105 -5.24 -7.40 -12.29
C LYS A 105 -5.68 -7.68 -13.73
N GLU A 106 -6.58 -8.65 -13.91
CA GLU A 106 -7.14 -9.12 -15.18
C GLU A 106 -7.50 -7.98 -16.16
N GLY A 107 -6.96 -8.05 -17.40
CA GLY A 107 -7.54 -7.35 -18.55
C GLY A 107 -6.64 -6.33 -19.28
N SER A 108 -5.34 -6.24 -18.99
CA SER A 108 -4.42 -5.34 -19.70
C SER A 108 -3.19 -6.08 -20.25
N SER A 109 -2.07 -6.09 -19.50
CA SER A 109 -0.83 -6.81 -19.80
C SER A 109 -0.93 -8.32 -19.48
N ILE A 110 -1.99 -8.73 -18.77
CA ILE A 110 -2.25 -10.10 -18.34
C ILE A 110 -3.74 -10.43 -18.43
N GLY A 111 -4.06 -11.72 -18.55
CA GLY A 111 -5.43 -12.23 -18.57
C GLY A 111 -6.04 -12.37 -17.16
N LYS A 112 -5.26 -12.80 -16.17
CA LYS A 112 -5.60 -13.00 -14.76
C LYS A 112 -4.33 -13.01 -13.92
N MET A 1 -7.46 6.15 -6.15
CA MET A 1 -7.98 7.41 -6.72
C MET A 1 -8.19 8.39 -5.58
N SER A 2 -7.66 9.61 -5.70
CA SER A 2 -7.51 10.60 -4.63
C SER A 2 -8.81 11.01 -3.90
N ALA A 3 -9.97 10.69 -4.47
CA ALA A 3 -11.28 10.93 -3.87
C ALA A 3 -11.73 9.84 -2.86
N LEU A 4 -11.06 8.67 -2.79
CA LEU A 4 -11.61 7.48 -2.12
C LEU A 4 -10.64 6.83 -1.11
N THR A 5 -11.05 6.81 0.17
CA THR A 5 -10.34 6.22 1.31
C THR A 5 -9.01 6.93 1.62
N LEU A 6 -8.03 6.24 2.22
CA LEU A 6 -6.70 6.79 2.45
C LEU A 6 -6.02 7.03 1.10
N LYS A 7 -6.11 8.25 0.56
CA LYS A 7 -5.45 8.63 -0.68
C LYS A 7 -5.09 10.12 -0.75
N GLY A 8 -3.87 10.46 -0.33
CA GLY A 8 -3.20 11.75 -0.54
C GLY A 8 -3.74 12.95 0.24
N THR A 9 -5.02 12.94 0.67
CA THR A 9 -5.67 14.02 1.43
C THR A 9 -4.97 14.35 2.75
N SER A 10 -4.58 13.33 3.54
CA SER A 10 -3.83 13.49 4.79
C SER A 10 -3.27 12.17 5.30
N TYR A 11 -1.98 12.16 5.64
CA TYR A 11 -1.36 11.20 6.55
C TYR A 11 -0.12 11.83 7.21
N LYS A 12 0.30 11.29 8.36
CA LYS A 12 1.60 11.55 8.99
C LYS A 12 2.55 10.44 8.54
N MET A 13 3.54 10.79 7.72
CA MET A 13 4.47 9.86 7.05
C MET A 13 5.29 8.98 8.01
N CYS A 14 5.38 7.69 7.70
CA CYS A 14 6.52 6.85 8.11
C CYS A 14 7.63 7.03 7.05
N THR A 15 8.87 7.25 7.49
CA THR A 15 10.04 7.31 6.59
C THR A 15 11.24 6.49 7.10
N ASP A 16 11.10 5.72 8.18
CA ASP A 16 12.05 4.67 8.54
C ASP A 16 11.76 3.36 7.79
N LYS A 17 12.74 2.45 7.71
CA LYS A 17 12.83 1.37 6.72
C LYS A 17 11.69 0.36 6.83
N MET A 18 10.71 0.42 5.90
CA MET A 18 9.57 -0.49 5.88
C MET A 18 9.86 -1.77 5.10
N SER A 19 9.01 -2.79 5.28
CA SER A 19 9.03 -4.01 4.48
C SER A 19 7.70 -4.77 4.56
N PHE A 20 7.44 -5.64 3.59
CA PHE A 20 6.39 -6.65 3.69
C PHE A 20 6.88 -7.81 4.56
N VAL A 21 6.12 -8.16 5.60
CA VAL A 21 6.22 -9.46 6.28
C VAL A 21 5.49 -10.55 5.47
N LYS A 22 4.52 -10.16 4.64
CA LYS A 22 3.91 -10.97 3.59
C LYS A 22 3.68 -10.09 2.37
N ASN A 23 4.18 -10.54 1.21
CA ASN A 23 3.94 -9.91 -0.09
C ASN A 23 2.43 -9.76 -0.39
N PRO A 24 2.00 -8.67 -1.05
CA PRO A 24 0.64 -8.55 -1.55
C PRO A 24 0.27 -9.74 -2.45
N THR A 25 -0.90 -10.32 -2.24
CA THR A 25 -1.49 -11.36 -3.11
C THR A 25 -2.95 -11.07 -3.39
N ASP A 26 -3.35 -11.08 -4.67
CA ASP A 26 -4.75 -11.00 -5.10
C ASP A 26 -5.59 -12.13 -4.50
N THR A 27 -6.69 -11.79 -3.82
CA THR A 27 -7.65 -12.74 -3.26
C THR A 27 -8.64 -13.27 -4.30
N GLY A 28 -8.66 -12.70 -5.52
CA GLY A 28 -9.69 -12.94 -6.53
C GLY A 28 -11.03 -12.25 -6.24
N HIS A 29 -11.21 -11.66 -5.04
CA HIS A 29 -12.45 -11.00 -4.62
C HIS A 29 -12.48 -9.51 -4.98
N GLY A 30 -11.46 -9.02 -5.71
CA GLY A 30 -11.22 -7.59 -5.96
C GLY A 30 -10.25 -6.95 -4.96
N THR A 31 -9.63 -7.74 -4.08
CA THR A 31 -8.72 -7.28 -3.02
C THR A 31 -7.33 -7.90 -3.18
N VAL A 32 -6.31 -7.24 -2.62
CA VAL A 32 -4.91 -7.70 -2.60
C VAL A 32 -4.40 -7.57 -1.16
N VAL A 33 -4.00 -8.71 -0.55
CA VAL A 33 -3.75 -8.85 0.90
C VAL A 33 -2.26 -8.96 1.25
N MET A 34 -1.78 -8.15 2.21
CA MET A 34 -0.38 -8.08 2.66
C MET A 34 -0.25 -7.92 4.19
N GLN A 35 0.96 -8.20 4.71
CA GLN A 35 1.42 -7.82 6.05
C GLN A 35 2.60 -6.86 5.89
N VAL A 36 2.57 -5.70 6.55
CA VAL A 36 3.63 -4.68 6.43
C VAL A 36 4.18 -4.28 7.81
N LYS A 37 5.48 -3.97 7.90
CA LYS A 37 6.18 -3.61 9.15
C LYS A 37 6.90 -2.27 9.05
N VAL A 38 6.90 -1.53 10.17
CA VAL A 38 7.76 -0.39 10.49
C VAL A 38 8.71 -0.82 11.65
N PRO A 39 9.95 -0.29 11.81
CA PRO A 39 10.87 -0.76 12.86
C PRO A 39 11.15 0.23 14.01
N LYS A 40 11.68 1.44 13.75
CA LYS A 40 12.05 2.43 14.77
C LYS A 40 11.72 3.86 14.36
N GLY A 41 11.72 4.79 15.34
CA GLY A 41 11.67 6.24 15.15
C GLY A 41 10.41 6.84 14.52
N ALA A 42 9.37 6.05 14.29
CA ALA A 42 8.25 6.37 13.40
C ALA A 42 6.88 6.36 14.10
N PRO A 43 6.35 7.54 14.50
CA PRO A 43 4.93 7.77 14.73
C PRO A 43 4.23 8.17 13.41
N CYS A 44 3.25 7.39 12.92
CA CYS A 44 2.67 7.62 11.60
C CYS A 44 1.29 6.99 11.34
N LYS A 45 0.54 7.54 10.36
CA LYS A 45 -0.55 6.85 9.64
C LYS A 45 0.10 6.14 8.46
N ILE A 46 0.13 4.81 8.45
CA ILE A 46 1.09 4.09 7.59
C ILE A 46 0.77 4.34 6.10
N PRO A 47 1.73 4.82 5.27
CA PRO A 47 1.46 5.25 3.90
C PRO A 47 1.27 4.05 2.95
N VAL A 48 0.01 3.81 2.59
CA VAL A 48 -0.43 2.76 1.66
C VAL A 48 -0.81 3.37 0.32
N ILE A 49 0.05 3.15 -0.69
CA ILE A 49 -0.12 3.67 -2.04
C ILE A 49 -0.10 2.55 -3.07
N VAL A 50 -0.65 2.85 -4.25
CA VAL A 50 -0.68 1.96 -5.41
C VAL A 50 -0.48 2.86 -6.62
N ALA A 51 0.38 2.45 -7.55
CA ALA A 51 0.85 3.32 -8.64
C ALA A 51 1.14 2.52 -9.92
N ASP A 52 1.54 3.19 -11.00
CA ASP A 52 2.13 2.55 -12.19
C ASP A 52 3.62 2.95 -12.40
N ASP A 53 4.09 3.90 -11.58
CA ASP A 53 5.34 4.66 -11.72
C ASP A 53 6.40 4.32 -10.66
N LEU A 54 6.14 3.31 -9.83
CA LEU A 54 6.99 2.83 -8.70
C LEU A 54 7.19 3.85 -7.56
N THR A 55 6.67 5.09 -7.66
CA THR A 55 6.92 6.15 -6.67
C THR A 55 5.66 6.83 -6.09
N ALA A 56 4.47 6.49 -6.61
CA ALA A 56 3.15 7.01 -6.24
C ALA A 56 2.83 8.37 -6.85
N ALA A 57 3.44 8.71 -8.00
CA ALA A 57 3.01 9.83 -8.82
C ALA A 57 1.53 9.68 -9.21
N ILE A 58 1.12 8.47 -9.63
CA ILE A 58 -0.27 8.04 -9.64
C ILE A 58 -0.65 7.52 -8.24
N ASN A 59 -1.84 7.86 -7.76
CA ASN A 59 -2.42 7.41 -6.50
C ASN A 59 -3.67 6.54 -6.79
N LYS A 60 -3.40 5.32 -7.25
CA LYS A 60 -4.31 4.45 -8.00
C LYS A 60 -5.38 3.77 -7.14
N GLY A 61 -4.97 3.10 -6.05
CA GLY A 61 -5.78 2.10 -5.35
C GLY A 61 -6.24 2.47 -3.94
N ILE A 62 -7.37 1.85 -3.57
CA ILE A 62 -8.24 2.10 -2.42
C ILE A 62 -7.87 1.16 -1.26
N LEU A 63 -8.14 1.59 -0.02
CA LEU A 63 -8.04 0.77 1.20
C LEU A 63 -9.34 -0.02 1.40
N VAL A 64 -9.24 -1.35 1.50
CA VAL A 64 -10.39 -2.22 1.79
C VAL A 64 -10.64 -2.28 3.30
N THR A 65 -9.57 -2.50 4.07
CA THR A 65 -9.58 -2.43 5.54
C THR A 65 -9.34 -0.99 6.05
N VAL A 66 -9.36 -0.81 7.37
CA VAL A 66 -8.94 0.42 8.06
C VAL A 66 -7.46 0.72 7.79
N ASN A 67 -7.11 1.97 7.43
CA ASN A 67 -5.70 2.37 7.36
C ASN A 67 -5.14 2.57 8.80
N PRO A 68 -4.15 1.76 9.22
CA PRO A 68 -3.65 1.73 10.60
C PRO A 68 -2.70 2.89 10.95
N ILE A 69 -2.21 2.90 12.19
CA ILE A 69 -1.27 3.89 12.72
C ILE A 69 -0.17 3.16 13.51
N ALA A 70 1.08 3.62 13.39
CA ALA A 70 2.19 3.19 14.21
C ALA A 70 2.24 4.02 15.51
N SER A 71 1.72 3.46 16.61
CA SER A 71 1.88 4.03 17.96
C SER A 71 3.04 3.41 18.73
N THR A 72 3.54 2.26 18.28
CA THR A 72 4.81 1.64 18.67
C THR A 72 5.63 1.49 17.39
N ASN A 73 6.89 1.93 17.39
CA ASN A 73 7.60 2.07 16.10
C ASN A 73 7.84 0.75 15.36
N ASP A 74 7.76 -0.39 16.07
CA ASP A 74 7.83 -1.75 15.52
C ASP A 74 6.50 -2.22 14.87
N ASP A 75 5.43 -1.41 14.91
CA ASP A 75 4.07 -1.81 14.52
C ASP A 75 4.02 -2.46 13.12
N GLU A 76 3.31 -3.58 13.08
CA GLU A 76 3.31 -4.58 12.02
C GLU A 76 1.88 -5.07 11.81
N VAL A 77 1.38 -4.97 10.58
CA VAL A 77 -0.07 -4.90 10.37
C VAL A 77 -0.54 -5.51 9.05
N LEU A 78 -1.71 -6.17 9.12
CA LEU A 78 -2.53 -6.70 8.04
C LEU A 78 -3.18 -5.56 7.26
N ILE A 79 -3.00 -5.50 5.93
CA ILE A 79 -3.71 -4.56 5.07
C ILE A 79 -4.21 -5.27 3.79
N GLU A 80 -5.43 -4.91 3.37
CA GLU A 80 -6.01 -5.22 2.07
C GLU A 80 -6.27 -3.94 1.26
N VAL A 81 -5.91 -3.98 -0.03
CA VAL A 81 -6.10 -2.88 -0.98
C VAL A 81 -6.84 -3.32 -2.24
N ASN A 82 -7.42 -2.35 -2.94
CA ASN A 82 -8.24 -2.50 -4.14
C ASN A 82 -7.74 -1.56 -5.25
N PRO A 83 -7.02 -2.06 -6.26
CA PRO A 83 -6.75 -1.29 -7.48
C PRO A 83 -8.00 -1.25 -8.38
N PRO A 84 -8.06 -0.33 -9.37
CA PRO A 84 -8.90 -0.47 -10.55
C PRO A 84 -8.54 -1.73 -11.37
N PHE A 85 -9.29 -1.99 -12.44
CA PHE A 85 -8.95 -2.99 -13.44
C PHE A 85 -7.60 -2.65 -14.11
N GLY A 86 -6.76 -3.67 -14.37
CA GLY A 86 -5.46 -3.50 -15.01
C GLY A 86 -4.25 -3.42 -14.05
N ASP A 87 -3.15 -2.89 -14.57
CA ASP A 87 -1.82 -2.91 -13.94
C ASP A 87 -1.69 -2.08 -12.66
N SER A 88 -0.68 -2.38 -11.83
CA SER A 88 -0.31 -1.65 -10.62
C SER A 88 1.04 -2.10 -10.04
N TYR A 89 1.56 -1.27 -9.15
CA TYR A 89 2.65 -1.48 -8.20
C TYR A 89 2.13 -1.09 -6.81
N ILE A 90 2.05 -2.06 -5.89
CA ILE A 90 1.65 -1.81 -4.49
C ILE A 90 2.84 -1.19 -3.77
N ILE A 91 2.72 0.01 -3.19
CA ILE A 91 3.82 0.74 -2.55
C ILE A 91 3.52 0.88 -1.04
N VAL A 92 4.52 0.52 -0.23
CA VAL A 92 4.47 0.62 1.23
C VAL A 92 5.52 1.64 1.67
N GLY A 93 5.05 2.83 2.06
CA GLY A 93 5.88 3.83 2.73
C GLY A 93 6.25 5.07 1.90
N THR A 94 7.06 5.91 2.54
CA THR A 94 7.65 7.16 2.03
C THR A 94 9.14 7.23 2.38
N GLY A 95 9.90 8.12 1.72
CA GLY A 95 11.36 8.18 1.80
C GLY A 95 12.05 7.15 0.91
N ASP A 96 13.37 6.97 1.05
CA ASP A 96 14.11 5.84 0.44
C ASP A 96 13.67 4.49 1.05
N SER A 97 13.13 4.54 2.28
CA SER A 97 12.62 3.47 3.14
C SER A 97 11.43 2.65 2.63
N ARG A 98 10.86 2.96 1.47
CA ARG A 98 9.66 2.32 0.93
C ARG A 98 9.99 1.15 -0.01
N LEU A 99 9.13 0.12 -0.03
CA LEU A 99 9.21 -0.98 -0.99
C LEU A 99 8.02 -0.97 -1.94
N THR A 100 8.12 -1.72 -3.04
CA THR A 100 6.98 -2.03 -3.89
C THR A 100 7.03 -3.44 -4.51
N TYR A 101 5.86 -3.93 -4.92
CA TYR A 101 5.63 -5.24 -5.53
C TYR A 101 4.59 -5.10 -6.66
N GLN A 102 4.87 -5.72 -7.81
CA GLN A 102 4.07 -5.61 -9.04
C GLN A 102 2.76 -6.42 -8.93
N TRP A 103 1.65 -5.86 -9.41
CA TRP A 103 0.35 -6.54 -9.45
C TRP A 103 -0.48 -6.17 -10.68
N HIS A 104 -0.78 -7.18 -11.50
CA HIS A 104 -1.63 -7.07 -12.68
C HIS A 104 -3.04 -7.57 -12.34
N LYS A 105 -4.05 -6.70 -12.40
CA LYS A 105 -5.45 -7.08 -12.21
C LYS A 105 -6.12 -7.33 -13.57
N GLU A 106 -7.13 -8.19 -13.57
CA GLU A 106 -8.05 -8.49 -14.67
C GLU A 106 -8.42 -7.24 -15.48
N GLY A 107 -7.95 -7.15 -16.72
CA GLY A 107 -8.18 -6.00 -17.60
C GLY A 107 -7.09 -5.79 -18.65
N SER A 108 -6.12 -4.90 -18.38
CA SER A 108 -5.10 -4.46 -19.36
C SER A 108 -4.11 -5.56 -19.77
N SER A 109 -3.66 -6.37 -18.81
CA SER A 109 -2.46 -7.20 -18.95
C SER A 109 -2.60 -8.65 -18.45
N ILE A 110 -3.73 -9.00 -17.83
CA ILE A 110 -4.08 -10.39 -17.53
C ILE A 110 -5.61 -10.58 -17.59
N GLY A 111 -6.05 -11.84 -17.76
CA GLY A 111 -7.46 -12.22 -17.77
C GLY A 111 -8.03 -12.33 -16.35
N LYS A 112 -7.33 -13.07 -15.49
CA LYS A 112 -7.48 -13.18 -14.03
C LYS A 112 -6.15 -13.69 -13.47
N MET A 1 -7.59 6.49 -5.86
CA MET A 1 -8.37 7.73 -6.07
C MET A 1 -8.59 8.42 -4.72
N SER A 2 -8.50 9.75 -4.66
CA SER A 2 -8.38 10.56 -3.44
C SER A 2 -9.63 10.76 -2.58
N ALA A 3 -10.79 10.26 -3.03
CA ALA A 3 -12.05 10.26 -2.29
C ALA A 3 -12.03 9.42 -0.99
N LEU A 4 -10.94 8.68 -0.73
CA LEU A 4 -10.67 7.92 0.49
C LEU A 4 -9.42 8.48 1.17
N THR A 5 -9.54 8.89 2.43
CA THR A 5 -8.62 9.76 3.19
C THR A 5 -7.12 9.51 2.98
N LEU A 6 -6.69 8.24 3.00
CA LEU A 6 -5.27 7.86 2.87
C LEU A 6 -4.71 8.15 1.46
N LYS A 7 -5.55 8.26 0.43
CA LYS A 7 -5.14 8.55 -0.96
C LYS A 7 -4.91 10.06 -1.10
N GLY A 8 -3.84 10.55 -0.46
CA GLY A 8 -3.40 11.94 -0.50
C GLY A 8 -4.09 12.83 0.55
N THR A 9 -5.42 12.78 0.62
CA THR A 9 -6.30 13.71 1.35
C THR A 9 -5.88 14.01 2.79
N SER A 10 -5.45 13.02 3.60
CA SER A 10 -4.77 13.28 4.88
C SER A 10 -3.98 12.08 5.41
N TYR A 11 -2.68 12.27 5.64
CA TYR A 11 -1.80 11.32 6.34
C TYR A 11 -0.54 12.03 6.89
N LYS A 12 0.09 11.40 7.87
CA LYS A 12 1.41 11.72 8.44
C LYS A 12 2.30 10.54 8.09
N MET A 13 3.18 10.70 7.10
CA MET A 13 3.94 9.63 6.47
C MET A 13 5.10 9.09 7.32
N CYS A 14 5.46 7.82 7.13
CA CYS A 14 6.71 7.24 7.65
C CYS A 14 7.80 7.29 6.57
N THR A 15 9.05 7.39 7.04
CA THR A 15 10.26 7.28 6.21
C THR A 15 11.34 6.36 6.80
N ASP A 16 11.06 5.60 7.87
CA ASP A 16 11.94 4.48 8.27
C ASP A 16 11.69 3.24 7.38
N LYS A 17 12.72 2.39 7.26
CA LYS A 17 12.82 1.25 6.35
C LYS A 17 11.70 0.22 6.58
N MET A 18 10.76 0.14 5.62
CA MET A 18 9.60 -0.75 5.74
C MET A 18 9.85 -2.17 5.22
N SER A 19 8.90 -3.08 5.47
CA SER A 19 8.75 -4.32 4.69
C SER A 19 7.33 -4.91 4.77
N PHE A 20 6.94 -5.64 3.71
CA PHE A 20 5.84 -6.60 3.76
C PHE A 20 6.31 -7.88 4.44
N VAL A 21 5.59 -8.32 5.48
CA VAL A 21 5.78 -9.61 6.16
C VAL A 21 5.06 -10.74 5.40
N LYS A 22 4.02 -10.39 4.62
CA LYS A 22 3.32 -11.24 3.67
C LYS A 22 3.15 -10.43 2.39
N ASN A 23 3.61 -10.98 1.26
CA ASN A 23 3.47 -10.35 -0.05
C ASN A 23 2.00 -10.04 -0.37
N PRO A 24 1.68 -8.96 -1.10
CA PRO A 24 0.35 -8.77 -1.67
C PRO A 24 0.00 -9.97 -2.56
N THR A 25 -1.13 -10.63 -2.28
CA THR A 25 -1.72 -11.66 -3.16
C THR A 25 -3.17 -11.33 -3.49
N ASP A 26 -3.50 -11.28 -4.80
CA ASP A 26 -4.87 -11.09 -5.26
C ASP A 26 -5.77 -12.23 -4.77
N THR A 27 -6.81 -11.86 -4.02
CA THR A 27 -7.73 -12.79 -3.34
C THR A 27 -8.78 -13.40 -4.28
N GLY A 28 -8.87 -12.95 -5.53
CA GLY A 28 -10.02 -13.21 -6.40
C GLY A 28 -11.33 -12.53 -5.95
N HIS A 29 -11.38 -11.88 -4.78
CA HIS A 29 -12.55 -11.14 -4.27
C HIS A 29 -12.57 -9.68 -4.79
N GLY A 30 -11.64 -9.31 -5.69
CA GLY A 30 -11.39 -7.93 -6.12
C GLY A 30 -10.26 -7.24 -5.34
N THR A 31 -9.67 -7.92 -4.35
CA THR A 31 -8.72 -7.35 -3.39
C THR A 31 -7.35 -8.03 -3.46
N VAL A 32 -6.34 -7.42 -2.84
CA VAL A 32 -4.96 -7.88 -2.76
C VAL A 32 -4.49 -7.80 -1.30
N VAL A 33 -4.21 -8.95 -0.67
CA VAL A 33 -3.99 -9.07 0.78
C VAL A 33 -2.51 -9.23 1.17
N MET A 34 -2.08 -8.50 2.20
CA MET A 34 -0.71 -8.45 2.74
C MET A 34 -0.67 -8.24 4.27
N GLN A 35 0.52 -8.45 4.86
CA GLN A 35 0.93 -7.97 6.18
C GLN A 35 2.09 -7.00 5.95
N VAL A 36 2.09 -5.83 6.62
CA VAL A 36 3.19 -4.86 6.51
C VAL A 36 3.64 -4.38 7.89
N LYS A 37 4.94 -4.06 8.01
CA LYS A 37 5.59 -3.71 9.28
C LYS A 37 6.50 -2.48 9.15
N VAL A 38 6.58 -1.69 10.23
CA VAL A 38 7.58 -0.64 10.46
C VAL A 38 8.48 -1.00 11.66
N PRO A 39 9.71 -0.44 11.79
CA PRO A 39 10.67 -0.89 12.82
C PRO A 39 11.05 0.14 13.90
N LYS A 40 11.53 1.36 13.57
CA LYS A 40 11.85 2.39 14.58
C LYS A 40 11.48 3.82 14.15
N GLY A 41 11.65 4.79 15.07
CA GLY A 41 11.67 6.24 14.83
C GLY A 41 10.39 6.95 14.34
N ALA A 42 9.36 6.22 13.88
CA ALA A 42 8.32 6.78 13.02
C ALA A 42 6.90 6.81 13.65
N PRO A 43 6.40 7.99 14.09
CA PRO A 43 4.97 8.23 14.27
C PRO A 43 4.30 8.56 12.93
N CYS A 44 3.34 7.72 12.49
CA CYS A 44 2.74 7.87 11.17
C CYS A 44 1.41 7.11 10.95
N LYS A 45 0.53 7.67 10.12
CA LYS A 45 -0.52 6.95 9.38
C LYS A 45 0.18 6.23 8.22
N ILE A 46 0.47 4.95 8.40
CA ILE A 46 1.45 4.21 7.60
C ILE A 46 1.12 4.29 6.08
N PRO A 47 1.94 4.96 5.24
CA PRO A 47 1.59 5.29 3.86
C PRO A 47 1.57 4.07 2.93
N VAL A 48 0.36 3.62 2.61
CA VAL A 48 0.04 2.57 1.63
C VAL A 48 -0.45 3.21 0.33
N ILE A 49 0.30 3.00 -0.74
CA ILE A 49 0.05 3.58 -2.06
C ILE A 49 -0.08 2.48 -3.12
N VAL A 50 -0.68 2.83 -4.25
CA VAL A 50 -0.70 2.02 -5.47
C VAL A 50 -0.49 2.97 -6.63
N ALA A 51 0.39 2.61 -7.56
CA ALA A 51 0.74 3.45 -8.70
C ALA A 51 0.96 2.61 -9.96
N ASP A 52 1.07 3.27 -11.12
CA ASP A 52 1.66 2.68 -12.33
C ASP A 52 3.11 3.17 -12.57
N ASP A 53 3.62 4.00 -11.66
CA ASP A 53 4.84 4.80 -11.82
C ASP A 53 5.97 4.46 -10.82
N LEU A 54 5.79 3.42 -9.99
CA LEU A 54 6.71 2.96 -8.94
C LEU A 54 7.01 3.95 -7.79
N THR A 55 6.57 5.22 -7.87
CA THR A 55 6.89 6.27 -6.88
C THR A 55 5.64 6.90 -6.23
N ALA A 56 4.44 6.54 -6.67
CA ALA A 56 3.16 7.10 -6.29
C ALA A 56 3.02 8.59 -6.68
N ALA A 57 3.43 8.92 -7.90
CA ALA A 57 2.96 10.14 -8.55
C ALA A 57 1.44 10.08 -8.77
N ILE A 58 0.94 8.90 -9.17
CA ILE A 58 -0.48 8.53 -9.17
C ILE A 58 -0.80 7.81 -7.84
N ASN A 59 -1.94 8.10 -7.22
CA ASN A 59 -2.46 7.37 -6.05
C ASN A 59 -3.69 6.55 -6.46
N LYS A 60 -3.43 5.49 -7.24
CA LYS A 60 -4.37 4.75 -8.08
C LYS A 60 -5.46 4.04 -7.26
N GLY A 61 -5.05 3.09 -6.41
CA GLY A 61 -5.90 2.13 -5.72
C GLY A 61 -6.32 2.51 -4.29
N ILE A 62 -7.23 1.72 -3.75
CA ILE A 62 -8.00 1.93 -2.52
C ILE A 62 -7.52 0.99 -1.40
N LEU A 63 -7.66 1.43 -0.14
CA LEU A 63 -7.53 0.62 1.07
C LEU A 63 -8.90 -0.01 1.37
N VAL A 64 -8.97 -1.35 1.46
CA VAL A 64 -10.23 -2.05 1.74
C VAL A 64 -10.47 -2.16 3.25
N THR A 65 -9.43 -2.51 4.02
CA THR A 65 -9.48 -2.49 5.49
C THR A 65 -8.79 -1.24 6.08
N VAL A 66 -8.88 -1.10 7.40
CA VAL A 66 -8.37 0.06 8.16
C VAL A 66 -6.86 0.21 8.07
N ASN A 67 -6.41 1.39 7.64
CA ASN A 67 -5.02 1.83 7.74
C ASN A 67 -4.75 2.37 9.16
N PRO A 68 -3.77 1.82 9.92
CA PRO A 68 -3.52 2.16 11.33
C PRO A 68 -2.68 3.44 11.49
N ILE A 69 -2.25 3.73 12.73
CA ILE A 69 -1.22 4.72 13.07
C ILE A 69 -0.17 4.01 13.92
N ALA A 70 1.10 4.14 13.54
CA ALA A 70 2.25 3.64 14.29
C ALA A 70 2.39 4.34 15.65
N SER A 71 1.61 3.88 16.65
CA SER A 71 1.78 4.26 18.06
C SER A 71 2.81 3.39 18.79
N THR A 72 3.26 2.30 18.14
CA THR A 72 4.37 1.43 18.51
C THR A 72 5.34 1.46 17.33
N ASN A 73 6.62 1.74 17.54
CA ASN A 73 7.51 1.91 16.38
C ASN A 73 7.74 0.60 15.59
N ASP A 74 7.45 -0.57 16.21
CA ASP A 74 7.38 -1.91 15.61
C ASP A 74 6.07 -2.21 14.85
N ASP A 75 5.14 -1.23 14.77
CA ASP A 75 3.75 -1.44 14.30
C ASP A 75 3.65 -2.30 13.03
N GLU A 76 2.71 -3.25 13.08
CA GLU A 76 2.50 -4.26 12.05
C GLU A 76 1.00 -4.52 11.89
N VAL A 77 0.55 -4.64 10.64
CA VAL A 77 -0.88 -4.71 10.36
C VAL A 77 -1.20 -5.58 9.13
N LEU A 78 -2.35 -6.24 9.22
CA LEU A 78 -3.08 -6.95 8.16
C LEU A 78 -3.77 -5.91 7.26
N ILE A 79 -3.45 -5.88 5.95
CA ILE A 79 -4.10 -4.96 5.01
C ILE A 79 -4.55 -5.67 3.73
N GLU A 80 -5.74 -5.29 3.26
CA GLU A 80 -6.22 -5.53 1.90
C GLU A 80 -6.31 -4.20 1.14
N VAL A 81 -5.84 -4.22 -0.12
CA VAL A 81 -5.98 -3.11 -1.07
C VAL A 81 -6.80 -3.54 -2.29
N ASN A 82 -7.32 -2.56 -3.02
CA ASN A 82 -8.10 -2.73 -4.25
C ASN A 82 -7.56 -1.77 -5.32
N PRO A 83 -6.76 -2.26 -6.29
CA PRO A 83 -6.48 -1.51 -7.51
C PRO A 83 -7.67 -1.60 -8.49
N PRO A 84 -7.73 -0.74 -9.52
CA PRO A 84 -8.53 -0.95 -10.72
C PRO A 84 -8.21 -2.28 -11.44
N PHE A 85 -8.97 -2.57 -12.49
CA PHE A 85 -8.61 -3.58 -13.50
C PHE A 85 -7.26 -3.22 -14.15
N GLY A 86 -6.44 -4.23 -14.48
CA GLY A 86 -5.17 -4.05 -15.16
C GLY A 86 -3.94 -3.97 -14.24
N ASP A 87 -3.00 -3.09 -14.63
CA ASP A 87 -1.65 -2.98 -14.08
C ASP A 87 -1.60 -2.25 -12.72
N SER A 88 -0.57 -2.54 -11.90
CA SER A 88 -0.25 -1.77 -10.67
C SER A 88 1.13 -2.11 -10.09
N TYR A 89 1.62 -1.20 -9.25
CA TYR A 89 2.71 -1.35 -8.29
C TYR A 89 2.16 -0.96 -6.93
N ILE A 90 2.01 -1.95 -6.02
CA ILE A 90 1.63 -1.69 -4.63
C ILE A 90 2.88 -1.12 -3.94
N ILE A 91 2.79 0.06 -3.31
CA ILE A 91 3.92 0.76 -2.69
C ILE A 91 3.67 0.90 -1.18
N VAL A 92 4.72 0.62 -0.41
CA VAL A 92 4.72 0.58 1.05
C VAL A 92 5.84 1.50 1.54
N GLY A 93 5.48 2.74 1.91
CA GLY A 93 6.39 3.73 2.48
C GLY A 93 6.63 5.00 1.64
N THR A 94 7.35 5.94 2.25
CA THR A 94 7.95 7.13 1.61
C THR A 94 9.43 7.27 1.99
N GLY A 95 10.15 8.23 1.38
CA GLY A 95 11.61 8.32 1.50
C GLY A 95 12.32 7.30 0.59
N ASP A 96 13.59 7.01 0.86
CA ASP A 96 14.32 5.88 0.26
C ASP A 96 13.78 4.53 0.77
N SER A 97 13.30 4.52 2.02
CA SER A 97 12.82 3.41 2.84
C SER A 97 11.65 2.58 2.32
N ARG A 98 11.05 2.96 1.18
CA ARG A 98 9.81 2.38 0.67
C ARG A 98 10.09 1.13 -0.17
N LEU A 99 9.24 0.11 -0.01
CA LEU A 99 9.25 -1.06 -0.90
C LEU A 99 8.07 -0.99 -1.88
N THR A 100 8.13 -1.78 -2.94
CA THR A 100 7.00 -1.97 -3.83
C THR A 100 6.95 -3.39 -4.43
N TYR A 101 5.75 -3.82 -4.83
CA TYR A 101 5.45 -5.14 -5.37
C TYR A 101 4.53 -4.97 -6.58
N GLN A 102 5.01 -5.38 -7.77
CA GLN A 102 4.25 -5.34 -9.01
C GLN A 102 3.05 -6.30 -8.95
N TRP A 103 1.88 -5.84 -9.39
CA TRP A 103 0.69 -6.65 -9.57
C TRP A 103 0.03 -6.38 -10.93
N HIS A 104 -0.34 -7.47 -11.60
CA HIS A 104 -1.18 -7.45 -12.80
C HIS A 104 -2.47 -8.16 -12.44
N LYS A 105 -3.60 -7.50 -12.68
CA LYS A 105 -4.94 -7.96 -12.34
C LYS A 105 -5.82 -7.91 -13.59
N GLU A 106 -6.82 -8.79 -13.70
CA GLU A 106 -7.78 -8.90 -14.81
C GLU A 106 -8.02 -7.56 -15.56
N GLY A 107 -7.51 -7.42 -16.79
CA GLY A 107 -7.65 -6.19 -17.57
C GLY A 107 -6.61 -6.05 -18.69
N SER A 108 -5.87 -4.93 -18.68
CA SER A 108 -4.95 -4.45 -19.73
C SER A 108 -3.86 -5.45 -20.12
N SER A 109 -3.30 -6.18 -19.17
CA SER A 109 -2.06 -6.96 -19.35
C SER A 109 -2.13 -8.40 -18.84
N ILE A 110 -3.26 -8.83 -18.24
CA ILE A 110 -3.48 -10.21 -17.80
C ILE A 110 -4.98 -10.56 -17.78
N GLY A 111 -5.30 -11.85 -17.85
CA GLY A 111 -6.68 -12.37 -17.82
C GLY A 111 -7.26 -12.56 -16.42
N LYS A 112 -6.42 -12.58 -15.37
CA LYS A 112 -6.80 -12.66 -13.95
C LYS A 112 -5.80 -11.89 -13.11
N MET A 1 -8.17 6.81 -6.93
CA MET A 1 -8.38 8.23 -6.54
C MET A 1 -7.34 8.67 -5.52
N SER A 2 -6.92 9.94 -5.61
CA SER A 2 -5.93 10.59 -4.74
C SER A 2 -6.50 11.70 -3.85
N ALA A 3 -7.71 12.19 -4.11
CA ALA A 3 -8.39 13.26 -3.35
C ALA A 3 -8.78 12.87 -1.91
N LEU A 4 -8.48 11.64 -1.48
CA LEU A 4 -8.75 11.10 -0.15
C LEU A 4 -7.46 11.19 0.70
N THR A 5 -7.62 11.53 1.98
CA THR A 5 -6.54 11.72 2.99
C THR A 5 -5.43 10.68 2.88
N LEU A 6 -5.75 9.43 3.24
CA LEU A 6 -4.82 8.30 3.25
C LEU A 6 -4.23 7.95 1.87
N LYS A 7 -4.77 8.51 0.78
CA LYS A 7 -4.35 8.21 -0.60
C LYS A 7 -3.44 9.31 -1.16
N GLY A 8 -2.33 9.53 -0.46
CA GLY A 8 -1.28 10.50 -0.82
C GLY A 8 -1.52 11.90 -0.25
N THR A 9 -2.77 12.39 -0.32
CA THR A 9 -3.10 13.80 -0.05
C THR A 9 -2.83 14.26 1.39
N SER A 10 -3.00 13.44 2.44
CA SER A 10 -2.72 13.83 3.82
C SER A 10 -2.62 12.65 4.80
N TYR A 11 -1.40 12.39 5.31
CA TYR A 11 -1.15 11.56 6.48
C TYR A 11 0.07 12.06 7.27
N LYS A 12 0.14 11.73 8.56
CA LYS A 12 1.38 11.72 9.34
C LYS A 12 2.19 10.50 8.89
N MET A 13 3.14 10.74 7.98
CA MET A 13 3.95 9.76 7.25
C MET A 13 4.96 8.97 8.09
N CYS A 14 5.34 7.77 7.63
CA CYS A 14 6.50 7.01 8.09
C CYS A 14 7.63 7.14 7.05
N THR A 15 8.89 7.27 7.49
CA THR A 15 10.06 7.30 6.59
C THR A 15 11.27 6.50 7.09
N ASP A 16 11.16 5.76 8.20
CA ASP A 16 12.12 4.69 8.53
C ASP A 16 11.83 3.41 7.71
N LYS A 17 12.81 2.52 7.59
CA LYS A 17 12.92 1.45 6.58
C LYS A 17 11.82 0.39 6.75
N MET A 18 10.75 0.50 5.96
CA MET A 18 9.60 -0.41 6.00
C MET A 18 9.85 -1.68 5.19
N SER A 19 9.02 -2.70 5.38
CA SER A 19 8.98 -3.90 4.52
C SER A 19 7.66 -4.65 4.66
N PHE A 20 7.38 -5.54 3.70
CA PHE A 20 6.36 -6.57 3.86
C PHE A 20 6.89 -7.70 4.75
N VAL A 21 6.16 -8.04 5.82
CA VAL A 21 6.27 -9.33 6.51
C VAL A 21 5.70 -10.45 5.62
N LYS A 22 4.74 -10.10 4.75
CA LYS A 22 4.16 -10.92 3.69
C LYS A 22 3.85 -10.01 2.50
N ASN A 23 4.48 -10.28 1.36
CA ASN A 23 4.23 -9.61 0.09
C ASN A 23 2.73 -9.64 -0.29
N PRO A 24 2.21 -8.58 -0.94
CA PRO A 24 0.84 -8.57 -1.45
C PRO A 24 0.56 -9.76 -2.37
N THR A 25 -0.54 -10.49 -2.13
CA THR A 25 -1.04 -11.54 -3.01
C THR A 25 -2.50 -11.31 -3.37
N ASP A 26 -2.81 -11.42 -4.66
CA ASP A 26 -4.14 -11.25 -5.26
C ASP A 26 -5.14 -12.30 -4.73
N THR A 27 -6.36 -11.87 -4.39
CA THR A 27 -7.46 -12.75 -3.98
C THR A 27 -8.35 -13.20 -5.14
N GLY A 28 -8.24 -12.58 -6.32
CA GLY A 28 -9.19 -12.72 -7.43
C GLY A 28 -10.60 -12.17 -7.14
N HIS A 29 -10.85 -11.63 -5.94
CA HIS A 29 -12.13 -11.03 -5.55
C HIS A 29 -12.16 -9.52 -5.85
N GLY A 30 -11.17 -9.00 -6.59
CA GLY A 30 -10.93 -7.57 -6.74
C GLY A 30 -10.06 -6.97 -5.62
N THR A 31 -9.37 -7.80 -4.83
CA THR A 31 -8.50 -7.35 -3.72
C THR A 31 -7.10 -8.00 -3.75
N VAL A 32 -6.20 -7.47 -2.92
CA VAL A 32 -4.83 -7.96 -2.71
C VAL A 32 -4.53 -7.90 -1.20
N VAL A 33 -4.01 -9.00 -0.61
CA VAL A 33 -3.77 -9.13 0.84
C VAL A 33 -2.27 -9.18 1.17
N MET A 34 -1.85 -8.41 2.18
CA MET A 34 -0.45 -8.26 2.62
C MET A 34 -0.30 -8.19 4.15
N GLN A 35 0.94 -8.40 4.63
CA GLN A 35 1.37 -8.05 5.98
C GLN A 35 2.54 -7.08 5.87
N VAL A 36 2.45 -5.90 6.48
CA VAL A 36 3.46 -4.82 6.36
C VAL A 36 3.92 -4.33 7.73
N LYS A 37 5.19 -3.90 7.83
CA LYS A 37 5.86 -3.47 9.07
C LYS A 37 6.61 -2.15 8.92
N VAL A 38 6.55 -1.34 9.99
CA VAL A 38 7.41 -0.20 10.33
C VAL A 38 8.31 -0.63 11.53
N PRO A 39 9.59 -0.22 11.64
CA PRO A 39 10.46 -0.67 12.75
C PRO A 39 10.69 0.37 13.86
N LYS A 40 11.32 1.53 13.57
CA LYS A 40 11.67 2.54 14.60
C LYS A 40 11.44 3.98 14.12
N GLY A 41 11.55 4.95 15.03
CA GLY A 41 11.55 6.40 14.80
C GLY A 41 10.24 7.04 14.27
N ALA A 42 9.28 6.25 13.79
CA ALA A 42 8.11 6.71 13.04
C ALA A 42 6.80 6.56 13.82
N PRO A 43 6.26 7.63 14.44
CA PRO A 43 4.84 7.75 14.78
C PRO A 43 4.06 8.15 13.51
N CYS A 44 3.19 7.27 12.98
CA CYS A 44 2.58 7.49 11.68
C CYS A 44 1.29 6.71 11.42
N LYS A 45 0.38 7.31 10.62
CA LYS A 45 -0.73 6.64 9.93
C LYS A 45 -0.13 5.92 8.71
N ILE A 46 0.11 4.62 8.82
CA ILE A 46 1.05 3.91 7.93
C ILE A 46 0.60 4.00 6.44
N PRO A 47 1.35 4.68 5.56
CA PRO A 47 0.89 5.03 4.22
C PRO A 47 0.90 3.83 3.25
N VAL A 48 -0.31 3.44 2.85
CA VAL A 48 -0.62 2.40 1.86
C VAL A 48 -1.16 3.05 0.59
N ILE A 49 -0.43 2.93 -0.51
CA ILE A 49 -0.74 3.56 -1.80
C ILE A 49 -0.64 2.54 -2.94
N VAL A 50 -1.29 2.83 -4.07
CA VAL A 50 -1.36 1.96 -5.25
C VAL A 50 -1.22 2.82 -6.50
N ALA A 51 -0.15 2.67 -7.29
CA ALA A 51 0.19 3.59 -8.38
C ALA A 51 0.81 2.89 -9.59
N ASP A 52 0.97 3.60 -10.72
CA ASP A 52 1.70 3.11 -11.90
C ASP A 52 3.08 3.80 -12.05
N ASP A 53 3.48 4.63 -11.07
CA ASP A 53 4.55 5.63 -11.16
C ASP A 53 5.75 5.34 -10.22
N LEU A 54 5.71 4.23 -9.49
CA LEU A 54 6.66 3.80 -8.44
C LEU A 54 6.78 4.75 -7.22
N THR A 55 6.00 5.83 -7.14
CA THR A 55 6.13 6.87 -6.10
C THR A 55 4.82 7.38 -5.47
N ALA A 56 3.67 6.99 -6.02
CA ALA A 56 2.34 7.48 -5.69
C ALA A 56 2.20 9.01 -5.81
N ALA A 57 2.60 9.55 -6.97
CA ALA A 57 2.12 10.85 -7.44
C ALA A 57 0.64 10.75 -7.82
N ILE A 58 0.22 9.59 -8.37
CA ILE A 58 -1.18 9.20 -8.54
C ILE A 58 -1.48 8.03 -7.59
N ASN A 59 -2.68 8.00 -6.99
CA ASN A 59 -3.20 6.81 -6.33
C ASN A 59 -4.44 6.27 -7.05
N LYS A 60 -4.41 4.98 -7.36
CA LYS A 60 -5.45 4.18 -7.97
C LYS A 60 -6.39 3.62 -6.90
N GLY A 61 -5.89 2.69 -6.08
CA GLY A 61 -6.68 1.79 -5.24
C GLY A 61 -6.95 2.25 -3.80
N ILE A 62 -7.90 1.54 -3.18
CA ILE A 62 -8.57 1.87 -1.91
C ILE A 62 -8.23 0.80 -0.84
N LEU A 63 -8.27 1.20 0.44
CA LEU A 63 -8.14 0.30 1.60
C LEU A 63 -9.46 -0.43 1.84
N VAL A 64 -9.46 -1.76 1.92
CA VAL A 64 -10.67 -2.55 2.22
C VAL A 64 -10.84 -2.75 3.73
N THR A 65 -9.74 -2.96 4.45
CA THR A 65 -9.72 -3.07 5.91
C THR A 65 -9.13 -1.83 6.59
N VAL A 66 -9.19 -1.79 7.92
CA VAL A 66 -8.72 -0.71 8.77
C VAL A 66 -7.20 -0.54 8.72
N ASN A 67 -6.74 0.67 8.43
CA ASN A 67 -5.32 1.06 8.38
C ASN A 67 -4.91 1.70 9.73
N PRO A 68 -3.80 1.27 10.36
CA PRO A 68 -3.44 1.63 11.75
C PRO A 68 -2.70 2.98 11.90
N ILE A 69 -2.31 3.29 13.14
CA ILE A 69 -1.40 4.37 13.55
C ILE A 69 -0.35 3.77 14.50
N ALA A 70 0.92 3.89 14.12
CA ALA A 70 2.08 3.42 14.87
C ALA A 70 2.30 4.18 16.19
N SER A 71 1.46 3.90 17.21
CA SER A 71 1.65 4.40 18.58
C SER A 71 2.88 3.81 19.28
N THR A 72 3.43 2.72 18.75
CA THR A 72 4.80 2.24 18.91
C THR A 72 5.35 2.02 17.50
N ASN A 73 6.61 2.39 17.28
CA ASN A 73 7.16 2.48 15.92
C ASN A 73 7.31 1.12 15.21
N ASP A 74 7.23 0.02 15.97
CA ASP A 74 7.30 -1.38 15.54
C ASP A 74 6.05 -1.88 14.77
N ASP A 75 5.02 -1.04 14.60
CA ASP A 75 3.72 -1.34 14.01
C ASP A 75 3.79 -2.27 12.78
N GLU A 76 3.15 -3.45 12.90
CA GLU A 76 3.06 -4.46 11.86
C GLU A 76 1.65 -5.06 11.77
N VAL A 77 1.10 -5.14 10.55
CA VAL A 77 -0.36 -5.27 10.35
C VAL A 77 -0.75 -6.04 9.07
N LEU A 78 -1.89 -6.73 9.14
CA LEU A 78 -2.67 -7.33 8.03
C LEU A 78 -3.44 -6.24 7.28
N ILE A 79 -3.28 -6.14 5.95
CA ILE A 79 -4.08 -5.21 5.13
C ILE A 79 -4.56 -5.89 3.84
N GLU A 80 -5.83 -5.65 3.49
CA GLU A 80 -6.36 -5.80 2.13
C GLU A 80 -6.59 -4.46 1.44
N VAL A 81 -6.21 -4.39 0.16
CA VAL A 81 -6.45 -3.26 -0.75
C VAL A 81 -7.25 -3.69 -1.98
N ASN A 82 -8.03 -2.76 -2.52
CA ASN A 82 -8.81 -2.87 -3.74
C ASN A 82 -8.20 -1.97 -4.83
N PRO A 83 -7.43 -2.54 -5.78
CA PRO A 83 -7.04 -1.85 -7.00
C PRO A 83 -8.21 -1.80 -8.01
N PRO A 84 -8.16 -0.91 -9.03
CA PRO A 84 -9.00 -1.04 -10.23
C PRO A 84 -8.63 -2.28 -11.04
N PHE A 85 -9.38 -2.54 -12.11
CA PHE A 85 -8.98 -3.49 -13.15
C PHE A 85 -7.81 -2.94 -13.98
N GLY A 86 -6.91 -3.82 -14.46
CA GLY A 86 -5.66 -3.46 -15.13
C GLY A 86 -4.44 -3.44 -14.19
N ASP A 87 -3.39 -2.72 -14.59
CA ASP A 87 -2.11 -2.64 -13.88
C ASP A 87 -2.17 -1.96 -12.50
N SER A 88 -1.18 -2.26 -11.64
CA SER A 88 -0.83 -1.48 -10.46
C SER A 88 0.54 -1.91 -9.89
N TYR A 89 1.23 -0.97 -9.25
CA TYR A 89 2.24 -1.22 -8.24
C TYR A 89 1.65 -0.87 -6.86
N ILE A 90 1.51 -1.86 -5.98
CA ILE A 90 1.24 -1.62 -4.56
C ILE A 90 2.50 -0.95 -3.98
N ILE A 91 2.35 0.15 -3.24
CA ILE A 91 3.45 0.88 -2.59
C ILE A 91 3.21 0.91 -1.08
N VAL A 92 4.26 0.54 -0.34
CA VAL A 92 4.27 0.39 1.11
C VAL A 92 5.28 1.40 1.66
N GLY A 93 4.79 2.54 2.16
CA GLY A 93 5.63 3.53 2.82
C GLY A 93 5.88 4.82 2.01
N THR A 94 6.67 5.69 2.64
CA THR A 94 7.20 6.97 2.12
C THR A 94 8.69 7.11 2.46
N GLY A 95 9.36 8.12 1.88
CA GLY A 95 10.82 8.29 1.95
C GLY A 95 11.56 7.41 0.94
N ASP A 96 12.89 7.26 1.08
CA ASP A 96 13.63 6.20 0.39
C ASP A 96 13.20 4.81 0.90
N SER A 97 12.86 4.74 2.18
CA SER A 97 12.44 3.61 3.00
C SER A 97 11.21 2.79 2.55
N ARG A 98 10.55 3.16 1.45
CA ARG A 98 9.33 2.52 0.97
C ARG A 98 9.63 1.34 0.04
N LEU A 99 8.77 0.32 0.04
CA LEU A 99 8.84 -0.79 -0.91
C LEU A 99 7.68 -0.74 -1.90
N THR A 100 7.76 -1.53 -2.98
CA THR A 100 6.65 -1.70 -3.92
C THR A 100 6.61 -3.10 -4.53
N TYR A 101 5.43 -3.49 -5.04
CA TYR A 101 5.14 -4.82 -5.59
C TYR A 101 4.08 -4.74 -6.70
N GLN A 102 4.37 -5.28 -7.89
CA GLN A 102 3.49 -5.24 -9.07
C GLN A 102 2.33 -6.25 -8.96
N TRP A 103 1.12 -5.83 -9.35
CA TRP A 103 -0.02 -6.70 -9.64
C TRP A 103 -0.84 -6.18 -10.83
N HIS A 104 -1.26 -7.09 -11.72
CA HIS A 104 -2.15 -6.80 -12.86
C HIS A 104 -3.45 -7.58 -12.72
N LYS A 105 -4.60 -6.89 -12.83
CA LYS A 105 -5.93 -7.45 -12.61
C LYS A 105 -6.53 -8.14 -13.84
N GLU A 106 -7.26 -9.21 -13.54
CA GLU A 106 -7.89 -10.19 -14.41
C GLU A 106 -8.88 -9.63 -15.45
N GLY A 107 -9.08 -10.39 -16.53
CA GLY A 107 -9.83 -9.95 -17.72
C GLY A 107 -8.97 -9.15 -18.72
N SER A 108 -7.66 -9.41 -18.76
CA SER A 108 -6.64 -8.55 -19.37
C SER A 108 -6.01 -9.09 -20.67
N SER A 109 -5.15 -8.25 -21.27
CA SER A 109 -4.28 -8.59 -22.40
C SER A 109 -3.18 -9.61 -22.08
N ILE A 110 -2.84 -9.84 -20.80
CA ILE A 110 -1.74 -10.74 -20.41
C ILE A 110 -2.17 -12.19 -20.16
N GLY A 111 -3.44 -12.52 -20.45
CA GLY A 111 -3.98 -13.89 -20.29
C GLY A 111 -4.51 -14.21 -18.89
N LYS A 112 -4.54 -13.21 -18.00
CA LYS A 112 -5.20 -13.20 -16.69
C LYS A 112 -6.41 -12.29 -16.77
N MET A 1 -7.62 5.85 -6.45
CA MET A 1 -8.49 6.99 -6.09
C MET A 1 -7.76 7.91 -5.13
N SER A 2 -8.13 9.20 -5.07
CA SER A 2 -7.42 10.25 -4.30
C SER A 2 -8.29 11.00 -3.27
N ALA A 3 -9.61 10.84 -3.32
CA ALA A 3 -10.64 11.56 -2.55
C ALA A 3 -10.65 11.26 -1.02
N LEU A 4 -9.54 10.81 -0.45
CA LEU A 4 -9.39 10.40 0.95
C LEU A 4 -8.02 10.83 1.49
N THR A 5 -7.96 11.13 2.79
CA THR A 5 -6.80 11.58 3.57
C THR A 5 -5.51 10.84 3.22
N LEU A 6 -5.50 9.52 3.49
CA LEU A 6 -4.43 8.57 3.22
C LEU A 6 -4.03 8.45 1.74
N LYS A 7 -4.84 8.97 0.79
CA LYS A 7 -4.58 8.87 -0.65
C LYS A 7 -4.05 10.19 -1.19
N GLY A 8 -2.87 10.56 -0.69
CA GLY A 8 -2.12 11.78 -1.04
C GLY A 8 -2.65 13.05 -0.38
N THR A 9 -3.98 13.18 -0.25
CA THR A 9 -4.66 14.42 0.18
C THR A 9 -4.14 15.00 1.50
N SER A 10 -3.98 14.22 2.57
CA SER A 10 -3.35 14.64 3.85
C SER A 10 -3.27 13.50 4.87
N TYR A 11 -2.05 13.06 5.23
CA TYR A 11 -1.80 12.22 6.42
C TYR A 11 -0.36 12.37 6.92
N LYS A 12 -0.14 12.10 8.21
CA LYS A 12 1.19 11.97 8.83
C LYS A 12 1.78 10.61 8.47
N MET A 13 2.66 10.59 7.46
CA MET A 13 3.30 9.38 6.92
C MET A 13 4.50 8.88 7.74
N CYS A 14 4.90 7.63 7.55
CA CYS A 14 6.16 7.08 8.05
C CYS A 14 7.26 7.22 6.99
N THR A 15 8.51 7.38 7.41
CA THR A 15 9.68 7.44 6.52
C THR A 15 10.89 6.63 7.01
N ASP A 16 10.77 5.87 8.11
CA ASP A 16 11.76 4.86 8.47
C ASP A 16 11.58 3.57 7.63
N LYS A 17 12.64 2.76 7.55
CA LYS A 17 12.83 1.62 6.62
C LYS A 17 11.79 0.51 6.84
N MET A 18 10.67 0.58 6.10
CA MET A 18 9.56 -0.37 6.18
C MET A 18 9.87 -1.70 5.50
N SER A 19 9.03 -2.72 5.74
CA SER A 19 9.05 -3.97 4.98
C SER A 19 7.73 -4.74 5.05
N PHE A 20 7.48 -5.61 4.07
CA PHE A 20 6.42 -6.62 4.13
C PHE A 20 6.91 -7.86 4.88
N VAL A 21 6.22 -8.20 5.97
CA VAL A 21 6.29 -9.48 6.68
C VAL A 21 5.65 -10.60 5.85
N LYS A 22 4.67 -10.24 4.99
CA LYS A 22 4.05 -11.10 3.97
C LYS A 22 3.79 -10.24 2.73
N ASN A 23 4.29 -10.68 1.57
CA ASN A 23 4.01 -10.06 0.28
C ASN A 23 2.50 -10.01 -0.03
N PRO A 24 2.00 -8.96 -0.70
CA PRO A 24 0.64 -8.92 -1.22
C PRO A 24 0.33 -10.14 -2.09
N THR A 25 -0.78 -10.83 -1.83
CA THR A 25 -1.32 -11.90 -2.67
C THR A 25 -2.76 -11.60 -3.06
N ASP A 26 -3.05 -11.55 -4.37
CA ASP A 26 -4.38 -11.34 -4.93
C ASP A 26 -5.34 -12.48 -4.56
N THR A 27 -6.56 -12.13 -4.17
CA THR A 27 -7.63 -13.10 -3.85
C THR A 27 -8.48 -13.47 -5.06
N GLY A 28 -8.40 -12.72 -6.17
CA GLY A 28 -9.37 -12.76 -7.27
C GLY A 28 -10.75 -12.19 -6.92
N HIS A 29 -11.05 -11.94 -5.63
CA HIS A 29 -12.33 -11.42 -5.13
C HIS A 29 -12.38 -9.87 -5.21
N GLY A 30 -11.47 -9.24 -5.95
CA GLY A 30 -11.29 -7.80 -6.01
C GLY A 30 -10.25 -7.25 -5.02
N THR A 31 -9.52 -8.11 -4.29
CA THR A 31 -8.65 -7.71 -3.18
C THR A 31 -7.24 -8.34 -3.25
N VAL A 32 -6.32 -7.81 -2.45
CA VAL A 32 -4.94 -8.27 -2.24
C VAL A 32 -4.68 -8.24 -0.73
N VAL A 33 -4.01 -9.25 -0.16
CA VAL A 33 -3.73 -9.34 1.29
C VAL A 33 -2.24 -9.39 1.61
N MET A 34 -1.78 -8.57 2.58
CA MET A 34 -0.37 -8.46 3.01
C MET A 34 -0.22 -8.32 4.54
N GLN A 35 1.02 -8.48 5.02
CA GLN A 35 1.47 -8.12 6.38
C GLN A 35 2.66 -7.17 6.24
N VAL A 36 2.64 -6.02 6.93
CA VAL A 36 3.69 -4.98 6.80
C VAL A 36 4.13 -4.43 8.16
N LYS A 37 5.39 -3.98 8.25
CA LYS A 37 6.03 -3.49 9.48
C LYS A 37 6.77 -2.16 9.27
N VAL A 38 6.69 -1.30 10.29
CA VAL A 38 7.49 -0.07 10.51
C VAL A 38 8.47 -0.33 11.68
N PRO A 39 9.70 0.26 11.73
CA PRO A 39 10.66 0.01 12.83
C PRO A 39 10.71 1.08 13.94
N LYS A 40 11.28 2.28 13.71
CA LYS A 40 11.51 3.29 14.76
C LYS A 40 11.20 4.73 14.34
N GLY A 41 11.09 5.64 15.33
CA GLY A 41 11.02 7.09 15.17
C GLY A 41 9.73 7.67 14.56
N ALA A 42 8.83 6.83 14.05
CA ALA A 42 7.68 7.23 13.23
C ALA A 42 6.32 7.10 13.96
N PRO A 43 5.76 8.19 14.51
CA PRO A 43 4.31 8.31 14.69
C PRO A 43 3.67 8.61 13.34
N CYS A 44 2.73 7.76 12.90
CA CYS A 44 2.14 7.87 11.56
C CYS A 44 0.87 7.04 11.37
N LYS A 45 0.00 7.47 10.43
CA LYS A 45 -1.00 6.64 9.74
C LYS A 45 -0.27 5.95 8.58
N ILE A 46 -0.08 4.64 8.67
CA ILE A 46 1.03 4.00 7.95
C ILE A 46 0.83 4.05 6.41
N PRO A 47 1.87 4.45 5.63
CA PRO A 47 1.78 4.78 4.21
C PRO A 47 1.59 3.55 3.29
N VAL A 48 0.32 3.21 3.02
CA VAL A 48 -0.09 2.25 1.99
C VAL A 48 -0.63 3.03 0.78
N ILE A 49 0.03 2.90 -0.36
CA ILE A 49 -0.36 3.46 -1.66
C ILE A 49 -0.31 2.36 -2.74
N VAL A 50 -0.96 2.59 -3.88
CA VAL A 50 -0.91 1.68 -5.04
C VAL A 50 -0.72 2.54 -6.28
N ALA A 51 0.28 2.26 -7.12
CA ALA A 51 0.67 3.13 -8.23
C ALA A 51 0.94 2.39 -9.54
N ASP A 52 1.19 3.13 -10.62
CA ASP A 52 1.66 2.65 -11.93
C ASP A 52 3.02 3.24 -12.33
N ASP A 53 3.53 4.17 -11.54
CA ASP A 53 4.66 5.07 -11.83
C ASP A 53 5.95 4.71 -11.04
N LEU A 54 5.89 3.65 -10.22
CA LEU A 54 6.91 3.23 -9.23
C LEU A 54 7.29 4.28 -8.16
N THR A 55 6.63 5.44 -8.12
CA THR A 55 6.93 6.56 -7.21
C THR A 55 5.72 7.08 -6.40
N ALA A 56 4.52 6.54 -6.63
CA ALA A 56 3.24 6.96 -6.06
C ALA A 56 2.96 8.46 -6.25
N ALA A 57 3.18 8.98 -7.45
CA ALA A 57 2.63 10.27 -7.88
C ALA A 57 1.12 10.13 -8.13
N ILE A 58 0.69 9.00 -8.72
CA ILE A 58 -0.73 8.64 -8.90
C ILE A 58 -1.09 7.48 -7.94
N ASN A 59 -2.17 7.63 -7.17
CA ASN A 59 -2.73 6.52 -6.39
C ASN A 59 -3.92 5.85 -7.11
N LYS A 60 -3.67 4.63 -7.58
CA LYS A 60 -4.57 3.68 -8.24
C LYS A 60 -5.71 3.20 -7.32
N GLY A 61 -5.35 2.52 -6.22
CA GLY A 61 -6.24 1.64 -5.44
C GLY A 61 -6.74 2.21 -4.11
N ILE A 62 -7.40 1.36 -3.32
CA ILE A 62 -8.07 1.67 -2.05
C ILE A 62 -7.70 0.66 -0.96
N LEU A 63 -7.75 1.08 0.31
CA LEU A 63 -7.64 0.24 1.51
C LEU A 63 -8.99 -0.43 1.79
N VAL A 64 -9.00 -1.76 1.97
CA VAL A 64 -10.21 -2.52 2.30
C VAL A 64 -10.29 -2.81 3.80
N THR A 65 -9.14 -3.08 4.43
CA THR A 65 -9.00 -3.29 5.88
C THR A 65 -8.36 -2.08 6.56
N VAL A 66 -8.52 -2.00 7.89
CA VAL A 66 -7.99 -0.98 8.80
C VAL A 66 -6.50 -0.67 8.60
N ASN A 67 -6.23 0.51 8.04
CA ASN A 67 -4.92 1.16 8.10
C ASN A 67 -4.69 1.73 9.53
N PRO A 68 -3.68 1.28 10.29
CA PRO A 68 -3.48 1.63 11.70
C PRO A 68 -2.78 2.99 11.92
N ILE A 69 -2.50 3.30 13.19
CA ILE A 69 -1.67 4.42 13.68
C ILE A 69 -0.56 3.84 14.56
N ALA A 70 0.69 4.03 14.14
CA ALA A 70 1.88 3.56 14.85
C ALA A 70 2.15 4.35 16.15
N SER A 71 1.36 4.09 17.21
CA SER A 71 1.62 4.65 18.55
C SER A 71 2.85 4.06 19.23
N THR A 72 3.32 2.90 18.77
CA THR A 72 4.64 2.32 19.00
C THR A 72 5.24 2.08 17.61
N ASN A 73 6.39 2.69 17.33
CA ASN A 73 6.93 2.77 15.97
C ASN A 73 7.22 1.42 15.30
N ASP A 74 7.32 0.34 16.08
CA ASP A 74 7.52 -1.05 15.64
C ASP A 74 6.26 -1.67 14.98
N ASP A 75 5.18 -0.88 14.82
CA ASP A 75 3.86 -1.25 14.28
C ASP A 75 3.93 -2.23 13.09
N GLU A 76 3.20 -3.34 13.23
CA GLU A 76 3.25 -4.54 12.39
C GLU A 76 1.83 -5.07 12.20
N VAL A 77 1.30 -4.99 10.97
CA VAL A 77 -0.14 -5.06 10.72
C VAL A 77 -0.49 -5.90 9.48
N LEU A 78 -1.66 -6.53 9.55
CA LEU A 78 -2.38 -7.23 8.46
C LEU A 78 -3.26 -6.22 7.71
N ILE A 79 -3.10 -6.12 6.38
CA ILE A 79 -3.90 -5.22 5.55
C ILE A 79 -4.37 -5.93 4.26
N GLU A 80 -5.67 -5.79 3.97
CA GLU A 80 -6.28 -6.02 2.66
C GLU A 80 -6.46 -4.70 1.88
N VAL A 81 -6.16 -4.78 0.59
CA VAL A 81 -6.09 -3.66 -0.39
C VAL A 81 -6.94 -4.03 -1.62
N ASN A 82 -7.44 -3.02 -2.34
CA ASN A 82 -8.21 -3.13 -3.58
C ASN A 82 -7.46 -2.40 -4.72
N PRO A 83 -6.97 -3.11 -5.75
CA PRO A 83 -6.44 -2.49 -6.96
C PRO A 83 -7.58 -2.11 -7.93
N PRO A 84 -7.33 -1.21 -8.91
CA PRO A 84 -8.20 -1.07 -10.07
C PRO A 84 -8.01 -2.24 -11.05
N PHE A 85 -8.78 -2.22 -12.14
CA PHE A 85 -8.65 -3.13 -13.27
C PHE A 85 -7.38 -2.80 -14.06
N GLY A 86 -6.55 -3.80 -14.37
CA GLY A 86 -5.27 -3.64 -15.04
C GLY A 86 -4.08 -3.69 -14.08
N ASP A 87 -3.08 -2.86 -14.38
CA ASP A 87 -1.77 -2.77 -13.74
C ASP A 87 -1.79 -2.15 -12.33
N SER A 88 -0.81 -2.53 -11.49
CA SER A 88 -0.50 -1.88 -10.22
C SER A 88 0.87 -2.31 -9.64
N TYR A 89 1.43 -1.40 -8.85
CA TYR A 89 2.55 -1.59 -7.92
C TYR A 89 2.03 -1.21 -6.53
N ILE A 90 1.87 -2.19 -5.65
CA ILE A 90 1.54 -1.94 -4.24
C ILE A 90 2.77 -1.29 -3.60
N ILE A 91 2.66 -0.06 -3.07
CA ILE A 91 3.78 0.69 -2.47
C ILE A 91 3.55 0.84 -0.98
N VAL A 92 4.56 0.44 -0.20
CA VAL A 92 4.57 0.46 1.26
C VAL A 92 5.72 1.36 1.69
N GLY A 93 5.39 2.59 2.09
CA GLY A 93 6.36 3.57 2.59
C GLY A 93 6.40 4.90 1.84
N THR A 94 7.19 5.81 2.42
CA THR A 94 7.55 7.13 1.90
C THR A 94 9.00 7.43 2.26
N GLY A 95 9.64 8.39 1.58
CA GLY A 95 11.09 8.53 1.58
C GLY A 95 11.78 7.42 0.75
N ASP A 96 13.09 7.28 0.89
CA ASP A 96 13.85 6.16 0.30
C ASP A 96 13.42 4.80 0.89
N SER A 97 12.99 4.81 2.15
CA SER A 97 12.53 3.72 3.02
C SER A 97 11.36 2.85 2.51
N ARG A 98 10.87 3.07 1.30
CA ARG A 98 9.66 2.45 0.77
C ARG A 98 9.97 1.23 -0.09
N LEU A 99 9.13 0.20 0.00
CA LEU A 99 9.21 -1.00 -0.85
C LEU A 99 7.97 -1.11 -1.75
N THR A 100 8.04 -1.98 -2.76
CA THR A 100 6.90 -2.26 -3.63
C THR A 100 6.84 -3.71 -4.12
N TYR A 101 5.66 -4.11 -4.58
CA TYR A 101 5.36 -5.43 -5.16
C TYR A 101 4.31 -5.26 -6.27
N GLN A 102 4.60 -5.81 -7.46
CA GLN A 102 3.76 -5.68 -8.66
C GLN A 102 2.56 -6.64 -8.61
N TRP A 103 1.38 -6.16 -9.03
CA TRP A 103 0.20 -6.97 -9.29
C TRP A 103 -0.60 -6.45 -10.50
N HIS A 104 -1.12 -7.36 -11.31
CA HIS A 104 -2.15 -7.08 -12.30
C HIS A 104 -3.46 -7.74 -11.87
N LYS A 105 -4.58 -7.01 -12.03
CA LYS A 105 -5.95 -7.48 -11.80
C LYS A 105 -6.66 -7.54 -13.15
N GLU A 106 -7.00 -8.76 -13.57
CA GLU A 106 -7.55 -9.19 -14.87
C GLU A 106 -6.45 -9.49 -15.91
N GLY A 107 -6.71 -10.47 -16.77
CA GLY A 107 -5.72 -11.08 -17.68
C GLY A 107 -5.55 -10.32 -18.99
N SER A 108 -5.15 -9.05 -18.92
CA SER A 108 -4.99 -8.10 -20.04
C SER A 108 -3.98 -8.49 -21.14
N SER A 109 -3.51 -9.74 -21.18
CA SER A 109 -2.68 -10.32 -22.25
C SER A 109 -3.47 -10.80 -23.47
N ILE A 110 -4.79 -10.97 -23.35
CA ILE A 110 -5.69 -11.43 -24.44
C ILE A 110 -6.90 -10.51 -24.66
N GLY A 111 -7.32 -9.77 -23.62
CA GLY A 111 -8.45 -8.87 -23.59
C GLY A 111 -8.79 -8.50 -22.14
N LYS A 112 -9.79 -7.64 -21.94
CA LYS A 112 -10.31 -7.28 -20.61
C LYS A 112 -11.78 -6.87 -20.72
N MET A 1 -7.59 6.35 -6.80
CA MET A 1 -7.88 7.81 -6.73
C MET A 1 -7.35 8.38 -5.42
N SER A 2 -7.32 9.71 -5.28
CA SER A 2 -6.82 10.42 -4.09
C SER A 2 -7.91 10.84 -3.08
N ALA A 3 -9.19 10.58 -3.39
CA ALA A 3 -10.39 10.98 -2.64
C ALA A 3 -10.55 10.35 -1.23
N LEU A 4 -9.48 9.82 -0.64
CA LEU A 4 -9.40 9.32 0.73
C LEU A 4 -8.10 9.86 1.36
N THR A 5 -8.18 10.28 2.62
CA THR A 5 -7.13 10.95 3.42
C THR A 5 -5.71 10.42 3.13
N LEU A 6 -5.49 9.14 3.42
CA LEU A 6 -4.25 8.38 3.24
C LEU A 6 -3.65 8.39 1.82
N LYS A 7 -4.38 8.85 0.79
CA LYS A 7 -4.00 8.73 -0.61
C LYS A 7 -3.51 10.06 -1.16
N GLY A 8 -2.34 10.51 -0.68
CA GLY A 8 -1.73 11.80 -0.99
C GLY A 8 -2.38 12.96 -0.22
N THR A 9 -3.71 13.00 -0.19
CA THR A 9 -4.57 14.08 0.32
C THR A 9 -4.20 14.61 1.71
N SER A 10 -4.03 13.77 2.74
CA SER A 10 -3.50 14.14 4.08
C SER A 10 -3.32 12.93 5.02
N TYR A 11 -2.09 12.71 5.52
CA TYR A 11 -1.81 11.77 6.61
C TYR A 11 -0.49 12.09 7.33
N LYS A 12 -0.37 11.69 8.62
CA LYS A 12 0.89 11.65 9.37
C LYS A 12 1.68 10.41 8.93
N MET A 13 2.68 10.63 8.07
CA MET A 13 3.48 9.62 7.38
C MET A 13 4.54 8.92 8.27
N CYS A 14 4.89 7.68 7.92
CA CYS A 14 6.09 6.99 8.41
C CYS A 14 7.24 7.20 7.42
N THR A 15 8.47 7.39 7.91
CA THR A 15 9.68 7.47 7.06
C THR A 15 10.87 6.67 7.59
N ASP A 16 10.74 5.95 8.71
CA ASP A 16 11.73 4.95 9.11
C ASP A 16 11.53 3.63 8.33
N LYS A 17 12.54 2.74 8.34
CA LYS A 17 12.73 1.63 7.40
C LYS A 17 11.59 0.61 7.44
N MET A 18 10.72 0.61 6.43
CA MET A 18 9.59 -0.32 6.33
C MET A 18 9.94 -1.54 5.46
N SER A 19 9.14 -2.61 5.57
CA SER A 19 9.22 -3.77 4.68
C SER A 19 7.94 -4.60 4.71
N PHE A 20 7.70 -5.37 3.63
CA PHE A 20 6.68 -6.41 3.59
C PHE A 20 7.13 -7.65 4.38
N VAL A 21 6.36 -8.01 5.41
CA VAL A 21 6.39 -9.32 6.07
C VAL A 21 5.82 -10.41 5.15
N LYS A 22 4.90 -10.03 4.25
CA LYS A 22 4.35 -10.85 3.15
C LYS A 22 4.16 -9.97 1.91
N ASN A 23 4.60 -10.46 0.75
CA ASN A 23 4.34 -9.85 -0.55
C ASN A 23 2.83 -9.75 -0.83
N PRO A 24 2.36 -8.68 -1.50
CA PRO A 24 0.97 -8.59 -1.96
C PRO A 24 0.61 -9.75 -2.91
N THR A 25 -0.59 -10.32 -2.75
CA THR A 25 -1.16 -11.36 -3.63
C THR A 25 -2.61 -11.04 -3.99
N ASP A 26 -2.91 -11.01 -5.30
CA ASP A 26 -4.25 -10.80 -5.86
C ASP A 26 -5.23 -11.92 -5.43
N THR A 27 -6.34 -11.53 -4.79
CA THR A 27 -7.40 -12.44 -4.34
C THR A 27 -8.39 -12.81 -5.45
N GLY A 28 -8.39 -12.11 -6.59
CA GLY A 28 -9.47 -12.16 -7.58
C GLY A 28 -10.81 -11.58 -7.09
N HIS A 29 -10.90 -11.12 -5.82
CA HIS A 29 -12.08 -10.47 -5.25
C HIS A 29 -12.09 -8.95 -5.55
N GLY A 30 -11.23 -8.50 -6.47
CA GLY A 30 -10.89 -7.09 -6.67
C GLY A 30 -9.78 -6.57 -5.74
N THR A 31 -9.22 -7.42 -4.86
CA THR A 31 -8.27 -7.00 -3.82
C THR A 31 -6.90 -7.68 -3.96
N VAL A 32 -5.89 -7.10 -3.30
CA VAL A 32 -4.51 -7.60 -3.24
C VAL A 32 -4.06 -7.54 -1.78
N VAL A 33 -3.75 -8.70 -1.17
CA VAL A 33 -3.52 -8.83 0.29
C VAL A 33 -2.03 -8.99 0.64
N MET A 34 -1.54 -8.19 1.59
CA MET A 34 -0.16 -8.14 2.07
C MET A 34 -0.08 -7.99 3.60
N GLN A 35 1.09 -8.20 4.19
CA GLN A 35 1.37 -7.69 5.54
C GLN A 35 2.76 -7.05 5.60
N VAL A 36 2.89 -5.98 6.40
CA VAL A 36 4.06 -5.09 6.42
C VAL A 36 4.44 -4.74 7.86
N LYS A 37 5.68 -4.26 8.08
CA LYS A 37 6.21 -3.83 9.38
C LYS A 37 6.82 -2.43 9.31
N VAL A 38 6.67 -1.69 10.42
CA VAL A 38 7.37 -0.47 10.81
C VAL A 38 8.23 -0.81 12.06
N PRO A 39 9.42 -0.21 12.31
CA PRO A 39 10.30 -0.62 13.42
C PRO A 39 10.43 0.39 14.57
N LYS A 40 11.00 1.59 14.33
CA LYS A 40 11.31 2.57 15.38
C LYS A 40 10.92 4.01 15.03
N GLY A 41 10.81 4.84 16.07
CA GLY A 41 10.65 6.30 16.03
C GLY A 41 9.39 6.88 15.38
N ALA A 42 8.47 6.07 14.85
CA ALA A 42 7.45 6.50 13.89
C ALA A 42 6.00 6.41 14.40
N PRO A 43 5.43 7.50 14.96
CA PRO A 43 3.98 7.67 15.11
C PRO A 43 3.36 8.07 13.76
N CYS A 44 2.50 7.23 13.19
CA CYS A 44 1.97 7.44 11.84
C CYS A 44 0.74 6.61 11.46
N LYS A 45 -0.07 7.14 10.52
CA LYS A 45 -1.04 6.40 9.70
C LYS A 45 -0.27 5.76 8.55
N ILE A 46 -0.06 4.44 8.63
CA ILE A 46 1.08 3.83 7.93
C ILE A 46 0.93 3.90 6.38
N PRO A 47 1.87 4.55 5.66
CA PRO A 47 1.72 4.92 4.25
C PRO A 47 1.67 3.72 3.29
N VAL A 48 0.49 3.52 2.70
CA VAL A 48 0.21 2.59 1.61
C VAL A 48 -0.37 3.36 0.42
N ILE A 49 0.38 3.39 -0.68
CA ILE A 49 0.05 4.06 -1.93
C ILE A 49 0.11 3.03 -3.07
N VAL A 50 -0.55 3.32 -4.20
CA VAL A 50 -0.58 2.42 -5.37
C VAL A 50 -0.48 3.26 -6.63
N ALA A 51 0.52 3.08 -7.48
CA ALA A 51 0.80 3.98 -8.60
C ALA A 51 1.33 3.27 -9.85
N ASP A 52 1.45 3.97 -10.97
CA ASP A 52 2.11 3.44 -12.19
C ASP A 52 3.55 3.97 -12.36
N ASP A 53 3.98 4.86 -11.47
CA ASP A 53 5.13 5.77 -11.63
C ASP A 53 6.31 5.45 -10.69
N LEU A 54 6.20 4.40 -9.86
CA LEU A 54 7.17 3.94 -8.84
C LEU A 54 7.44 4.92 -7.68
N THR A 55 7.07 6.20 -7.81
CA THR A 55 7.34 7.27 -6.83
C THR A 55 6.09 7.73 -6.04
N ALA A 56 4.92 7.21 -6.40
CA ALA A 56 3.59 7.61 -5.94
C ALA A 56 3.25 9.07 -6.27
N ALA A 57 3.24 9.40 -7.57
CA ALA A 57 2.66 10.65 -8.08
C ALA A 57 1.15 10.50 -8.37
N ILE A 58 0.71 9.36 -8.94
CA ILE A 58 -0.68 9.04 -9.25
C ILE A 58 -1.18 7.92 -8.32
N ASN A 59 -2.01 8.21 -7.31
CA ASN A 59 -2.63 7.13 -6.52
C ASN A 59 -3.82 6.46 -7.25
N LYS A 60 -3.56 5.28 -7.82
CA LYS A 60 -4.51 4.33 -8.41
C LYS A 60 -5.51 3.77 -7.39
N GLY A 61 -5.04 3.20 -6.28
CA GLY A 61 -5.81 2.25 -5.48
C GLY A 61 -6.16 2.67 -4.03
N ILE A 62 -7.22 2.06 -3.51
CA ILE A 62 -7.84 2.34 -2.20
C ILE A 62 -7.52 1.20 -1.22
N LEU A 63 -7.46 1.52 0.08
CA LEU A 63 -7.37 0.56 1.19
C LEU A 63 -8.76 -0.06 1.45
N VAL A 64 -8.85 -1.40 1.53
CA VAL A 64 -10.14 -2.09 1.75
C VAL A 64 -10.17 -2.95 3.02
N THR A 65 -9.02 -3.51 3.44
CA THR A 65 -8.81 -3.99 4.82
C THR A 65 -8.00 -2.94 5.59
N VAL A 66 -8.18 -2.91 6.93
CA VAL A 66 -7.69 -1.87 7.84
C VAL A 66 -6.21 -1.49 7.66
N ASN A 67 -5.96 -0.18 7.61
CA ASN A 67 -4.65 0.46 7.67
C ASN A 67 -4.53 1.20 9.02
N PRO A 68 -3.57 0.85 9.90
CA PRO A 68 -3.55 1.28 11.30
C PRO A 68 -2.94 2.68 11.53
N ILE A 69 -2.89 3.08 12.80
CA ILE A 69 -2.18 4.22 13.37
C ILE A 69 -1.20 3.67 14.41
N ALA A 70 0.10 3.74 14.10
CA ALA A 70 1.19 3.23 14.90
C ALA A 70 1.34 4.00 16.23
N SER A 71 0.56 3.63 17.26
CA SER A 71 0.79 4.07 18.64
C SER A 71 1.97 3.35 19.32
N THR A 72 2.53 2.32 18.68
CA THR A 72 3.83 1.70 18.98
C THR A 72 4.57 1.58 17.65
N ASN A 73 5.81 2.06 17.60
CA ASN A 73 6.59 2.18 16.37
C ASN A 73 6.94 0.84 15.70
N ASP A 74 6.88 -0.29 16.42
CA ASP A 74 7.20 -1.63 15.92
C ASP A 74 6.00 -2.31 15.20
N ASP A 75 4.89 -1.60 15.00
CA ASP A 75 3.66 -2.10 14.39
C ASP A 75 3.88 -2.90 13.10
N GLU A 76 3.21 -4.05 13.01
CA GLU A 76 3.17 -4.92 11.84
C GLU A 76 1.76 -5.45 11.62
N VAL A 77 1.27 -5.36 10.38
CA VAL A 77 -0.17 -5.39 10.10
C VAL A 77 -0.49 -6.00 8.73
N LEU A 78 -1.66 -6.67 8.66
CA LEU A 78 -2.28 -7.29 7.51
C LEU A 78 -3.23 -6.29 6.83
N ILE A 79 -3.03 -6.07 5.52
CA ILE A 79 -3.67 -5.01 4.73
C ILE A 79 -4.13 -5.58 3.39
N GLU A 80 -5.22 -5.02 2.83
CA GLU A 80 -5.59 -5.18 1.43
C GLU A 80 -5.72 -3.83 0.74
N VAL A 81 -5.36 -3.83 -0.55
CA VAL A 81 -5.59 -2.72 -1.48
C VAL A 81 -6.40 -3.16 -2.69
N ASN A 82 -7.14 -2.20 -3.25
CA ASN A 82 -7.97 -2.32 -4.44
C ASN A 82 -7.50 -1.32 -5.51
N PRO A 83 -6.74 -1.77 -6.53
CA PRO A 83 -6.57 -1.04 -7.80
C PRO A 83 -7.75 -1.34 -8.77
N PRO A 84 -7.88 -0.59 -9.88
CA PRO A 84 -8.77 -0.98 -10.98
C PRO A 84 -8.18 -2.16 -11.78
N PHE A 85 -8.89 -2.62 -12.83
CA PHE A 85 -8.35 -3.57 -13.81
C PHE A 85 -7.10 -2.99 -14.48
N GLY A 86 -6.12 -3.85 -14.81
CA GLY A 86 -4.86 -3.42 -15.42
C GLY A 86 -3.74 -3.13 -14.41
N ASP A 87 -2.71 -2.43 -14.89
CA ASP A 87 -1.39 -2.28 -14.25
C ASP A 87 -1.39 -1.50 -12.93
N SER A 88 -0.37 -1.71 -12.10
CA SER A 88 -0.03 -0.94 -10.89
C SER A 88 1.30 -1.40 -10.26
N TYR A 89 1.82 -0.54 -9.38
CA TYR A 89 2.87 -0.79 -8.39
C TYR A 89 2.30 -0.45 -7.01
N ILE A 90 2.22 -1.44 -6.12
CA ILE A 90 1.96 -1.21 -4.70
C ILE A 90 3.20 -0.53 -4.12
N ILE A 91 3.04 0.50 -3.29
CA ILE A 91 4.13 1.22 -2.61
C ILE A 91 3.83 1.26 -1.11
N VAL A 92 4.78 0.76 -0.31
CA VAL A 92 4.76 0.74 1.15
C VAL A 92 5.83 1.71 1.63
N GLY A 93 5.43 2.86 2.20
CA GLY A 93 6.36 3.80 2.81
C GLY A 93 6.43 5.19 2.16
N THR A 94 7.15 6.07 2.85
CA THR A 94 7.57 7.41 2.41
C THR A 94 9.02 7.65 2.85
N GLY A 95 9.66 8.68 2.29
CA GLY A 95 11.12 8.86 2.41
C GLY A 95 11.88 7.78 1.62
N ASP A 96 13.19 7.64 1.88
CA ASP A 96 14.03 6.60 1.29
C ASP A 96 13.61 5.17 1.73
N SER A 97 12.98 5.07 2.90
CA SER A 97 12.51 3.86 3.58
C SER A 97 11.39 3.06 2.90
N ARG A 98 10.97 3.45 1.69
CA ARG A 98 9.80 2.87 1.02
C ARG A 98 10.18 1.71 0.07
N LEU A 99 9.35 0.67 0.05
CA LEU A 99 9.45 -0.46 -0.90
C LEU A 99 8.26 -0.48 -1.86
N THR A 100 8.39 -1.25 -2.95
CA THR A 100 7.32 -1.38 -3.96
C THR A 100 7.28 -2.78 -4.59
N TYR A 101 6.13 -3.13 -5.21
CA TYR A 101 5.85 -4.42 -5.81
C TYR A 101 4.85 -4.27 -6.98
N GLN A 102 5.18 -4.78 -8.17
CA GLN A 102 4.34 -4.69 -9.38
C GLN A 102 3.15 -5.68 -9.33
N TRP A 103 1.95 -5.23 -9.68
CA TRP A 103 0.75 -6.07 -9.86
C TRP A 103 -0.12 -5.57 -11.01
N HIS A 104 -0.59 -6.48 -11.87
CA HIS A 104 -1.53 -6.21 -12.96
C HIS A 104 -2.83 -6.97 -12.65
N LYS A 105 -3.94 -6.25 -12.43
CA LYS A 105 -5.21 -6.82 -11.98
C LYS A 105 -6.03 -7.40 -13.15
N GLU A 106 -6.35 -8.69 -12.98
CA GLU A 106 -7.11 -9.62 -13.81
C GLU A 106 -6.48 -9.95 -15.18
N GLY A 107 -6.43 -11.25 -15.50
CA GLY A 107 -6.15 -11.88 -16.81
C GLY A 107 -7.13 -11.46 -17.91
N SER A 108 -7.15 -10.15 -18.18
CA SER A 108 -8.19 -9.32 -18.81
C SER A 108 -8.50 -9.63 -20.28
N SER A 109 -7.95 -10.71 -20.83
CA SER A 109 -8.31 -11.27 -22.14
C SER A 109 -9.10 -12.59 -22.04
N ILE A 110 -9.27 -13.17 -20.84
CA ILE A 110 -10.05 -14.40 -20.65
C ILE A 110 -10.71 -14.55 -19.26
N GLY A 111 -10.20 -13.90 -18.19
CA GLY A 111 -10.71 -14.12 -16.83
C GLY A 111 -9.87 -13.45 -15.74
N LYS A 112 -9.82 -14.09 -14.57
CA LYS A 112 -9.00 -13.71 -13.40
C LYS A 112 -7.50 -13.79 -13.73
N MET A 1 -7.66 6.53 -7.93
CA MET A 1 -8.36 7.68 -7.32
C MET A 1 -7.62 8.10 -6.05
N SER A 2 -7.64 9.39 -5.70
CA SER A 2 -6.86 9.96 -4.59
C SER A 2 -7.68 10.81 -3.60
N ALA A 3 -9.01 10.85 -3.74
CA ALA A 3 -9.92 11.77 -3.05
C ALA A 3 -10.07 11.54 -1.52
N LEU A 4 -9.39 10.55 -0.94
CA LEU A 4 -9.38 10.29 0.51
C LEU A 4 -8.02 10.68 1.10
N THR A 5 -8.02 11.17 2.34
CA THR A 5 -6.87 11.51 3.20
C THR A 5 -5.66 10.60 2.94
N LEU A 6 -5.81 9.31 3.21
CA LEU A 6 -4.79 8.27 3.09
C LEU A 6 -4.22 8.07 1.68
N LYS A 7 -4.80 8.68 0.63
CA LYS A 7 -4.33 8.60 -0.75
C LYS A 7 -3.75 9.94 -1.20
N GLY A 8 -2.54 10.25 -0.72
CA GLY A 8 -1.79 11.47 -1.03
C GLY A 8 -2.36 12.79 -0.46
N THR A 9 -3.54 12.76 0.17
CA THR A 9 -4.30 13.96 0.53
C THR A 9 -3.93 14.52 1.92
N SER A 10 -3.76 13.66 2.95
CA SER A 10 -3.26 14.01 4.29
C SER A 10 -3.12 12.78 5.20
N TYR A 11 -1.94 12.56 5.78
CA TYR A 11 -1.67 11.58 6.84
C TYR A 11 -0.36 11.93 7.56
N LYS A 12 -0.23 11.56 8.84
CA LYS A 12 1.06 11.52 9.54
C LYS A 12 1.85 10.33 8.99
N MET A 13 2.80 10.62 8.10
CA MET A 13 3.66 9.66 7.40
C MET A 13 4.70 8.98 8.32
N CYS A 14 5.15 7.78 7.95
CA CYS A 14 6.37 7.18 8.46
C CYS A 14 7.45 7.23 7.37
N THR A 15 8.70 7.50 7.77
CA THR A 15 9.87 7.49 6.88
C THR A 15 11.05 6.68 7.43
N ASP A 16 10.86 5.91 8.51
CA ASP A 16 11.81 4.87 8.91
C ASP A 16 11.63 3.59 8.06
N LYS A 17 12.66 2.73 8.04
CA LYS A 17 12.88 1.63 7.09
C LYS A 17 11.80 0.55 7.17
N MET A 18 10.87 0.53 6.21
CA MET A 18 9.79 -0.47 6.18
C MET A 18 10.22 -1.79 5.53
N SER A 19 9.38 -2.82 5.67
CA SER A 19 9.34 -3.97 4.75
C SER A 19 8.00 -4.70 4.79
N PHE A 20 7.70 -5.47 3.74
CA PHE A 20 6.62 -6.44 3.75
C PHE A 20 7.09 -7.76 4.42
N VAL A 21 6.40 -8.15 5.50
CA VAL A 21 6.45 -9.50 6.07
C VAL A 21 5.81 -10.52 5.12
N LYS A 22 4.82 -10.08 4.32
CA LYS A 22 4.16 -10.85 3.25
C LYS A 22 3.88 -9.89 2.11
N ASN A 23 4.39 -10.22 0.91
CA ASN A 23 4.17 -9.42 -0.29
C ASN A 23 2.67 -9.25 -0.61
N PRO A 24 2.27 -8.17 -1.31
CA PRO A 24 0.95 -8.07 -1.92
C PRO A 24 0.66 -9.25 -2.86
N THR A 25 -0.44 -9.98 -2.63
CA THR A 25 -0.99 -10.99 -3.55
C THR A 25 -2.47 -10.78 -3.81
N ASP A 26 -2.88 -10.73 -5.08
CA ASP A 26 -4.28 -10.64 -5.48
C ASP A 26 -5.05 -11.88 -4.99
N THR A 27 -6.15 -11.65 -4.28
CA THR A 27 -7.00 -12.68 -3.68
C THR A 27 -7.94 -13.34 -4.68
N GLY A 28 -8.12 -12.77 -5.89
CA GLY A 28 -9.22 -13.10 -6.79
C GLY A 28 -10.61 -12.68 -6.27
N HIS A 29 -10.72 -12.20 -5.03
CA HIS A 29 -11.95 -11.71 -4.41
C HIS A 29 -12.18 -10.21 -4.71
N GLY A 30 -11.28 -9.58 -5.49
CA GLY A 30 -11.29 -8.16 -5.82
C GLY A 30 -10.20 -7.35 -5.09
N THR A 31 -9.36 -7.99 -4.29
CA THR A 31 -8.43 -7.37 -3.35
C THR A 31 -6.99 -7.89 -3.52
N VAL A 32 -6.02 -7.20 -2.93
CA VAL A 32 -4.59 -7.55 -2.95
C VAL A 32 -4.06 -7.48 -1.51
N VAL A 33 -3.70 -8.63 -0.92
CA VAL A 33 -3.40 -8.79 0.51
C VAL A 33 -1.89 -8.87 0.80
N MET A 34 -1.44 -8.18 1.86
CA MET A 34 -0.05 -8.12 2.34
C MET A 34 0.04 -8.07 3.88
N GLN A 35 1.24 -8.34 4.41
CA GLN A 35 1.65 -7.98 5.79
C GLN A 35 2.83 -7.01 5.69
N VAL A 36 2.78 -5.91 6.44
CA VAL A 36 3.84 -4.88 6.44
C VAL A 36 4.26 -4.54 7.88
N LYS A 37 5.51 -4.10 8.07
CA LYS A 37 6.08 -3.69 9.37
C LYS A 37 6.88 -2.38 9.25
N VAL A 38 6.85 -1.61 10.35
CA VAL A 38 7.67 -0.42 10.64
C VAL A 38 8.53 -0.72 11.90
N PRO A 39 9.75 -0.15 12.09
CA PRO A 39 10.62 -0.53 13.20
C PRO A 39 10.69 0.50 14.35
N LYS A 40 11.28 1.68 14.13
CA LYS A 40 11.56 2.67 15.19
C LYS A 40 11.18 4.11 14.82
N GLY A 41 11.18 4.98 15.83
CA GLY A 41 11.04 6.44 15.76
C GLY A 41 9.73 7.02 15.20
N ALA A 42 8.80 6.21 14.68
CA ALA A 42 7.73 6.66 13.80
C ALA A 42 6.30 6.50 14.37
N PRO A 43 5.74 7.56 15.00
CA PRO A 43 4.28 7.69 15.15
C PRO A 43 3.66 8.07 13.80
N CYS A 44 2.72 7.25 13.30
CA CYS A 44 2.11 7.46 11.98
C CYS A 44 0.80 6.69 11.71
N LYS A 45 0.00 7.20 10.76
CA LYS A 45 -1.06 6.46 10.05
C LYS A 45 -0.41 5.86 8.81
N ILE A 46 -0.04 4.57 8.88
CA ILE A 46 1.05 4.04 8.05
C ILE A 46 0.73 4.18 6.54
N PRO A 47 1.60 4.85 5.74
CA PRO A 47 1.32 5.22 4.34
C PRO A 47 1.33 4.01 3.40
N VAL A 48 0.15 3.77 2.79
CA VAL A 48 -0.12 2.70 1.82
C VAL A 48 -0.71 3.29 0.54
N ILE A 49 0.07 3.22 -0.54
CA ILE A 49 -0.27 3.82 -1.83
C ILE A 49 -0.18 2.77 -2.95
N VAL A 50 -0.87 3.02 -4.06
CA VAL A 50 -0.89 2.11 -5.21
C VAL A 50 -0.79 2.98 -6.46
N ALA A 51 0.32 2.92 -7.19
CA ALA A 51 0.63 3.88 -8.24
C ALA A 51 1.17 3.22 -9.52
N ASP A 52 1.22 3.97 -10.62
CA ASP A 52 1.82 3.51 -11.89
C ASP A 52 3.24 4.08 -12.10
N ASP A 53 3.71 4.91 -11.17
CA ASP A 53 4.88 5.80 -11.29
C ASP A 53 6.04 5.42 -10.34
N LEU A 54 5.89 4.34 -9.57
CA LEU A 54 6.82 3.83 -8.54
C LEU A 54 7.06 4.78 -7.34
N THR A 55 6.35 5.92 -7.23
CA THR A 55 6.55 6.90 -6.15
C THR A 55 5.26 7.46 -5.51
N ALA A 56 4.09 7.21 -6.12
CA ALA A 56 2.78 7.76 -5.81
C ALA A 56 2.70 9.29 -5.97
N ALA A 57 2.99 9.77 -7.18
CA ALA A 57 2.43 11.04 -7.66
C ALA A 57 0.96 10.84 -8.08
N ILE A 58 0.61 9.68 -8.66
CA ILE A 58 -0.74 9.28 -9.09
C ILE A 58 -1.17 8.01 -8.35
N ASN A 59 -2.17 8.10 -7.45
CA ASN A 59 -2.72 6.92 -6.78
C ASN A 59 -3.90 6.30 -7.56
N LYS A 60 -3.74 5.04 -7.95
CA LYS A 60 -4.75 4.12 -8.49
C LYS A 60 -5.73 3.65 -7.40
N GLY A 61 -5.23 2.94 -6.39
CA GLY A 61 -6.04 2.01 -5.59
C GLY A 61 -6.40 2.45 -4.17
N ILE A 62 -7.43 1.79 -3.62
CA ILE A 62 -8.08 2.08 -2.34
C ILE A 62 -7.66 1.06 -1.27
N LEU A 63 -7.68 1.47 0.00
CA LEU A 63 -7.53 0.60 1.18
C LEU A 63 -8.85 -0.11 1.46
N VAL A 64 -8.82 -1.45 1.55
CA VAL A 64 -10.02 -2.28 1.75
C VAL A 64 -10.24 -2.58 3.23
N THR A 65 -9.18 -2.97 3.94
CA THR A 65 -9.23 -3.25 5.39
C THR A 65 -8.57 -2.13 6.21
N VAL A 66 -8.56 -2.31 7.53
CA VAL A 66 -8.05 -1.34 8.52
C VAL A 66 -6.61 -0.88 8.24
N ASN A 67 -6.43 0.43 8.09
CA ASN A 67 -5.10 1.07 8.11
C ASN A 67 -4.82 1.58 9.54
N PRO A 68 -3.75 1.11 10.22
CA PRO A 68 -3.53 1.31 11.65
C PRO A 68 -2.94 2.70 11.99
N ILE A 69 -2.72 2.93 13.29
CA ILE A 69 -1.97 4.03 13.86
C ILE A 69 -0.84 3.42 14.71
N ALA A 70 0.40 3.63 14.29
CA ALA A 70 1.60 3.24 15.01
C ALA A 70 1.77 4.06 16.31
N SER A 71 0.93 3.79 17.33
CA SER A 71 1.19 4.23 18.71
C SER A 71 2.37 3.48 19.36
N THR A 72 2.87 2.44 18.67
CA THR A 72 4.13 1.73 18.89
C THR A 72 4.84 1.70 17.55
N ASN A 73 6.02 2.33 17.45
CA ASN A 73 6.82 2.42 16.22
C ASN A 73 7.14 1.08 15.53
N ASP A 74 7.06 -0.04 16.26
CA ASP A 74 7.24 -1.42 15.78
C ASP A 74 6.01 -1.97 15.01
N ASP A 75 4.97 -1.15 14.80
CA ASP A 75 3.68 -1.51 14.17
C ASP A 75 3.83 -2.43 12.95
N GLU A 76 3.08 -3.54 12.96
CA GLU A 76 2.93 -4.43 11.83
C GLU A 76 1.48 -4.91 11.68
N VAL A 77 1.05 -5.11 10.43
CA VAL A 77 -0.38 -5.21 10.11
C VAL A 77 -0.65 -5.99 8.82
N LEU A 78 -1.78 -6.72 8.81
CA LEU A 78 -2.45 -7.30 7.65
C LEU A 78 -3.21 -6.20 6.91
N ILE A 79 -2.91 -5.96 5.63
CA ILE A 79 -3.65 -4.99 4.82
C ILE A 79 -4.08 -5.59 3.48
N GLU A 80 -5.28 -5.21 3.03
CA GLU A 80 -5.80 -5.43 1.69
C GLU A 80 -6.02 -4.08 0.99
N VAL A 81 -5.67 -4.04 -0.30
CA VAL A 81 -5.94 -2.91 -1.20
C VAL A 81 -6.72 -3.36 -2.44
N ASN A 82 -7.31 -2.40 -3.15
CA ASN A 82 -8.08 -2.58 -4.38
C ASN A 82 -7.60 -1.58 -5.45
N PRO A 83 -6.74 -1.99 -6.39
CA PRO A 83 -6.54 -1.29 -7.66
C PRO A 83 -7.72 -1.52 -8.64
N PRO A 84 -7.87 -0.68 -9.67
CA PRO A 84 -8.71 -0.96 -10.83
C PRO A 84 -8.03 -2.00 -11.76
N PHE A 85 -8.66 -2.30 -12.91
CA PHE A 85 -8.12 -3.17 -13.95
C PHE A 85 -6.75 -2.72 -14.48
N GLY A 86 -5.93 -3.67 -14.95
CA GLY A 86 -4.62 -3.37 -15.52
C GLY A 86 -3.53 -3.13 -14.48
N ASP A 87 -2.46 -2.45 -14.90
CA ASP A 87 -1.19 -2.32 -14.17
C ASP A 87 -1.33 -1.60 -12.81
N SER A 88 -0.37 -1.87 -11.89
CA SER A 88 -0.13 -1.10 -10.68
C SER A 88 1.19 -1.50 -10.00
N TYR A 89 1.70 -0.63 -9.13
CA TYR A 89 2.76 -0.88 -8.16
C TYR A 89 2.22 -0.57 -6.77
N ILE A 90 2.08 -1.60 -5.93
CA ILE A 90 1.69 -1.45 -4.52
C ILE A 90 2.90 -0.87 -3.78
N ILE A 91 2.78 0.29 -3.15
CA ILE A 91 3.88 1.02 -2.49
C ILE A 91 3.59 1.12 -0.99
N VAL A 92 4.58 0.69 -0.20
CA VAL A 92 4.56 0.62 1.26
C VAL A 92 5.65 1.54 1.80
N GLY A 93 5.24 2.69 2.34
CA GLY A 93 6.13 3.66 2.99
C GLY A 93 6.30 4.98 2.24
N THR A 94 7.06 5.88 2.87
CA THR A 94 7.57 7.15 2.32
C THR A 94 9.05 7.33 2.69
N GLY A 95 9.75 8.26 2.01
CA GLY A 95 11.21 8.39 2.08
C GLY A 95 11.93 7.43 1.15
N ASP A 96 13.26 7.30 1.25
CA ASP A 96 14.01 6.19 0.65
C ASP A 96 13.59 4.83 1.26
N SER A 97 13.18 4.87 2.52
CA SER A 97 12.69 3.80 3.41
C SER A 97 11.50 2.96 2.93
N ARG A 98 10.96 3.19 1.73
CA ARG A 98 9.74 2.58 1.20
C ARG A 98 10.05 1.46 0.20
N LEU A 99 9.21 0.43 0.16
CA LEU A 99 9.32 -0.67 -0.80
C LEU A 99 8.07 -0.77 -1.68
N THR A 100 8.17 -1.53 -2.78
CA THR A 100 7.05 -1.77 -3.68
C THR A 100 7.09 -3.15 -4.34
N TYR A 101 5.93 -3.61 -4.82
CA TYR A 101 5.76 -4.84 -5.59
C TYR A 101 4.71 -4.61 -6.69
N GLN A 102 4.98 -5.12 -7.90
CA GLN A 102 4.15 -4.95 -9.10
C GLN A 102 2.90 -5.85 -9.07
N TRP A 103 1.79 -5.36 -9.61
CA TRP A 103 0.59 -6.14 -9.92
C TRP A 103 -0.04 -5.72 -11.26
N HIS A 104 -0.85 -6.62 -11.82
CA HIS A 104 -1.66 -6.41 -13.03
C HIS A 104 -3.01 -7.08 -12.80
N LYS A 105 -4.09 -6.29 -12.73
CA LYS A 105 -5.43 -6.76 -12.35
C LYS A 105 -6.21 -7.28 -13.57
N GLU A 106 -6.60 -8.56 -13.47
CA GLU A 106 -7.44 -9.38 -14.36
C GLU A 106 -6.73 -9.85 -15.65
N GLY A 107 -6.89 -11.15 -15.94
CA GLY A 107 -6.30 -11.93 -17.03
C GLY A 107 -6.78 -11.48 -18.40
N SER A 108 -6.46 -10.25 -18.78
CA SER A 108 -6.91 -9.55 -19.98
C SER A 108 -6.43 -10.20 -21.29
N SER A 109 -5.51 -11.16 -21.22
CA SER A 109 -5.14 -12.06 -22.33
C SER A 109 -6.18 -13.17 -22.60
N ILE A 110 -7.23 -13.30 -21.79
CA ILE A 110 -8.34 -14.25 -21.95
C ILE A 110 -9.70 -13.63 -21.59
N GLY A 111 -9.77 -12.85 -20.51
CA GLY A 111 -10.96 -12.07 -20.14
C GLY A 111 -11.05 -11.73 -18.65
N LYS A 112 -10.57 -12.61 -17.76
CA LYS A 112 -10.59 -12.48 -16.30
C LYS A 112 -9.36 -13.15 -15.70
N MET A 1 -8.02 6.13 -6.39
CA MET A 1 -8.34 7.58 -6.47
C MET A 1 -7.50 8.32 -5.43
N SER A 2 -7.21 9.61 -5.65
CA SER A 2 -6.58 10.51 -4.67
C SER A 2 -7.59 11.14 -3.68
N ALA A 3 -8.90 11.06 -3.96
CA ALA A 3 -10.04 11.64 -3.24
C ALA A 3 -10.29 11.10 -1.81
N LEU A 4 -9.27 10.56 -1.14
CA LEU A 4 -9.29 10.13 0.25
C LEU A 4 -7.97 10.55 0.92
N THR A 5 -8.03 11.02 2.17
CA THR A 5 -6.90 11.55 2.96
C THR A 5 -5.62 10.72 2.84
N LEU A 6 -5.68 9.45 3.24
CA LEU A 6 -4.59 8.46 3.21
C LEU A 6 -3.97 8.22 1.82
N LYS A 7 -4.62 8.67 0.74
CA LYS A 7 -4.30 8.31 -0.64
C LYS A 7 -3.73 9.54 -1.36
N GLY A 8 -2.49 9.88 -0.99
CA GLY A 8 -1.76 11.04 -1.49
C GLY A 8 -2.20 12.37 -0.86
N THR A 9 -3.52 12.60 -0.75
CA THR A 9 -4.13 13.88 -0.32
C THR A 9 -3.54 14.47 0.97
N SER A 10 -3.53 13.75 2.11
CA SER A 10 -2.95 14.21 3.39
C SER A 10 -2.95 13.11 4.45
N TYR A 11 -1.76 12.66 4.87
CA TYR A 11 -1.56 11.78 6.02
C TYR A 11 -0.20 12.02 6.69
N LYS A 12 -0.11 11.77 8.00
CA LYS A 12 1.16 11.75 8.74
C LYS A 12 1.92 10.48 8.37
N MET A 13 2.79 10.62 7.37
CA MET A 13 3.57 9.56 6.73
C MET A 13 4.66 8.94 7.61
N CYS A 14 5.00 7.67 7.35
CA CYS A 14 6.22 7.02 7.83
C CYS A 14 7.33 7.20 6.79
N THR A 15 8.58 7.35 7.26
CA THR A 15 9.77 7.46 6.40
C THR A 15 10.97 6.63 6.88
N ASP A 16 10.88 5.89 7.99
CA ASP A 16 11.90 4.89 8.36
C ASP A 16 11.65 3.53 7.66
N LYS A 17 12.69 2.71 7.50
CA LYS A 17 12.75 1.56 6.58
C LYS A 17 11.65 0.51 6.83
N MET A 18 10.58 0.52 6.03
CA MET A 18 9.46 -0.42 6.12
C MET A 18 9.71 -1.71 5.33
N SER A 19 8.87 -2.72 5.52
CA SER A 19 8.83 -3.92 4.66
C SER A 19 7.49 -4.67 4.79
N PHE A 20 7.24 -5.57 3.82
CA PHE A 20 6.22 -6.60 3.96
C PHE A 20 6.78 -7.82 4.69
N VAL A 21 6.11 -8.22 5.78
CA VAL A 21 6.25 -9.54 6.42
C VAL A 21 5.63 -10.64 5.54
N LYS A 22 4.58 -10.28 4.78
CA LYS A 22 4.01 -11.04 3.64
C LYS A 22 3.74 -10.06 2.52
N ASN A 23 4.30 -10.33 1.33
CA ASN A 23 4.06 -9.54 0.12
C ASN A 23 2.56 -9.54 -0.29
N PRO A 24 2.09 -8.48 -0.97
CA PRO A 24 0.75 -8.44 -1.56
C PRO A 24 0.46 -9.62 -2.49
N THR A 25 -0.73 -10.23 -2.34
CA THR A 25 -1.27 -11.27 -3.24
C THR A 25 -2.74 -11.04 -3.56
N ASP A 26 -3.11 -11.04 -4.85
CA ASP A 26 -4.49 -11.03 -5.35
C ASP A 26 -5.32 -12.16 -4.71
N THR A 27 -6.41 -11.80 -4.05
CA THR A 27 -7.33 -12.75 -3.41
C THR A 27 -8.33 -13.38 -4.37
N GLY A 28 -8.46 -12.88 -5.60
CA GLY A 28 -9.52 -13.22 -6.55
C GLY A 28 -10.86 -12.54 -6.25
N HIS A 29 -11.01 -11.84 -5.13
CA HIS A 29 -12.27 -11.25 -4.66
C HIS A 29 -12.36 -9.74 -4.92
N GLY A 30 -11.51 -9.21 -5.83
CA GLY A 30 -11.36 -7.78 -6.08
C GLY A 30 -10.35 -7.11 -5.15
N THR A 31 -9.62 -7.89 -4.34
CA THR A 31 -8.69 -7.40 -3.32
C THR A 31 -7.29 -8.01 -3.45
N VAL A 32 -6.32 -7.42 -2.77
CA VAL A 32 -4.92 -7.84 -2.69
C VAL A 32 -4.47 -7.74 -1.23
N VAL A 33 -3.99 -8.85 -0.65
CA VAL A 33 -3.74 -8.99 0.80
C VAL A 33 -2.25 -9.10 1.15
N MET A 34 -1.81 -8.36 2.18
CA MET A 34 -0.42 -8.28 2.66
C MET A 34 -0.32 -8.22 4.19
N GLN A 35 0.90 -8.47 4.72
CA GLN A 35 1.29 -8.19 6.11
C GLN A 35 2.50 -7.25 6.05
N VAL A 36 2.47 -6.10 6.73
CA VAL A 36 3.51 -5.05 6.64
C VAL A 36 3.99 -4.59 8.02
N LYS A 37 5.22 -4.06 8.10
CA LYS A 37 5.87 -3.63 9.36
C LYS A 37 6.68 -2.33 9.20
N VAL A 38 6.72 -1.54 10.28
CA VAL A 38 7.58 -0.37 10.54
C VAL A 38 8.56 -0.73 11.70
N PRO A 39 9.77 -0.12 11.84
CA PRO A 39 10.72 -0.47 12.91
C PRO A 39 10.87 0.60 14.02
N LYS A 40 11.38 1.80 13.70
CA LYS A 40 11.70 2.86 14.67
C LYS A 40 11.36 4.27 14.17
N GLY A 41 11.44 5.26 15.06
CA GLY A 41 11.40 6.70 14.80
C GLY A 41 10.11 7.32 14.25
N ALA A 42 9.23 6.53 13.61
CA ALA A 42 8.08 7.02 12.84
C ALA A 42 6.73 6.90 13.58
N PRO A 43 6.20 8.00 14.18
CA PRO A 43 4.77 8.13 14.49
C PRO A 43 4.00 8.47 13.19
N CYS A 44 3.12 7.58 12.74
CA CYS A 44 2.48 7.71 11.42
C CYS A 44 1.22 6.87 11.22
N LYS A 45 0.35 7.32 10.30
CA LYS A 45 -0.63 6.50 9.58
C LYS A 45 0.15 5.77 8.47
N ILE A 46 0.28 4.44 8.57
CA ILE A 46 1.29 3.73 7.77
C ILE A 46 0.98 3.82 6.25
N PRO A 47 1.87 4.42 5.42
CA PRO A 47 1.62 4.69 4.00
C PRO A 47 1.32 3.44 3.17
N VAL A 48 0.08 3.34 2.68
CA VAL A 48 -0.40 2.31 1.75
C VAL A 48 -0.92 2.97 0.50
N ILE A 49 -0.22 2.78 -0.62
CA ILE A 49 -0.53 3.37 -1.92
C ILE A 49 -0.57 2.28 -3.00
N VAL A 50 -1.32 2.53 -4.09
CA VAL A 50 -1.54 1.58 -5.18
C VAL A 50 -1.47 2.37 -6.49
N ALA A 51 -0.46 2.17 -7.34
CA ALA A 51 -0.19 3.07 -8.47
C ALA A 51 0.27 2.32 -9.73
N ASP A 52 0.57 3.03 -10.83
CA ASP A 52 1.10 2.43 -12.07
C ASP A 52 2.55 2.84 -12.37
N ASP A 53 3.15 3.61 -11.46
CA ASP A 53 4.31 4.48 -11.72
C ASP A 53 5.50 4.24 -10.77
N LEU A 54 5.45 3.18 -9.95
CA LEU A 54 6.42 2.78 -8.92
C LEU A 54 6.66 3.79 -7.78
N THR A 55 6.26 5.06 -7.90
CA THR A 55 6.52 6.13 -6.92
C THR A 55 5.27 6.61 -6.17
N ALA A 56 4.08 6.20 -6.62
CA ALA A 56 2.76 6.65 -6.20
C ALA A 56 2.45 8.09 -6.65
N ALA A 57 2.77 8.41 -7.90
CA ALA A 57 2.27 9.63 -8.55
C ALA A 57 0.74 9.59 -8.70
N ILE A 58 0.18 8.47 -9.19
CA ILE A 58 -1.27 8.29 -9.40
C ILE A 58 -1.80 7.14 -8.52
N ASN A 59 -2.42 7.44 -7.38
CA ASN A 59 -3.09 6.41 -6.58
C ASN A 59 -4.38 5.87 -7.26
N LYS A 60 -4.30 4.66 -7.81
CA LYS A 60 -5.35 3.82 -8.37
C LYS A 60 -6.37 3.33 -7.33
N GLY A 61 -5.91 2.65 -6.26
CA GLY A 61 -6.74 1.78 -5.41
C GLY A 61 -7.13 2.36 -4.03
N ILE A 62 -7.86 1.54 -3.27
CA ILE A 62 -8.49 1.86 -1.96
C ILE A 62 -8.04 0.87 -0.88
N LEU A 63 -8.19 1.24 0.41
CA LEU A 63 -8.05 0.34 1.56
C LEU A 63 -9.36 -0.44 1.78
N VAL A 64 -9.27 -1.77 1.94
CA VAL A 64 -10.42 -2.63 2.26
C VAL A 64 -10.56 -2.82 3.78
N THR A 65 -9.49 -2.58 4.56
CA THR A 65 -9.48 -2.71 6.02
C THR A 65 -8.74 -1.56 6.72
N VAL A 66 -8.78 -1.55 8.06
CA VAL A 66 -8.31 -0.49 8.95
C VAL A 66 -6.79 -0.30 8.93
N ASN A 67 -6.32 0.66 8.13
CA ASN A 67 -4.96 1.20 8.16
C ASN A 67 -4.63 1.77 9.57
N PRO A 68 -3.62 1.25 10.29
CA PRO A 68 -3.35 1.60 11.69
C PRO A 68 -2.57 2.93 11.85
N ILE A 69 -2.23 3.25 13.10
CA ILE A 69 -1.34 4.35 13.49
C ILE A 69 -0.23 3.78 14.38
N ALA A 70 1.02 3.98 13.96
CA ALA A 70 2.23 3.49 14.64
C ALA A 70 2.52 4.24 15.96
N SER A 71 1.61 4.10 16.95
CA SER A 71 1.79 4.62 18.32
C SER A 71 2.93 3.92 19.09
N THR A 72 3.45 2.82 18.53
CA THR A 72 4.72 2.15 18.84
C THR A 72 5.38 1.84 17.49
N ASN A 73 6.56 2.40 17.23
CA ASN A 73 7.14 2.44 15.89
C ASN A 73 7.42 1.06 15.26
N ASP A 74 7.38 -0.02 16.05
CA ASP A 74 7.49 -1.42 15.60
C ASP A 74 6.19 -1.96 14.94
N ASP A 75 5.14 -1.13 14.82
CA ASP A 75 3.82 -1.44 14.22
C ASP A 75 3.88 -2.40 13.02
N GLU A 76 3.22 -3.55 13.14
CA GLU A 76 3.00 -4.51 12.05
C GLU A 76 1.54 -4.98 11.98
N VAL A 77 1.05 -5.21 10.75
CA VAL A 77 -0.39 -5.26 10.48
C VAL A 77 -0.74 -6.06 9.22
N LEU A 78 -1.91 -6.73 9.26
CA LEU A 78 -2.64 -7.31 8.12
C LEU A 78 -3.40 -6.21 7.37
N ILE A 79 -3.16 -6.05 6.06
CA ILE A 79 -3.93 -5.10 5.23
C ILE A 79 -4.39 -5.77 3.93
N GLU A 80 -5.64 -5.50 3.56
CA GLU A 80 -6.17 -5.66 2.21
C GLU A 80 -6.33 -4.30 1.52
N VAL A 81 -6.01 -4.26 0.22
CA VAL A 81 -6.31 -3.16 -0.69
C VAL A 81 -7.14 -3.63 -1.88
N ASN A 82 -7.84 -2.68 -2.50
CA ASN A 82 -8.68 -2.86 -3.68
C ASN A 82 -8.11 -2.01 -4.84
N PRO A 83 -7.40 -2.61 -5.80
CA PRO A 83 -7.12 -1.95 -7.08
C PRO A 83 -8.38 -1.99 -7.98
N PRO A 84 -8.48 -1.10 -8.99
CA PRO A 84 -9.38 -1.31 -10.13
C PRO A 84 -9.08 -2.63 -10.87
N PHE A 85 -9.93 -3.02 -11.82
CA PHE A 85 -9.53 -3.94 -12.89
C PHE A 85 -8.41 -3.32 -13.73
N GLY A 86 -7.49 -4.13 -14.27
CA GLY A 86 -6.26 -3.67 -14.90
C GLY A 86 -5.04 -3.77 -13.99
N ASP A 87 -3.92 -3.20 -14.43
CA ASP A 87 -2.62 -3.29 -13.76
C ASP A 87 -2.53 -2.46 -12.47
N SER A 88 -1.52 -2.74 -11.63
CA SER A 88 -1.07 -1.88 -10.52
C SER A 88 0.31 -2.29 -9.98
N TYR A 89 0.87 -1.44 -9.14
CA TYR A 89 1.98 -1.65 -8.22
C TYR A 89 1.47 -1.28 -6.83
N ILE A 90 1.39 -2.26 -5.93
CA ILE A 90 1.14 -1.97 -4.51
C ILE A 90 2.42 -1.34 -3.96
N ILE A 91 2.32 -0.26 -3.18
CA ILE A 91 3.45 0.48 -2.61
C ILE A 91 3.21 0.66 -1.11
N VAL A 92 4.22 0.27 -0.32
CA VAL A 92 4.23 0.28 1.14
C VAL A 92 5.34 1.22 1.58
N GLY A 93 4.96 2.41 2.05
CA GLY A 93 5.87 3.41 2.62
C GLY A 93 6.12 4.66 1.76
N THR A 94 6.87 5.59 2.36
CA THR A 94 7.38 6.83 1.77
C THR A 94 8.84 7.06 2.20
N GLY A 95 9.53 8.00 1.57
CA GLY A 95 10.99 8.17 1.70
C GLY A 95 11.76 7.26 0.72
N ASP A 96 13.02 6.94 1.03
CA ASP A 96 13.73 5.80 0.44
C ASP A 96 13.11 4.47 0.90
N SER A 97 12.69 4.45 2.17
CA SER A 97 12.17 3.38 3.04
C SER A 97 11.03 2.49 2.54
N ARG A 98 10.66 2.54 1.26
CA ARG A 98 9.41 1.99 0.73
C ARG A 98 9.65 0.82 -0.22
N LEU A 99 8.81 -0.21 -0.10
CA LEU A 99 8.83 -1.38 -0.99
C LEU A 99 7.58 -1.40 -1.88
N THR A 100 7.65 -2.16 -2.97
CA THR A 100 6.54 -2.30 -3.90
C THR A 100 6.46 -3.71 -4.52
N TYR A 101 5.27 -4.09 -4.98
CA TYR A 101 5.00 -5.39 -5.61
C TYR A 101 3.99 -5.20 -6.76
N GLN A 102 4.40 -5.59 -7.98
CA GLN A 102 3.59 -5.52 -9.20
C GLN A 102 2.40 -6.49 -9.14
N TRP A 103 1.22 -6.03 -9.53
CA TRP A 103 0.03 -6.86 -9.68
C TRP A 103 -0.76 -6.54 -10.94
N HIS A 104 -1.60 -7.51 -11.32
CA HIS A 104 -2.36 -7.52 -12.55
C HIS A 104 -3.78 -7.99 -12.21
N LYS A 105 -4.74 -7.07 -12.17
CA LYS A 105 -6.14 -7.40 -11.94
C LYS A 105 -6.84 -7.58 -13.29
N GLU A 106 -7.69 -8.60 -13.36
CA GLU A 106 -8.38 -9.15 -14.53
C GLU A 106 -8.84 -8.06 -15.53
N GLY A 107 -8.22 -8.04 -16.71
CA GLY A 107 -8.25 -6.95 -17.69
C GLY A 107 -6.91 -6.19 -17.81
N SER A 108 -5.82 -6.79 -17.35
CA SER A 108 -4.46 -6.23 -17.31
C SER A 108 -3.78 -6.20 -18.68
N SER A 109 -2.82 -5.27 -18.84
CA SER A 109 -1.88 -5.19 -19.97
C SER A 109 -1.05 -6.47 -20.18
N ILE A 110 -0.94 -7.35 -19.17
CA ILE A 110 -0.29 -8.66 -19.29
C ILE A 110 -1.19 -9.73 -19.94
N GLY A 111 -2.49 -9.44 -20.12
CA GLY A 111 -3.48 -10.35 -20.67
C GLY A 111 -4.25 -11.19 -19.62
N LYS A 112 -4.00 -10.95 -18.33
CA LYS A 112 -4.73 -11.54 -17.19
C LYS A 112 -6.00 -10.74 -16.90
N MET A 1 -8.03 5.10 -5.98
CA MET A 1 -8.64 6.44 -5.96
C MET A 1 -8.01 7.27 -4.84
N SER A 2 -8.09 8.61 -4.95
CA SER A 2 -7.41 9.53 -4.03
C SER A 2 -8.32 10.20 -2.99
N ALA A 3 -9.62 9.90 -3.01
CA ALA A 3 -10.67 10.45 -2.15
C ALA A 3 -10.59 10.02 -0.65
N LEU A 4 -9.47 9.43 -0.22
CA LEU A 4 -9.20 8.93 1.13
C LEU A 4 -7.92 9.58 1.68
N THR A 5 -7.88 9.81 3.00
CA THR A 5 -6.75 10.38 3.76
C THR A 5 -5.39 9.91 3.29
N LEU A 6 -5.14 8.59 3.33
CA LEU A 6 -3.90 7.91 2.94
C LEU A 6 -3.43 8.17 1.49
N LYS A 7 -4.25 8.81 0.64
CA LYS A 7 -4.05 8.84 -0.81
C LYS A 7 -3.93 10.29 -1.31
N GLY A 8 -2.72 10.85 -1.21
CA GLY A 8 -2.40 12.24 -1.56
C GLY A 8 -2.98 13.32 -0.63
N THR A 9 -4.13 13.04 0.00
CA THR A 9 -4.98 14.01 0.71
C THR A 9 -4.35 14.52 2.01
N SER A 10 -4.11 13.66 3.03
CA SER A 10 -3.32 14.01 4.24
C SER A 10 -3.12 12.81 5.18
N TYR A 11 -1.88 12.61 5.62
CA TYR A 11 -1.49 11.67 6.69
C TYR A 11 -0.11 12.03 7.26
N LYS A 12 0.16 11.58 8.50
CA LYS A 12 1.50 11.60 9.13
C LYS A 12 2.22 10.32 8.73
N MET A 13 3.12 10.44 7.76
CA MET A 13 3.83 9.36 7.07
C MET A 13 4.94 8.69 7.87
N CYS A 14 5.19 7.40 7.61
CA CYS A 14 6.42 6.72 8.05
C CYS A 14 7.52 6.93 7.01
N THR A 15 8.78 7.07 7.44
CA THR A 15 9.95 7.09 6.54
C THR A 15 11.14 6.29 7.04
N ASP A 16 11.05 5.62 8.20
CA ASP A 16 12.02 4.58 8.57
C ASP A 16 11.81 3.31 7.70
N LYS A 17 12.77 2.38 7.70
CA LYS A 17 12.85 1.30 6.71
C LYS A 17 11.71 0.30 6.89
N MET A 18 10.78 0.29 5.93
CA MET A 18 9.60 -0.58 5.92
C MET A 18 9.83 -1.85 5.10
N SER A 19 8.93 -2.83 5.28
CA SER A 19 8.77 -3.98 4.39
C SER A 19 7.39 -4.61 4.57
N PHE A 20 6.94 -5.34 3.56
CA PHE A 20 5.87 -6.32 3.71
C PHE A 20 6.43 -7.61 4.33
N VAL A 21 5.83 -8.04 5.45
CA VAL A 21 5.98 -9.37 6.06
C VAL A 21 5.29 -10.46 5.21
N LYS A 22 4.37 -10.05 4.32
CA LYS A 22 3.66 -10.85 3.32
C LYS A 22 3.41 -9.94 2.12
N ASN A 23 4.05 -10.21 0.98
CA ASN A 23 3.73 -9.52 -0.28
C ASN A 23 2.24 -9.65 -0.59
N PRO A 24 1.59 -8.66 -1.23
CA PRO A 24 0.17 -8.76 -1.56
C PRO A 24 -0.09 -9.96 -2.47
N THR A 25 -1.25 -10.62 -2.30
CA THR A 25 -1.79 -11.64 -3.22
C THR A 25 -3.26 -11.36 -3.55
N ASP A 26 -3.64 -11.49 -4.84
CA ASP A 26 -5.01 -11.35 -5.33
C ASP A 26 -5.94 -12.34 -4.62
N THR A 27 -6.96 -11.83 -3.95
CA THR A 27 -7.92 -12.63 -3.20
C THR A 27 -9.01 -13.24 -4.07
N GLY A 28 -9.18 -12.79 -5.31
CA GLY A 28 -10.38 -13.08 -6.11
C GLY A 28 -11.66 -12.43 -5.58
N HIS A 29 -11.60 -11.67 -4.46
CA HIS A 29 -12.73 -10.95 -3.88
C HIS A 29 -12.78 -9.48 -4.33
N GLY A 30 -11.93 -9.08 -5.30
CA GLY A 30 -11.74 -7.69 -5.73
C GLY A 30 -10.57 -6.99 -5.03
N THR A 31 -9.72 -7.72 -4.30
CA THR A 31 -8.69 -7.17 -3.40
C THR A 31 -7.35 -7.89 -3.52
N VAL A 32 -6.31 -7.31 -2.90
CA VAL A 32 -4.94 -7.84 -2.80
C VAL A 32 -4.46 -7.69 -1.34
N VAL A 33 -3.96 -8.77 -0.72
CA VAL A 33 -3.79 -8.86 0.75
C VAL A 33 -2.34 -9.05 1.26
N MET A 34 -1.88 -8.14 2.13
CA MET A 34 -0.50 -8.10 2.67
C MET A 34 -0.44 -7.96 4.20
N GLN A 35 0.69 -8.38 4.78
CA GLN A 35 1.15 -8.01 6.12
C GLN A 35 2.32 -7.03 5.95
N VAL A 36 2.37 -5.96 6.76
CA VAL A 36 3.37 -4.88 6.66
C VAL A 36 3.91 -4.51 8.04
N LYS A 37 5.24 -4.32 8.16
CA LYS A 37 5.89 -3.91 9.42
C LYS A 37 6.68 -2.60 9.27
N VAL A 38 6.66 -1.82 10.34
CA VAL A 38 7.45 -0.62 10.61
C VAL A 38 8.32 -0.92 11.85
N PRO A 39 9.59 -0.45 11.97
CA PRO A 39 10.46 -0.84 13.09
C PRO A 39 10.76 0.25 14.13
N LYS A 40 11.44 1.37 13.78
CA LYS A 40 11.83 2.42 14.74
C LYS A 40 11.58 3.84 14.23
N GLY A 41 11.70 4.83 15.11
CA GLY A 41 11.73 6.28 14.80
C GLY A 41 10.43 6.92 14.28
N ALA A 42 9.38 6.13 14.02
CA ALA A 42 8.23 6.54 13.22
C ALA A 42 6.90 6.47 13.98
N PRO A 43 6.36 7.62 14.45
CA PRO A 43 4.93 7.78 14.70
C PRO A 43 4.20 8.13 13.39
N CYS A 44 3.26 7.28 12.93
CA CYS A 44 2.65 7.45 11.61
C CYS A 44 1.34 6.68 11.39
N LYS A 45 0.42 7.26 10.59
CA LYS A 45 -0.61 6.51 9.84
C LYS A 45 0.12 5.82 8.69
N ILE A 46 0.11 4.48 8.66
CA ILE A 46 1.12 3.77 7.86
C ILE A 46 0.86 3.97 6.34
N PRO A 47 1.85 4.51 5.58
CA PRO A 47 1.70 5.01 4.21
C PRO A 47 1.51 3.90 3.17
N VAL A 48 0.30 3.80 2.61
CA VAL A 48 -0.10 2.81 1.60
C VAL A 48 -0.60 3.50 0.34
N ILE A 49 0.01 3.16 -0.80
CA ILE A 49 -0.30 3.74 -2.11
C ILE A 49 -0.39 2.63 -3.18
N VAL A 50 -1.11 2.92 -4.28
CA VAL A 50 -1.24 2.03 -5.45
C VAL A 50 -1.08 2.91 -6.69
N ALA A 51 -0.22 2.50 -7.62
CA ALA A 51 0.15 3.31 -8.77
C ALA A 51 0.46 2.44 -10.00
N ASP A 52 0.69 3.07 -11.16
CA ASP A 52 1.27 2.41 -12.34
C ASP A 52 2.78 2.73 -12.51
N ASP A 53 3.32 3.55 -11.61
CA ASP A 53 4.48 4.41 -11.89
C ASP A 53 5.65 4.30 -10.87
N LEU A 54 5.61 3.34 -9.95
CA LEU A 54 6.56 3.13 -8.83
C LEU A 54 6.65 4.27 -7.79
N THR A 55 6.28 5.50 -8.13
CA THR A 55 6.47 6.70 -7.29
C THR A 55 5.17 7.24 -6.67
N ALA A 56 4.01 6.70 -7.07
CA ALA A 56 2.66 7.06 -6.65
C ALA A 56 2.18 8.41 -7.23
N ALA A 57 2.62 8.74 -8.45
CA ALA A 57 2.09 9.87 -9.21
C ALA A 57 0.58 9.68 -9.45
N ILE A 58 0.16 8.48 -9.89
CA ILE A 58 -1.25 8.09 -10.02
C ILE A 58 -1.67 7.31 -8.76
N ASN A 59 -2.79 7.68 -8.11
CA ASN A 59 -3.24 7.10 -6.83
C ASN A 59 -4.42 6.11 -7.03
N LYS A 60 -4.13 5.02 -7.74
CA LYS A 60 -5.04 4.15 -8.50
C LYS A 60 -6.07 3.34 -7.68
N GLY A 61 -5.66 2.72 -6.58
CA GLY A 61 -6.46 1.78 -5.77
C GLY A 61 -6.92 2.34 -4.41
N ILE A 62 -7.58 1.51 -3.58
CA ILE A 62 -8.19 1.90 -2.29
C ILE A 62 -7.82 0.93 -1.16
N LEU A 63 -7.67 1.45 0.07
CA LEU A 63 -7.55 0.68 1.32
C LEU A 63 -8.89 0.00 1.65
N VAL A 64 -8.96 -1.34 1.71
CA VAL A 64 -10.22 -2.06 1.95
C VAL A 64 -10.49 -2.24 3.45
N THR A 65 -9.53 -2.78 4.20
CA THR A 65 -9.59 -2.81 5.67
C THR A 65 -9.07 -1.49 6.29
N VAL A 66 -9.24 -1.34 7.60
CA VAL A 66 -8.82 -0.16 8.36
C VAL A 66 -7.29 -0.07 8.47
N ASN A 67 -6.71 1.03 7.95
CA ASN A 67 -5.28 1.35 8.03
C ASN A 67 -4.92 1.94 9.42
N PRO A 68 -3.91 1.41 10.14
CA PRO A 68 -3.63 1.71 11.56
C PRO A 68 -2.76 2.97 11.76
N ILE A 69 -2.27 3.17 12.99
CA ILE A 69 -1.31 4.20 13.37
C ILE A 69 -0.26 3.59 14.30
N ALA A 70 1.02 3.71 13.91
CA ALA A 70 2.17 3.38 14.75
C ALA A 70 2.28 4.35 15.94
N SER A 71 1.49 4.12 17.00
CA SER A 71 1.72 4.73 18.31
C SER A 71 3.00 4.16 18.98
N THR A 72 3.37 2.94 18.61
CA THR A 72 4.63 2.24 18.91
C THR A 72 5.29 1.90 17.57
N ASN A 73 6.54 2.32 17.36
CA ASN A 73 7.18 2.28 16.05
C ASN A 73 7.26 0.87 15.43
N ASP A 74 7.25 -0.19 16.24
CA ASP A 74 7.26 -1.61 15.85
C ASP A 74 5.97 -2.09 15.14
N ASP A 75 5.00 -1.19 14.88
CA ASP A 75 3.69 -1.49 14.30
C ASP A 75 3.76 -2.42 13.08
N GLU A 76 2.85 -3.40 13.09
CA GLU A 76 2.87 -4.58 12.23
C GLU A 76 1.42 -5.02 12.02
N VAL A 77 0.92 -4.89 10.79
CA VAL A 77 -0.52 -4.99 10.52
C VAL A 77 -0.84 -5.77 9.23
N LEU A 78 -2.04 -6.35 9.21
CA LEU A 78 -2.75 -6.91 8.06
C LEU A 78 -3.44 -5.77 7.29
N ILE A 79 -3.18 -5.60 5.99
CA ILE A 79 -3.95 -4.67 5.14
C ILE A 79 -4.31 -5.31 3.78
N GLU A 80 -5.51 -5.00 3.31
CA GLU A 80 -6.00 -5.26 1.95
C GLU A 80 -6.11 -3.97 1.14
N VAL A 81 -5.78 -4.05 -0.15
CA VAL A 81 -6.01 -2.98 -1.12
C VAL A 81 -6.87 -3.47 -2.29
N ASN A 82 -7.61 -2.55 -2.92
CA ASN A 82 -8.45 -2.76 -4.09
C ASN A 82 -7.82 -2.10 -5.32
N PRO A 83 -7.43 -2.86 -6.36
CA PRO A 83 -7.08 -2.32 -7.67
C PRO A 83 -8.32 -2.27 -8.61
N PRO A 84 -8.42 -1.27 -9.50
CA PRO A 84 -9.17 -1.38 -10.74
C PRO A 84 -8.66 -2.54 -11.63
N PHE A 85 -9.40 -2.83 -12.71
CA PHE A 85 -8.95 -3.73 -13.77
C PHE A 85 -7.67 -3.21 -14.44
N GLY A 86 -6.73 -4.11 -14.75
CA GLY A 86 -5.44 -3.77 -15.35
C GLY A 86 -4.27 -3.62 -14.38
N ASP A 87 -3.20 -3.01 -14.87
CA ASP A 87 -1.85 -2.90 -14.30
C ASP A 87 -1.82 -2.22 -12.91
N SER A 88 -0.80 -2.48 -12.08
CA SER A 88 -0.50 -1.74 -10.84
C SER A 88 0.82 -2.18 -10.17
N TYR A 89 1.29 -1.32 -9.29
CA TYR A 89 2.38 -1.43 -8.31
C TYR A 89 1.84 -0.99 -6.95
N ILE A 90 1.81 -1.91 -5.98
CA ILE A 90 1.41 -1.62 -4.60
C ILE A 90 2.64 -1.07 -3.88
N ILE A 91 2.58 0.17 -3.38
CA ILE A 91 3.71 0.85 -2.73
C ILE A 91 3.42 0.94 -1.23
N VAL A 92 4.38 0.45 -0.43
CA VAL A 92 4.39 0.55 1.03
C VAL A 92 5.54 1.48 1.41
N GLY A 93 5.20 2.67 1.93
CA GLY A 93 6.22 3.60 2.43
C GLY A 93 6.33 4.93 1.70
N THR A 94 7.16 5.78 2.31
CA THR A 94 7.55 7.12 1.88
C THR A 94 8.99 7.38 2.29
N GLY A 95 9.65 8.39 1.70
CA GLY A 95 11.11 8.50 1.72
C GLY A 95 11.75 7.43 0.82
N ASP A 96 13.07 7.25 0.95
CA ASP A 96 13.79 6.15 0.27
C ASP A 96 13.31 4.77 0.76
N SER A 97 12.81 4.70 2.00
CA SER A 97 12.29 3.54 2.72
C SER A 97 11.06 2.86 2.13
N ARG A 98 10.56 3.30 0.97
CA ARG A 98 9.35 2.77 0.34
C ARG A 98 9.68 1.58 -0.56
N LEU A 99 9.04 0.44 -0.30
CA LEU A 99 9.12 -0.73 -1.18
C LEU A 99 7.87 -0.82 -2.05
N THR A 100 7.93 -1.59 -3.13
CA THR A 100 6.73 -1.93 -3.90
C THR A 100 6.73 -3.38 -4.37
N TYR A 101 5.52 -3.91 -4.60
CA TYR A 101 5.28 -5.20 -5.23
C TYR A 101 4.26 -5.04 -6.37
N GLN A 102 4.58 -5.62 -7.53
CA GLN A 102 3.81 -5.50 -8.77
C GLN A 102 2.53 -6.35 -8.72
N TRP A 103 1.39 -5.79 -9.11
CA TRP A 103 0.11 -6.50 -9.20
C TRP A 103 -0.70 -6.06 -10.41
N HIS A 104 -0.77 -6.92 -11.42
CA HIS A 104 -1.54 -6.69 -12.62
C HIS A 104 -2.84 -7.46 -12.50
N LYS A 105 -3.96 -6.74 -12.38
CA LYS A 105 -5.30 -7.30 -12.39
C LYS A 105 -5.71 -7.57 -13.85
N GLU A 106 -6.57 -8.57 -14.03
CA GLU A 106 -7.22 -8.96 -15.28
C GLU A 106 -7.66 -7.77 -16.14
N GLY A 107 -7.34 -7.81 -17.45
CA GLY A 107 -8.00 -6.99 -18.47
C GLY A 107 -7.14 -5.99 -19.25
N SER A 108 -5.81 -5.93 -19.07
CA SER A 108 -4.91 -5.09 -19.89
C SER A 108 -3.70 -5.87 -20.39
N SER A 109 -2.68 -6.03 -19.56
CA SER A 109 -1.36 -6.60 -19.86
C SER A 109 -1.16 -8.02 -19.32
N ILE A 110 -2.12 -8.51 -18.54
CA ILE A 110 -2.28 -9.90 -18.13
C ILE A 110 -3.75 -10.33 -18.29
N GLY A 111 -3.96 -11.62 -18.57
CA GLY A 111 -5.29 -12.22 -18.66
C GLY A 111 -6.00 -12.27 -17.31
N LYS A 112 -5.39 -12.94 -16.32
CA LYS A 112 -5.82 -13.14 -14.94
C LYS A 112 -4.58 -13.46 -14.08
N MET A 1 -8.02 6.23 -7.92
CA MET A 1 -8.68 7.34 -7.18
C MET A 1 -7.84 7.76 -5.98
N SER A 2 -7.75 9.06 -5.70
CA SER A 2 -6.93 9.62 -4.61
C SER A 2 -7.73 10.46 -3.59
N ALA A 3 -9.06 10.50 -3.71
CA ALA A 3 -10.00 11.38 -3.00
C ALA A 3 -10.18 11.07 -1.48
N LEU A 4 -9.13 10.61 -0.80
CA LEU A 4 -9.07 10.44 0.66
C LEU A 4 -7.69 10.89 1.17
N THR A 5 -7.66 11.31 2.44
CA THR A 5 -6.48 11.73 3.22
C THR A 5 -5.30 10.78 2.99
N LEU A 6 -5.46 9.52 3.40
CA LEU A 6 -4.49 8.42 3.27
C LEU A 6 -4.04 8.16 1.82
N LYS A 7 -4.83 8.53 0.81
CA LYS A 7 -4.52 8.27 -0.60
C LYS A 7 -3.79 9.47 -1.23
N GLY A 8 -2.65 9.79 -0.63
CA GLY A 8 -1.72 10.85 -1.07
C GLY A 8 -2.18 12.29 -0.78
N THR A 9 -3.35 12.48 -0.13
CA THR A 9 -3.94 13.82 0.07
C THR A 9 -3.37 14.51 1.31
N SER A 10 -3.27 13.83 2.46
CA SER A 10 -2.72 14.37 3.72
C SER A 10 -2.62 13.29 4.81
N TYR A 11 -1.41 13.02 5.32
CA TYR A 11 -1.17 12.24 6.53
C TYR A 11 0.25 12.48 7.09
N LYS A 12 0.42 12.28 8.40
CA LYS A 12 1.74 12.10 9.03
C LYS A 12 2.30 10.75 8.56
N MET A 13 3.22 10.80 7.61
CA MET A 13 3.80 9.66 6.89
C MET A 13 4.97 8.99 7.64
N CYS A 14 5.24 7.72 7.32
CA CYS A 14 6.43 7.01 7.78
C CYS A 14 7.56 7.15 6.74
N THR A 15 8.81 7.28 7.22
CA THR A 15 10.01 7.32 6.37
C THR A 15 11.18 6.49 6.90
N ASP A 16 11.01 5.71 7.98
CA ASP A 16 11.97 4.67 8.37
C ASP A 16 11.70 3.36 7.59
N LYS A 17 12.66 2.41 7.60
CA LYS A 17 12.81 1.28 6.67
C LYS A 17 11.69 0.26 6.80
N MET A 18 10.63 0.41 5.99
CA MET A 18 9.44 -0.44 6.02
C MET A 18 9.66 -1.76 5.26
N SER A 19 8.75 -2.72 5.46
CA SER A 19 8.69 -3.92 4.61
C SER A 19 7.32 -4.59 4.66
N PHE A 20 7.01 -5.39 3.63
CA PHE A 20 5.98 -6.42 3.69
C PHE A 20 6.56 -7.69 4.33
N VAL A 21 5.98 -8.13 5.45
CA VAL A 21 6.24 -9.44 6.08
C VAL A 21 5.63 -10.59 5.25
N LYS A 22 4.59 -10.27 4.47
CA LYS A 22 3.99 -11.11 3.42
C LYS A 22 3.64 -10.21 2.23
N ASN A 23 4.05 -10.60 1.03
CA ASN A 23 3.68 -9.96 -0.23
C ASN A 23 2.15 -10.00 -0.47
N PRO A 24 1.57 -8.96 -1.09
CA PRO A 24 0.15 -8.92 -1.41
C PRO A 24 -0.26 -10.06 -2.35
N THR A 25 -1.41 -10.67 -2.07
CA THR A 25 -2.04 -11.73 -2.88
C THR A 25 -3.52 -11.44 -3.12
N ASP A 26 -3.95 -11.43 -4.38
CA ASP A 26 -5.36 -11.27 -4.77
C ASP A 26 -6.22 -12.41 -4.17
N THR A 27 -7.22 -12.05 -3.38
CA THR A 27 -8.13 -12.98 -2.70
C THR A 27 -9.24 -13.51 -3.61
N GLY A 28 -9.42 -12.95 -4.82
CA GLY A 28 -10.59 -13.17 -5.66
C GLY A 28 -11.90 -12.58 -5.10
N HIS A 29 -11.90 -12.08 -3.86
CA HIS A 29 -13.06 -11.44 -3.21
C HIS A 29 -13.19 -9.96 -3.61
N GLY A 30 -12.31 -9.48 -4.50
CA GLY A 30 -12.13 -8.06 -4.82
C GLY A 30 -11.01 -7.39 -4.01
N THR A 31 -10.25 -8.14 -3.20
CA THR A 31 -9.22 -7.61 -2.32
C THR A 31 -7.85 -8.26 -2.58
N VAL A 32 -6.78 -7.62 -2.12
CA VAL A 32 -5.39 -8.07 -2.28
C VAL A 32 -4.69 -7.94 -0.92
N VAL A 33 -4.33 -9.07 -0.30
CA VAL A 33 -4.03 -9.16 1.14
C VAL A 33 -2.54 -9.37 1.45
N MET A 34 -2.01 -8.57 2.38
CA MET A 34 -0.58 -8.49 2.77
C MET A 34 -0.39 -8.30 4.29
N GLN A 35 0.84 -8.57 4.76
CA GLN A 35 1.32 -8.21 6.11
C GLN A 35 2.42 -7.16 5.95
N VAL A 36 2.39 -6.05 6.69
CA VAL A 36 3.39 -4.97 6.58
C VAL A 36 3.89 -4.50 7.95
N LYS A 37 5.12 -3.96 8.01
CA LYS A 37 5.79 -3.48 9.24
C LYS A 37 6.58 -2.18 9.02
N VAL A 38 6.62 -1.36 10.08
CA VAL A 38 7.56 -0.24 10.32
C VAL A 38 8.42 -0.63 11.55
N PRO A 39 9.71 -0.23 11.70
CA PRO A 39 10.56 -0.68 12.81
C PRO A 39 10.83 0.36 13.91
N LYS A 40 11.39 1.53 13.58
CA LYS A 40 11.75 2.58 14.55
C LYS A 40 11.52 3.99 14.00
N GLY A 41 11.66 5.02 14.85
CA GLY A 41 11.71 6.44 14.48
C GLY A 41 10.42 7.05 13.89
N ALA A 42 9.34 6.28 13.75
CA ALA A 42 8.20 6.59 12.90
C ALA A 42 6.87 6.68 13.68
N PRO A 43 6.43 7.87 14.13
CA PRO A 43 5.04 8.16 14.42
C PRO A 43 4.31 8.48 13.11
N CYS A 44 3.31 7.68 12.72
CA CYS A 44 2.64 7.84 11.42
C CYS A 44 1.32 7.07 11.25
N LYS A 45 0.45 7.56 10.35
CA LYS A 45 -0.57 6.76 9.65
C LYS A 45 0.15 6.03 8.53
N ILE A 46 0.28 4.70 8.63
CA ILE A 46 1.23 3.92 7.83
C ILE A 46 0.89 4.01 6.31
N PRO A 47 1.76 4.58 5.45
CA PRO A 47 1.47 4.84 4.03
C PRO A 47 1.21 3.57 3.21
N VAL A 48 0.00 3.44 2.66
CA VAL A 48 -0.40 2.37 1.73
C VAL A 48 -1.03 2.98 0.47
N ILE A 49 -0.27 2.92 -0.62
CA ILE A 49 -0.63 3.44 -1.93
C ILE A 49 -0.61 2.31 -2.97
N VAL A 50 -1.33 2.48 -4.08
CA VAL A 50 -1.40 1.50 -5.17
C VAL A 50 -1.33 2.28 -6.47
N ALA A 51 -0.34 2.03 -7.33
CA ALA A 51 -0.05 2.91 -8.47
C ALA A 51 0.19 2.18 -9.78
N ASP A 52 0.30 2.94 -10.88
CA ASP A 52 0.73 2.46 -12.20
C ASP A 52 2.18 2.86 -12.54
N ASP A 53 2.84 3.60 -11.63
CA ASP A 53 3.99 4.47 -11.92
C ASP A 53 5.21 4.22 -11.01
N LEU A 54 5.19 3.17 -10.17
CA LEU A 54 6.21 2.78 -9.20
C LEU A 54 6.41 3.73 -8.00
N THR A 55 5.80 4.93 -7.98
CA THR A 55 6.03 5.93 -6.92
C THR A 55 4.76 6.51 -6.26
N ALA A 56 3.58 6.22 -6.81
CA ALA A 56 2.27 6.79 -6.47
C ALA A 56 2.13 8.25 -6.89
N ALA A 57 2.58 8.57 -8.12
CA ALA A 57 2.11 9.77 -8.82
C ALA A 57 0.60 9.71 -9.10
N ILE A 58 0.07 8.49 -9.31
CA ILE A 58 -1.35 8.17 -9.45
C ILE A 58 -1.69 7.09 -8.42
N ASN A 59 -2.47 7.40 -7.37
CA ASN A 59 -3.10 6.34 -6.60
C ASN A 59 -4.33 5.78 -7.35
N LYS A 60 -4.24 4.49 -7.69
CA LYS A 60 -5.27 3.66 -8.30
C LYS A 60 -6.32 3.20 -7.26
N GLY A 61 -5.92 2.44 -6.24
CA GLY A 61 -6.81 1.63 -5.39
C GLY A 61 -6.97 2.07 -3.93
N ILE A 62 -7.93 1.41 -3.24
CA ILE A 62 -8.46 1.77 -1.93
C ILE A 62 -8.03 0.76 -0.84
N LEU A 63 -8.02 1.17 0.43
CA LEU A 63 -7.83 0.31 1.60
C LEU A 63 -9.17 -0.34 1.98
N VAL A 64 -9.16 -1.64 2.29
CA VAL A 64 -10.38 -2.39 2.66
C VAL A 64 -10.35 -2.78 4.13
N THR A 65 -9.35 -3.57 4.53
CA THR A 65 -9.04 -3.83 5.94
C THR A 65 -8.23 -2.64 6.52
N VAL A 66 -8.33 -2.44 7.83
CA VAL A 66 -7.88 -1.25 8.58
C VAL A 66 -6.43 -0.82 8.33
N ASN A 67 -6.21 0.50 8.34
CA ASN A 67 -4.91 1.15 8.29
C ASN A 67 -4.65 1.86 9.65
N PRO A 68 -3.69 1.39 10.47
CA PRO A 68 -3.46 1.87 11.84
C PRO A 68 -2.75 3.24 11.92
N ILE A 69 -2.37 3.64 13.14
CA ILE A 69 -1.49 4.76 13.47
C ILE A 69 -0.41 4.21 14.43
N ALA A 70 0.85 4.26 13.99
CA ALA A 70 2.03 3.77 14.69
C ALA A 70 2.37 4.61 15.94
N SER A 71 1.56 4.49 17.00
CA SER A 71 1.90 5.03 18.33
C SER A 71 3.07 4.27 18.99
N THR A 72 3.42 3.09 18.46
CA THR A 72 4.69 2.39 18.64
C THR A 72 5.35 2.30 17.28
N ASN A 73 6.62 2.70 17.17
CA ASN A 73 7.30 2.78 15.88
C ASN A 73 7.53 1.42 15.20
N ASP A 74 7.38 0.32 15.94
CA ASP A 74 7.50 -1.07 15.50
C ASP A 74 6.19 -1.63 14.89
N ASP A 75 5.15 -0.79 14.72
CA ASP A 75 3.82 -1.15 14.20
C ASP A 75 3.86 -2.08 12.98
N GLU A 76 3.17 -3.22 13.09
CA GLU A 76 2.95 -4.18 12.00
C GLU A 76 1.50 -4.68 11.98
N VAL A 77 1.00 -4.97 10.78
CA VAL A 77 -0.44 -5.16 10.55
C VAL A 77 -0.74 -5.96 9.28
N LEU A 78 -1.89 -6.64 9.29
CA LEU A 78 -2.54 -7.32 8.17
C LEU A 78 -3.44 -6.32 7.43
N ILE A 79 -3.22 -6.13 6.12
CA ILE A 79 -3.95 -5.15 5.31
C ILE A 79 -4.47 -5.79 4.02
N GLU A 80 -5.60 -5.27 3.54
CA GLU A 80 -6.14 -5.52 2.21
C GLU A 80 -6.30 -4.22 1.44
N VAL A 81 -6.01 -4.27 0.14
CA VAL A 81 -6.34 -3.21 -0.81
C VAL A 81 -7.28 -3.70 -1.92
N ASN A 82 -8.06 -2.79 -2.49
CA ASN A 82 -8.98 -2.98 -3.60
C ASN A 82 -8.50 -2.11 -4.78
N PRO A 83 -7.80 -2.69 -5.77
CA PRO A 83 -7.59 -2.05 -7.06
C PRO A 83 -8.83 -2.22 -7.97
N PRO A 84 -8.97 -1.40 -9.03
CA PRO A 84 -9.80 -1.73 -10.17
C PRO A 84 -9.14 -2.82 -11.04
N PHE A 85 -9.74 -3.14 -12.19
CA PHE A 85 -9.08 -3.90 -13.25
C PHE A 85 -7.84 -3.17 -13.80
N GLY A 86 -6.96 -3.90 -14.47
CA GLY A 86 -5.68 -3.44 -14.99
C GLY A 86 -4.49 -3.76 -14.07
N ASP A 87 -3.31 -3.30 -14.49
CA ASP A 87 -2.05 -3.41 -13.77
C ASP A 87 -2.04 -2.63 -12.45
N SER A 88 -1.09 -2.94 -11.56
CA SER A 88 -0.85 -2.18 -10.33
C SER A 88 0.53 -2.49 -9.73
N TYR A 89 1.03 -1.51 -8.97
CA TYR A 89 2.16 -1.59 -8.07
C TYR A 89 1.64 -1.23 -6.68
N ILE A 90 1.48 -2.24 -5.81
CA ILE A 90 1.14 -2.04 -4.40
C ILE A 90 2.39 -1.42 -3.75
N ILE A 91 2.30 -0.23 -3.16
CA ILE A 91 3.42 0.52 -2.59
C ILE A 91 3.21 0.70 -1.09
N VAL A 92 4.21 0.27 -0.32
CA VAL A 92 4.24 0.28 1.14
C VAL A 92 5.31 1.27 1.59
N GLY A 93 4.85 2.45 2.04
CA GLY A 93 5.70 3.48 2.63
C GLY A 93 5.99 4.71 1.76
N THR A 94 6.73 5.64 2.38
CA THR A 94 7.25 6.90 1.82
C THR A 94 8.72 7.09 2.22
N GLY A 95 9.38 8.11 1.64
CA GLY A 95 10.84 8.29 1.72
C GLY A 95 11.56 7.43 0.69
N ASP A 96 12.87 7.21 0.88
CA ASP A 96 13.61 6.13 0.22
C ASP A 96 13.12 4.75 0.71
N SER A 97 12.84 4.67 2.02
CA SER A 97 12.43 3.54 2.86
C SER A 97 11.22 2.69 2.45
N ARG A 98 10.65 2.89 1.25
CA ARG A 98 9.41 2.27 0.78
C ARG A 98 9.67 1.07 -0.13
N LEU A 99 8.80 0.06 -0.08
CA LEU A 99 8.85 -1.10 -0.98
C LEU A 99 7.62 -1.14 -1.89
N THR A 100 7.68 -1.97 -2.94
CA THR A 100 6.52 -2.22 -3.80
C THR A 100 6.48 -3.65 -4.36
N TYR A 101 5.29 -4.10 -4.75
CA TYR A 101 5.01 -5.39 -5.36
C TYR A 101 3.99 -5.25 -6.51
N GLN A 102 4.29 -5.84 -7.66
CA GLN A 102 3.49 -5.76 -8.88
C GLN A 102 2.31 -6.75 -8.86
N TRP A 103 1.14 -6.30 -9.32
CA TRP A 103 -0.02 -7.13 -9.66
C TRP A 103 -0.58 -6.74 -11.03
N HIS A 104 -1.34 -7.67 -11.63
CA HIS A 104 -1.94 -7.54 -12.96
C HIS A 104 -3.36 -8.11 -12.90
N LYS A 105 -4.38 -7.25 -12.77
CA LYS A 105 -5.77 -7.70 -12.68
C LYS A 105 -6.45 -7.61 -14.05
N GLU A 106 -7.13 -8.70 -14.41
CA GLU A 106 -7.85 -9.01 -15.64
C GLU A 106 -8.40 -7.78 -16.36
N GLY A 107 -7.79 -7.47 -17.51
CA GLY A 107 -7.76 -6.17 -18.18
C GLY A 107 -6.35 -5.55 -18.25
N SER A 108 -5.26 -6.35 -18.21
CA SER A 108 -3.90 -5.87 -17.89
C SER A 108 -2.87 -5.96 -19.03
N SER A 109 -1.79 -5.19 -18.91
CA SER A 109 -0.70 -4.99 -19.88
C SER A 109 -0.03 -6.28 -20.38
N ILE A 110 0.07 -7.30 -19.52
CA ILE A 110 0.64 -8.60 -19.84
C ILE A 110 -0.26 -9.46 -20.74
N GLY A 111 -1.44 -8.96 -21.13
CA GLY A 111 -2.42 -9.70 -21.93
C GLY A 111 -3.40 -10.51 -21.07
N LYS A 112 -3.46 -10.21 -19.77
CA LYS A 112 -4.32 -10.88 -18.77
C LYS A 112 -4.98 -9.81 -17.91
N MET A 1 -8.14 6.17 -6.44
CA MET A 1 -8.84 7.46 -6.55
C MET A 1 -8.76 8.17 -5.20
N SER A 2 -9.02 9.48 -5.13
CA SER A 2 -8.72 10.36 -3.99
C SER A 2 -9.67 10.27 -2.79
N ALA A 3 -10.76 9.48 -2.87
CA ALA A 3 -11.84 9.40 -1.88
C ALA A 3 -11.49 8.81 -0.49
N LEU A 4 -10.24 8.93 -0.03
CA LEU A 4 -9.79 8.60 1.33
C LEU A 4 -8.78 9.63 1.85
N THR A 5 -8.63 9.67 3.18
CA THR A 5 -7.55 10.38 3.90
C THR A 5 -6.18 9.93 3.41
N LEU A 6 -5.95 8.61 3.43
CA LEU A 6 -4.73 7.93 2.96
C LEU A 6 -4.40 8.18 1.48
N LYS A 7 -5.39 8.55 0.64
CA LYS A 7 -5.24 8.70 -0.81
C LYS A 7 -4.96 10.16 -1.18
N GLY A 8 -3.78 10.63 -0.78
CA GLY A 8 -3.26 11.97 -1.06
C GLY A 8 -3.80 13.08 -0.15
N THR A 9 -5.01 12.91 0.39
CA THR A 9 -5.75 13.90 1.19
C THR A 9 -5.00 14.35 2.45
N SER A 10 -4.67 13.44 3.37
CA SER A 10 -3.95 13.73 4.64
C SER A 10 -3.57 12.47 5.41
N TYR A 11 -2.29 12.33 5.77
CA TYR A 11 -1.80 11.36 6.76
C TYR A 11 -0.45 11.80 7.36
N LYS A 12 -0.18 11.40 8.61
CA LYS A 12 1.16 11.45 9.23
C LYS A 12 1.95 10.24 8.72
N MET A 13 2.96 10.50 7.89
CA MET A 13 3.75 9.51 7.17
C MET A 13 4.83 8.80 8.02
N CYS A 14 5.20 7.57 7.64
CA CYS A 14 6.44 6.92 8.07
C CYS A 14 7.49 7.06 6.96
N THR A 15 8.77 7.20 7.34
CA THR A 15 9.90 7.21 6.38
C THR A 15 11.08 6.36 6.82
N ASP A 16 10.93 5.54 7.86
CA ASP A 16 11.89 4.45 8.14
C ASP A 16 11.66 3.27 7.18
N LYS A 17 12.68 2.39 7.05
CA LYS A 17 12.76 1.29 6.08
C LYS A 17 11.66 0.25 6.30
N MET A 18 10.57 0.35 5.54
CA MET A 18 9.43 -0.57 5.60
C MET A 18 9.72 -1.90 4.91
N SER A 19 8.88 -2.92 5.17
CA SER A 19 8.90 -4.18 4.41
C SER A 19 7.58 -4.94 4.52
N PHE A 20 7.30 -5.77 3.51
CA PHE A 20 6.18 -6.72 3.55
C PHE A 20 6.63 -8.04 4.17
N VAL A 21 5.98 -8.44 5.26
CA VAL A 21 6.03 -9.80 5.81
C VAL A 21 5.30 -10.79 4.88
N LYS A 22 4.36 -10.28 4.07
CA LYS A 22 3.69 -10.97 2.97
C LYS A 22 3.43 -9.98 1.85
N ASN A 23 4.00 -10.24 0.67
CA ASN A 23 3.73 -9.52 -0.58
C ASN A 23 2.22 -9.52 -0.90
N PRO A 24 1.65 -8.43 -1.45
CA PRO A 24 0.25 -8.39 -1.88
C PRO A 24 -0.14 -9.56 -2.80
N THR A 25 -1.30 -10.19 -2.55
CA THR A 25 -1.88 -11.23 -3.40
C THR A 25 -3.37 -10.98 -3.67
N ASP A 26 -3.79 -10.96 -4.95
CA ASP A 26 -5.21 -10.80 -5.32
C ASP A 26 -6.06 -11.94 -4.73
N THR A 27 -7.10 -11.57 -3.98
CA THR A 27 -7.96 -12.50 -3.24
C THR A 27 -9.06 -13.13 -4.10
N GLY A 28 -9.26 -12.66 -5.35
CA GLY A 28 -10.40 -13.02 -6.19
C GLY A 28 -11.70 -12.26 -5.87
N HIS A 29 -11.80 -11.59 -4.71
CA HIS A 29 -12.98 -10.81 -4.30
C HIS A 29 -12.94 -9.35 -4.82
N GLY A 30 -11.95 -9.01 -5.65
CA GLY A 30 -11.65 -7.64 -6.09
C GLY A 30 -10.62 -6.92 -5.21
N THR A 31 -10.05 -7.61 -4.22
CA THR A 31 -9.07 -7.07 -3.27
C THR A 31 -7.71 -7.77 -3.42
N VAL A 32 -6.66 -7.18 -2.83
CA VAL A 32 -5.28 -7.67 -2.86
C VAL A 32 -4.69 -7.58 -1.44
N VAL A 33 -4.36 -8.74 -0.84
CA VAL A 33 -4.03 -8.90 0.59
C VAL A 33 -2.53 -9.02 0.86
N MET A 34 -2.02 -8.24 1.82
CA MET A 34 -0.61 -8.16 2.23
C MET A 34 -0.44 -8.10 3.77
N GLN A 35 0.79 -8.35 4.24
CA GLN A 35 1.23 -8.11 5.62
C GLN A 35 2.44 -7.18 5.57
N VAL A 36 2.41 -6.03 6.26
CA VAL A 36 3.44 -4.99 6.18
C VAL A 36 3.89 -4.52 7.57
N LYS A 37 5.20 -4.31 7.75
CA LYS A 37 5.84 -3.87 9.00
C LYS A 37 6.55 -2.53 8.82
N VAL A 38 6.49 -1.69 9.86
CA VAL A 38 7.30 -0.48 10.07
C VAL A 38 8.25 -0.75 11.27
N PRO A 39 9.47 -0.16 11.36
CA PRO A 39 10.44 -0.54 12.40
C PRO A 39 10.61 0.50 13.54
N LYS A 40 11.29 1.65 13.34
CA LYS A 40 11.52 2.62 14.43
C LYS A 40 11.33 4.09 14.03
N GLY A 41 11.24 4.98 15.03
CA GLY A 41 11.21 6.44 14.89
C GLY A 41 9.92 7.04 14.32
N ALA A 42 8.95 6.22 13.90
CA ALA A 42 7.80 6.62 13.12
C ALA A 42 6.47 6.49 13.90
N PRO A 43 5.93 7.57 14.48
CA PRO A 43 4.48 7.70 14.71
C PRO A 43 3.81 8.00 13.36
N CYS A 44 2.93 7.13 12.88
CA CYS A 44 2.32 7.30 11.55
C CYS A 44 1.02 6.51 11.31
N LYS A 45 0.21 7.03 10.37
CA LYS A 45 -0.85 6.32 9.62
C LYS A 45 -0.17 5.73 8.37
N ILE A 46 0.13 4.43 8.37
CA ILE A 46 1.18 3.88 7.52
C ILE A 46 0.92 4.12 6.01
N PRO A 47 1.85 4.77 5.26
CA PRO A 47 1.64 5.12 3.84
C PRO A 47 1.46 3.89 2.94
N VAL A 48 0.26 3.73 2.38
CA VAL A 48 -0.09 2.70 1.40
C VAL A 48 -0.69 3.35 0.15
N ILE A 49 0.08 3.31 -0.93
CA ILE A 49 -0.20 3.99 -2.19
C ILE A 49 -0.05 2.98 -3.35
N VAL A 50 -0.60 3.34 -4.52
CA VAL A 50 -0.64 2.46 -5.68
C VAL A 50 -0.32 3.31 -6.91
N ALA A 51 0.80 3.05 -7.55
CA ALA A 51 1.33 3.92 -8.61
C ALA A 51 1.67 3.13 -9.87
N ASP A 52 1.98 3.87 -10.95
CA ASP A 52 2.45 3.34 -12.22
C ASP A 52 3.91 3.79 -12.51
N ASP A 53 4.52 4.53 -11.56
CA ASP A 53 5.77 5.27 -11.69
C ASP A 53 6.95 4.66 -10.91
N LEU A 54 6.70 3.61 -10.10
CA LEU A 54 7.62 2.94 -9.17
C LEU A 54 8.23 3.83 -8.05
N THR A 55 7.93 5.13 -8.03
CA THR A 55 8.42 6.09 -7.02
C THR A 55 7.31 6.64 -6.11
N ALA A 56 6.04 6.31 -6.40
CA ALA A 56 4.78 6.86 -5.90
C ALA A 56 4.73 8.38 -5.85
N ALA A 57 4.54 8.98 -7.03
CA ALA A 57 3.85 10.25 -7.22
C ALA A 57 2.35 10.01 -7.50
N ILE A 58 2.03 9.01 -8.32
CA ILE A 58 0.66 8.57 -8.66
C ILE A 58 0.01 7.80 -7.49
N ASN A 59 -1.32 7.89 -7.37
CA ASN A 59 -2.10 7.24 -6.32
C ASN A 59 -3.47 6.74 -6.86
N LYS A 60 -3.53 5.47 -7.26
CA LYS A 60 -4.63 4.90 -8.07
C LYS A 60 -5.63 4.05 -7.27
N GLY A 61 -5.21 3.37 -6.21
CA GLY A 61 -5.99 2.33 -5.51
C GLY A 61 -6.35 2.65 -4.05
N ILE A 62 -7.39 1.95 -3.57
CA ILE A 62 -8.10 2.20 -2.30
C ILE A 62 -7.67 1.18 -1.23
N LEU A 63 -7.61 1.61 0.03
CA LEU A 63 -7.50 0.76 1.23
C LEU A 63 -8.88 0.18 1.55
N VAL A 64 -9.01 -1.15 1.56
CA VAL A 64 -10.29 -1.83 1.79
C VAL A 64 -10.49 -2.16 3.27
N THR A 65 -9.43 -2.63 3.95
CA THR A 65 -9.43 -2.82 5.41
C THR A 65 -8.78 -1.63 6.14
N VAL A 66 -8.79 -1.67 7.47
CA VAL A 66 -8.26 -0.65 8.37
C VAL A 66 -6.74 -0.45 8.23
N ASN A 67 -6.34 0.69 7.65
CA ASN A 67 -4.99 1.23 7.79
C ASN A 67 -4.79 1.73 9.24
N PRO A 68 -3.80 1.22 10.01
CA PRO A 68 -3.63 1.48 11.45
C PRO A 68 -2.90 2.81 11.77
N ILE A 69 -2.61 3.05 13.05
CA ILE A 69 -1.76 4.13 13.57
C ILE A 69 -0.69 3.49 14.47
N ALA A 70 0.58 3.54 14.01
CA ALA A 70 1.74 3.01 14.73
C ALA A 70 2.10 3.89 15.95
N SER A 71 1.36 3.75 17.06
CA SER A 71 1.74 4.40 18.34
C SER A 71 2.99 3.77 18.97
N THR A 72 3.33 2.54 18.58
CA THR A 72 4.62 1.87 18.77
C THR A 72 5.16 1.58 17.38
N ASN A 73 6.32 2.16 17.04
CA ASN A 73 6.83 2.25 15.67
C ASN A 73 7.00 0.89 14.96
N ASP A 74 7.16 -0.20 15.73
CA ASP A 74 7.35 -1.57 15.26
C ASP A 74 6.08 -2.21 14.64
N ASP A 75 4.96 -1.47 14.57
CA ASP A 75 3.66 -1.95 14.09
C ASP A 75 3.75 -2.75 12.77
N GLU A 76 3.05 -3.89 12.74
CA GLU A 76 2.91 -4.75 11.57
C GLU A 76 1.48 -5.26 11.41
N VAL A 77 0.96 -5.15 10.19
CA VAL A 77 -0.48 -5.18 9.93
C VAL A 77 -0.85 -5.90 8.64
N LEU A 78 -1.98 -6.63 8.70
CA LEU A 78 -2.73 -7.19 7.58
C LEU A 78 -3.49 -6.08 6.86
N ILE A 79 -3.21 -5.84 5.58
CA ILE A 79 -3.93 -4.85 4.78
C ILE A 79 -4.45 -5.49 3.47
N GLU A 80 -5.63 -5.06 3.05
CA GLU A 80 -6.22 -5.33 1.74
C GLU A 80 -6.41 -4.02 0.97
N VAL A 81 -6.01 -4.02 -0.30
CA VAL A 81 -6.18 -2.89 -1.24
C VAL A 81 -6.98 -3.28 -2.48
N ASN A 82 -7.54 -2.28 -3.16
CA ASN A 82 -8.30 -2.41 -4.41
C ASN A 82 -7.68 -1.50 -5.49
N PRO A 83 -6.94 -2.05 -6.47
CA PRO A 83 -6.64 -1.40 -7.74
C PRO A 83 -7.76 -1.65 -8.78
N PRO A 84 -7.83 -0.86 -9.87
CA PRO A 84 -8.74 -1.10 -10.98
C PRO A 84 -8.28 -2.26 -11.88
N PHE A 85 -9.09 -2.59 -12.89
CA PHE A 85 -8.74 -3.46 -14.00
C PHE A 85 -7.60 -2.85 -14.84
N GLY A 86 -6.45 -3.53 -14.89
CA GLY A 86 -5.23 -3.07 -15.56
C GLY A 86 -4.00 -3.27 -14.67
N ASP A 87 -3.04 -2.35 -14.76
CA ASP A 87 -1.73 -2.43 -14.09
C ASP A 87 -1.68 -1.64 -12.78
N SER A 88 -0.70 -1.96 -11.92
CA SER A 88 -0.38 -1.22 -10.69
C SER A 88 0.94 -1.71 -10.08
N TYR A 89 1.61 -0.81 -9.36
CA TYR A 89 2.73 -1.12 -8.47
C TYR A 89 2.35 -0.61 -7.07
N ILE A 90 2.04 -1.55 -6.17
CA ILE A 90 1.60 -1.30 -4.80
C ILE A 90 2.81 -0.83 -4.01
N ILE A 91 2.78 0.38 -3.43
CA ILE A 91 3.91 1.00 -2.75
C ILE A 91 3.59 1.23 -1.26
N VAL A 92 4.58 0.86 -0.44
CA VAL A 92 4.52 0.84 1.02
C VAL A 92 5.60 1.76 1.55
N GLY A 93 5.20 2.93 2.06
CA GLY A 93 6.08 3.90 2.71
C GLY A 93 6.32 5.20 1.93
N THR A 94 7.20 6.04 2.49
CA THR A 94 7.66 7.32 1.92
C THR A 94 9.16 7.48 2.14
N GLY A 95 9.80 8.36 1.35
CA GLY A 95 11.25 8.46 1.26
C GLY A 95 11.87 7.31 0.43
N ASP A 96 13.20 7.23 0.41
CA ASP A 96 13.97 6.11 -0.16
C ASP A 96 13.58 4.76 0.45
N SER A 97 13.12 4.79 1.70
CA SER A 97 12.58 3.71 2.53
C SER A 97 11.35 2.97 1.98
N ARG A 98 10.74 3.44 0.88
CA ARG A 98 9.48 2.90 0.34
C ARG A 98 9.71 1.71 -0.60
N LEU A 99 9.05 0.57 -0.34
CA LEU A 99 9.12 -0.60 -1.22
C LEU A 99 7.94 -0.65 -2.20
N THR A 100 8.06 -1.49 -3.24
CA THR A 100 7.01 -1.72 -4.24
C THR A 100 6.80 -3.20 -4.58
N TYR A 101 5.59 -3.58 -5.00
CA TYR A 101 5.26 -4.91 -5.52
C TYR A 101 4.27 -4.82 -6.70
N GLN A 102 4.43 -5.68 -7.72
CA GLN A 102 3.65 -5.61 -8.96
C GLN A 102 2.26 -6.23 -8.82
N TRP A 103 1.24 -5.60 -9.43
CA TRP A 103 -0.05 -6.22 -9.69
C TRP A 103 -0.62 -5.82 -11.05
N HIS A 104 -1.18 -6.82 -11.74
CA HIS A 104 -1.68 -6.74 -13.12
C HIS A 104 -2.94 -7.58 -13.15
N LYS A 105 -4.09 -7.00 -13.55
CA LYS A 105 -5.41 -7.57 -13.24
C LYS A 105 -5.96 -8.50 -14.33
N GLU A 106 -6.87 -9.37 -13.90
CA GLU A 106 -7.78 -10.24 -14.66
C GLU A 106 -8.26 -9.68 -16.01
N GLY A 107 -7.94 -10.39 -17.10
CA GLY A 107 -8.39 -10.11 -18.46
C GLY A 107 -7.93 -8.77 -19.03
N SER A 108 -7.05 -8.08 -18.31
CA SER A 108 -6.78 -6.65 -18.46
C SER A 108 -5.29 -6.38 -18.60
N SER A 109 -4.47 -7.06 -17.78
CA SER A 109 -3.02 -7.12 -17.92
C SER A 109 -2.44 -8.51 -17.60
N ILE A 110 -3.12 -9.35 -16.80
CA ILE A 110 -2.83 -10.80 -16.73
C ILE A 110 -4.12 -11.61 -16.41
N GLY A 111 -4.01 -12.92 -16.12
CA GLY A 111 -5.15 -13.82 -15.96
C GLY A 111 -5.98 -13.65 -14.67
N LYS A 112 -5.42 -13.05 -13.62
CA LYS A 112 -6.05 -12.79 -12.31
C LYS A 112 -5.59 -11.43 -11.80
#